data_3EWV
# 
_entry.id   3EWV 
# 
_audit_conform.dict_name       mmcif_pdbx.dic 
_audit_conform.dict_version    5.380 
_audit_conform.dict_location   http://mmcif.pdb.org/dictionaries/ascii/mmcif_pdbx.dic 
# 
loop_
_database_2.database_id 
_database_2.database_code 
_database_2.pdbx_database_accession 
_database_2.pdbx_DOI 
PDB   3EWV         pdb_00003ewv 10.2210/pdb3ewv/pdb 
RCSB  RCSB049867   ?            ?                   
WWPDB D_1000049867 ?            ?                   
# 
_pdbx_database_related.db_name        PDB 
_pdbx_database_related.db_id          3EWT 
_pdbx_database_related.details        . 
_pdbx_database_related.content_type   unspecified 
# 
_pdbx_database_status.status_code                     REL 
_pdbx_database_status.entry_id                        3EWV 
_pdbx_database_status.recvd_initial_deposition_date   2008-10-16 
_pdbx_database_status.deposit_site                    RCSB 
_pdbx_database_status.process_site                    PDBJ 
_pdbx_database_status.status_code_sf                  REL 
_pdbx_database_status.status_code_mr                  ? 
_pdbx_database_status.SG_entry                        ? 
_pdbx_database_status.status_code_cs                  ? 
_pdbx_database_status.methods_development_category    ? 
_pdbx_database_status.pdb_format_compatible           Y 
_pdbx_database_status.status_code_nmr_data            ? 
# 
loop_
_audit_author.name 
_audit_author.pdbx_ordinal 
'Jiang, T.'   1 
'Cao, P.'     2 
'Gong, Y.'    3 
'Yu, H.J.'    4 
'Gui, W.J.'   5 
'Zhang, W.T.' 6 
# 
_citation.id                        primary 
_citation.title                     'Structural insights into the mechanism of calmodulin binding to death receptors.' 
_citation.journal_abbrev            'Acta Crystallogr.,Sect.D' 
_citation.journal_volume            70 
_citation.page_first                1604 
_citation.page_last                 1613 
_citation.year                      2014 
_citation.journal_id_ASTM           ABCRE6 
_citation.country                   US 
_citation.journal_id_ISSN           1399-0047 
_citation.journal_id_CSD            ? 
_citation.book_publisher            ? 
_citation.pdbx_database_id_PubMed   24914971 
_citation.pdbx_database_id_DOI      10.1107/S1399004714006919 
# 
loop_
_citation_author.citation_id 
_citation_author.name 
_citation_author.ordinal 
_citation_author.identifier_ORCID 
primary 'Cao, P.'   1 ? 
primary 'Zhang, W.' 2 ? 
primary 'Gui, W.'   3 ? 
primary 'Dong, Y.'  4 ? 
primary 'Jiang, T.' 5 ? 
primary 'Gong, Y.'  6 ? 
# 
_cell.entry_id           3EWV 
_cell.length_a           39.936 
_cell.length_b           39.936 
_cell.length_c           181.993 
_cell.angle_alpha        90.00 
_cell.angle_beta         90.00 
_cell.angle_gamma        120.00 
_cell.Z_PDB              6 
_cell.pdbx_unique_axis   ? 
_cell.length_a_esd       ? 
_cell.length_b_esd       ? 
_cell.length_c_esd       ? 
_cell.angle_alpha_esd    ? 
_cell.angle_beta_esd     ? 
_cell.angle_gamma_esd    ? 
# 
_symmetry.entry_id                         3EWV 
_symmetry.space_group_name_H-M             'P 32 2 1' 
_symmetry.pdbx_full_space_group_name_H-M   ? 
_symmetry.cell_setting                     ? 
_symmetry.Int_Tables_number                154 
_symmetry.space_group_name_Hall            ? 
# 
loop_
_entity.id 
_entity.type 
_entity.src_method 
_entity.pdbx_description 
_entity.formula_weight 
_entity.pdbx_number_of_molecules 
_entity.pdbx_ec 
_entity.pdbx_mutation 
_entity.pdbx_fragment 
_entity.details 
1 polymer     man Calmodulin                                             17550.232 1  ? ? ?                        ? 
2 polymer     syn 'Tumor necrosis factor receptor superfamily member 16' 1870.183  1  ? ? 'Helix5 of death domain' ? 
3 non-polymer syn 'CALCIUM ION'                                          40.078    4  ? ? ?                        ? 
4 water       nat water                                                  18.015    90 ? ? ?                        ? 
# 
loop_
_entity_name_com.entity_id 
_entity_name_com.name 
1 CaM 
2 
;Low-affinity nerve growth factor receptor, NGF receptor, Gp80-LNGFR, p75 ICD, Low affinity neurotrophin receptor p75NTR, CD271 antigen
;
# 
loop_
_entity_poly.entity_id 
_entity_poly.type 
_entity_poly.nstd_linkage 
_entity_poly.nstd_monomer 
_entity_poly.pdbx_seq_one_letter_code 
_entity_poly.pdbx_seq_one_letter_code_can 
_entity_poly.pdbx_strand_id 
_entity_poly.pdbx_target_identifier 
1 'polypeptide(L)' no no 
;HHHHHHADQLTEEQIAEFKEAFSLFDKDGDGTITTKELGTVMRSLGQNPTEAELQDMINEVDADGNGTIDFPEFLTMMAR
KMKDTDSEEEIREAFRVFDKDGNGYISAAELRHVMTNLGEKLTDEEVDEMIREADIDGDGQVNYEEFVQMMTAK
;
;HHHHHHADQLTEEQIAEFKEAFSLFDKDGDGTITTKELGTVMRSLGQNPTEAELQDMINEVDADGNGTIDFPEFLTMMAR
KMKDTDSEEEIREAFRVFDKDGNGYISAAELRHVMTNLGEKLTDEEVDEMIREADIDGDGQVNYEEFVQMMTAK
;
A ? 
2 'polypeptide(L)' no no ATLDALLAALRRIQRAD ATLDALLAALRRIQRAD E ? 
# 
loop_
_entity_poly_seq.entity_id 
_entity_poly_seq.num 
_entity_poly_seq.mon_id 
_entity_poly_seq.hetero 
1 1   HIS n 
1 2   HIS n 
1 3   HIS n 
1 4   HIS n 
1 5   HIS n 
1 6   HIS n 
1 7   ALA n 
1 8   ASP n 
1 9   GLN n 
1 10  LEU n 
1 11  THR n 
1 12  GLU n 
1 13  GLU n 
1 14  GLN n 
1 15  ILE n 
1 16  ALA n 
1 17  GLU n 
1 18  PHE n 
1 19  LYS n 
1 20  GLU n 
1 21  ALA n 
1 22  PHE n 
1 23  SER n 
1 24  LEU n 
1 25  PHE n 
1 26  ASP n 
1 27  LYS n 
1 28  ASP n 
1 29  GLY n 
1 30  ASP n 
1 31  GLY n 
1 32  THR n 
1 33  ILE n 
1 34  THR n 
1 35  THR n 
1 36  LYS n 
1 37  GLU n 
1 38  LEU n 
1 39  GLY n 
1 40  THR n 
1 41  VAL n 
1 42  MET n 
1 43  ARG n 
1 44  SER n 
1 45  LEU n 
1 46  GLY n 
1 47  GLN n 
1 48  ASN n 
1 49  PRO n 
1 50  THR n 
1 51  GLU n 
1 52  ALA n 
1 53  GLU n 
1 54  LEU n 
1 55  GLN n 
1 56  ASP n 
1 57  MET n 
1 58  ILE n 
1 59  ASN n 
1 60  GLU n 
1 61  VAL n 
1 62  ASP n 
1 63  ALA n 
1 64  ASP n 
1 65  GLY n 
1 66  ASN n 
1 67  GLY n 
1 68  THR n 
1 69  ILE n 
1 70  ASP n 
1 71  PHE n 
1 72  PRO n 
1 73  GLU n 
1 74  PHE n 
1 75  LEU n 
1 76  THR n 
1 77  MET n 
1 78  MET n 
1 79  ALA n 
1 80  ARG n 
1 81  LYS n 
1 82  MET n 
1 83  LYS n 
1 84  ASP n 
1 85  THR n 
1 86  ASP n 
1 87  SER n 
1 88  GLU n 
1 89  GLU n 
1 90  GLU n 
1 91  ILE n 
1 92  ARG n 
1 93  GLU n 
1 94  ALA n 
1 95  PHE n 
1 96  ARG n 
1 97  VAL n 
1 98  PHE n 
1 99  ASP n 
1 100 LYS n 
1 101 ASP n 
1 102 GLY n 
1 103 ASN n 
1 104 GLY n 
1 105 TYR n 
1 106 ILE n 
1 107 SER n 
1 108 ALA n 
1 109 ALA n 
1 110 GLU n 
1 111 LEU n 
1 112 ARG n 
1 113 HIS n 
1 114 VAL n 
1 115 MET n 
1 116 THR n 
1 117 ASN n 
1 118 LEU n 
1 119 GLY n 
1 120 GLU n 
1 121 LYS n 
1 122 LEU n 
1 123 THR n 
1 124 ASP n 
1 125 GLU n 
1 126 GLU n 
1 127 VAL n 
1 128 ASP n 
1 129 GLU n 
1 130 MET n 
1 131 ILE n 
1 132 ARG n 
1 133 GLU n 
1 134 ALA n 
1 135 ASP n 
1 136 ILE n 
1 137 ASP n 
1 138 GLY n 
1 139 ASP n 
1 140 GLY n 
1 141 GLN n 
1 142 VAL n 
1 143 ASN n 
1 144 TYR n 
1 145 GLU n 
1 146 GLU n 
1 147 PHE n 
1 148 VAL n 
1 149 GLN n 
1 150 MET n 
1 151 MET n 
1 152 THR n 
1 153 ALA n 
1 154 LYS n 
2 1   ALA n 
2 2   THR n 
2 3   LEU n 
2 4   ASP n 
2 5   ALA n 
2 6   LEU n 
2 7   LEU n 
2 8   ALA n 
2 9   ALA n 
2 10  LEU n 
2 11  ARG n 
2 12  ARG n 
2 13  ILE n 
2 14  GLN n 
2 15  ARG n 
2 16  ALA n 
2 17  ASP n 
# 
_entity_src_gen.entity_id                          1 
_entity_src_gen.pdbx_src_id                        1 
_entity_src_gen.pdbx_alt_source_flag               sample 
_entity_src_gen.pdbx_seq_type                      ? 
_entity_src_gen.pdbx_beg_seq_num                   ? 
_entity_src_gen.pdbx_end_seq_num                   ? 
_entity_src_gen.gene_src_common_name               human 
_entity_src_gen.gene_src_genus                     ? 
_entity_src_gen.pdbx_gene_src_gene                 ? 
_entity_src_gen.gene_src_species                   ? 
_entity_src_gen.gene_src_strain                    ? 
_entity_src_gen.gene_src_tissue                    ? 
_entity_src_gen.gene_src_tissue_fraction           ? 
_entity_src_gen.gene_src_details                   ? 
_entity_src_gen.pdbx_gene_src_fragment             ? 
_entity_src_gen.pdbx_gene_src_scientific_name      'Homo sapiens' 
_entity_src_gen.pdbx_gene_src_ncbi_taxonomy_id     9606 
_entity_src_gen.pdbx_gene_src_variant              ? 
_entity_src_gen.pdbx_gene_src_cell_line            ? 
_entity_src_gen.pdbx_gene_src_atcc                 ? 
_entity_src_gen.pdbx_gene_src_organ                ? 
_entity_src_gen.pdbx_gene_src_organelle            ? 
_entity_src_gen.pdbx_gene_src_cell                 ? 
_entity_src_gen.pdbx_gene_src_cellular_location    ? 
_entity_src_gen.host_org_common_name               ? 
_entity_src_gen.pdbx_host_org_scientific_name      'Escherichia coli BL21(DE3)' 
_entity_src_gen.pdbx_host_org_ncbi_taxonomy_id     469008 
_entity_src_gen.host_org_genus                     ? 
_entity_src_gen.pdbx_host_org_gene                 ? 
_entity_src_gen.pdbx_host_org_organ                ? 
_entity_src_gen.host_org_species                   ? 
_entity_src_gen.pdbx_host_org_tissue               ? 
_entity_src_gen.pdbx_host_org_tissue_fraction      ? 
_entity_src_gen.pdbx_host_org_strain               'BL21(DE3)' 
_entity_src_gen.pdbx_host_org_variant              ? 
_entity_src_gen.pdbx_host_org_cell_line            ? 
_entity_src_gen.pdbx_host_org_atcc                 ? 
_entity_src_gen.pdbx_host_org_culture_collection   ? 
_entity_src_gen.pdbx_host_org_cell                 ? 
_entity_src_gen.pdbx_host_org_organelle            ? 
_entity_src_gen.pdbx_host_org_cellular_location    ? 
_entity_src_gen.pdbx_host_org_vector_type          PLASMID 
_entity_src_gen.pdbx_host_org_vector               ? 
_entity_src_gen.host_org_details                   ? 
_entity_src_gen.expression_system_id               ? 
_entity_src_gen.plasmid_name                       pET28a 
_entity_src_gen.plasmid_details                    ? 
_entity_src_gen.pdbx_description                   ? 
# 
_pdbx_entity_src_syn.entity_id              2 
_pdbx_entity_src_syn.pdbx_src_id            1 
_pdbx_entity_src_syn.pdbx_alt_source_flag   sample 
_pdbx_entity_src_syn.pdbx_beg_seq_num       ? 
_pdbx_entity_src_syn.pdbx_end_seq_num       ? 
_pdbx_entity_src_syn.organism_scientific    'synthetic construct' 
_pdbx_entity_src_syn.organism_common_name   ? 
_pdbx_entity_src_syn.ncbi_taxonomy_id       32630 
_pdbx_entity_src_syn.details                'This sequence occurs naturally in humans.' 
# 
loop_
_struct_ref.id 
_struct_ref.db_name 
_struct_ref.db_code 
_struct_ref.pdbx_db_accession 
_struct_ref.entity_id 
_struct_ref.pdbx_seq_one_letter_code 
_struct_ref.pdbx_align_begin 
_struct_ref.pdbx_db_isoform 
1 UNP CALM_HUMAN  P62158 1 
;ADQLTEEQIAEFKEAFSLFDKDGDGTITTKELGTVMRSLGQNPTEAELQDMINEVDADGNGTIDFPEFLTMMARKMKDTD
SEEEIREAFRVFDKDGNGYISAAELRHVMTNLGEKLTDEEVDEMIREADIDGDGQVNYEEFVQMMTAK
;
2   ? 
2 UNP TNR16_HUMAN P08138 2 ATLDALLAALRRIQRAD 396 ? 
# 
loop_
_struct_ref_seq.align_id 
_struct_ref_seq.ref_id 
_struct_ref_seq.pdbx_PDB_id_code 
_struct_ref_seq.pdbx_strand_id 
_struct_ref_seq.seq_align_beg 
_struct_ref_seq.pdbx_seq_align_beg_ins_code 
_struct_ref_seq.seq_align_end 
_struct_ref_seq.pdbx_seq_align_end_ins_code 
_struct_ref_seq.pdbx_db_accession 
_struct_ref_seq.db_align_beg 
_struct_ref_seq.pdbx_db_align_beg_ins_code 
_struct_ref_seq.db_align_end 
_struct_ref_seq.pdbx_db_align_end_ins_code 
_struct_ref_seq.pdbx_auth_seq_align_beg 
_struct_ref_seq.pdbx_auth_seq_align_end 
1 1 3EWV A 7 ? 154 ? P62158 2   ? 149 ? 1   148 
2 2 3EWV E 1 ? 17  ? P08138 396 ? 412 ? 394 410 
# 
loop_
_struct_ref_seq_dif.align_id 
_struct_ref_seq_dif.pdbx_pdb_id_code 
_struct_ref_seq_dif.mon_id 
_struct_ref_seq_dif.pdbx_pdb_strand_id 
_struct_ref_seq_dif.seq_num 
_struct_ref_seq_dif.pdbx_pdb_ins_code 
_struct_ref_seq_dif.pdbx_seq_db_name 
_struct_ref_seq_dif.pdbx_seq_db_accession_code 
_struct_ref_seq_dif.db_mon_id 
_struct_ref_seq_dif.pdbx_seq_db_seq_num 
_struct_ref_seq_dif.details 
_struct_ref_seq_dif.pdbx_auth_seq_num 
_struct_ref_seq_dif.pdbx_ordinal 
1 3EWV HIS A 1 ? UNP P62158 ? ? 'expression tag' -5 1 
1 3EWV HIS A 2 ? UNP P62158 ? ? 'expression tag' -4 2 
1 3EWV HIS A 3 ? UNP P62158 ? ? 'expression tag' -3 3 
1 3EWV HIS A 4 ? UNP P62158 ? ? 'expression tag' -2 4 
1 3EWV HIS A 5 ? UNP P62158 ? ? 'expression tag' -1 5 
1 3EWV HIS A 6 ? UNP P62158 ? ? 'expression tag' 0  6 
# 
loop_
_chem_comp.id 
_chem_comp.type 
_chem_comp.mon_nstd_flag 
_chem_comp.name 
_chem_comp.pdbx_synonyms 
_chem_comp.formula 
_chem_comp.formula_weight 
ALA 'L-peptide linking' y ALANINE         ? 'C3 H7 N O2'     89.093  
ARG 'L-peptide linking' y ARGININE        ? 'C6 H15 N4 O2 1' 175.209 
ASN 'L-peptide linking' y ASPARAGINE      ? 'C4 H8 N2 O3'    132.118 
ASP 'L-peptide linking' y 'ASPARTIC ACID' ? 'C4 H7 N O4'     133.103 
CA  non-polymer         . 'CALCIUM ION'   ? 'Ca 2'           40.078  
GLN 'L-peptide linking' y GLUTAMINE       ? 'C5 H10 N2 O3'   146.144 
GLU 'L-peptide linking' y 'GLUTAMIC ACID' ? 'C5 H9 N O4'     147.129 
GLY 'peptide linking'   y GLYCINE         ? 'C2 H5 N O2'     75.067  
HIS 'L-peptide linking' y HISTIDINE       ? 'C6 H10 N3 O2 1' 156.162 
HOH non-polymer         . WATER           ? 'H2 O'           18.015  
ILE 'L-peptide linking' y ISOLEUCINE      ? 'C6 H13 N O2'    131.173 
LEU 'L-peptide linking' y LEUCINE         ? 'C6 H13 N O2'    131.173 
LYS 'L-peptide linking' y LYSINE          ? 'C6 H15 N2 O2 1' 147.195 
MET 'L-peptide linking' y METHIONINE      ? 'C5 H11 N O2 S'  149.211 
PHE 'L-peptide linking' y PHENYLALANINE   ? 'C9 H11 N O2'    165.189 
PRO 'L-peptide linking' y PROLINE         ? 'C5 H9 N O2'     115.130 
SER 'L-peptide linking' y SERINE          ? 'C3 H7 N O3'     105.093 
THR 'L-peptide linking' y THREONINE       ? 'C4 H9 N O3'     119.119 
TYR 'L-peptide linking' y TYROSINE        ? 'C9 H11 N O3'    181.189 
VAL 'L-peptide linking' y VALINE          ? 'C5 H11 N O2'    117.146 
# 
_exptl.entry_id          3EWV 
_exptl.method            'X-RAY DIFFRACTION' 
_exptl.crystals_number   1 
# 
_exptl_crystal.id                    1 
_exptl_crystal.density_meas          ? 
_exptl_crystal.density_Matthews      2.16 
_exptl_crystal.density_percent_sol   42.98 
_exptl_crystal.description           ? 
_exptl_crystal.F_000                 ? 
_exptl_crystal.preparation           ? 
# 
_exptl_crystal_grow.crystal_id      1 
_exptl_crystal_grow.method          EVAPORATION 
_exptl_crystal_grow.temp            293 
_exptl_crystal_grow.temp_details    ? 
_exptl_crystal_grow.pH              4.7 
_exptl_crystal_grow.pdbx_details    
'27%(w/v) PEG8000, 0.1M Magnesium acetate, 0.1M Ammonium acetate, 0.05M Sodium cacodylate, pH 4.7, EVAPORATION, temperature 293K' 
_exptl_crystal_grow.pdbx_pH_range   . 
# 
_diffrn.id                     1 
_diffrn.ambient_temp           113 
_diffrn.ambient_temp_details   ? 
_diffrn.crystal_id             1 
# 
_diffrn_detector.diffrn_id              1 
_diffrn_detector.detector               'IMAGE PLATE' 
_diffrn_detector.type                   'RIGAKU RAXIS IV++' 
_diffrn_detector.pdbx_collection_date   2006-07-02 
_diffrn_detector.details                ? 
# 
_diffrn_radiation.diffrn_id                        1 
_diffrn_radiation.wavelength_id                    1 
_diffrn_radiation.pdbx_monochromatic_or_laue_m_l   M 
_diffrn_radiation.monochromator                    GRAPHITE 
_diffrn_radiation.pdbx_diffrn_protocol             'SINGLE WAVELENGTH' 
_diffrn_radiation.pdbx_scattering_type             x-ray 
# 
_diffrn_radiation_wavelength.id           1 
_diffrn_radiation_wavelength.wavelength   1.5418 
_diffrn_radiation_wavelength.wt           1.0 
# 
_diffrn_source.diffrn_id                   1 
_diffrn_source.source                      'ROTATING ANODE' 
_diffrn_source.type                        RIGAKU 
_diffrn_source.pdbx_synchrotron_site       ? 
_diffrn_source.pdbx_synchrotron_beamline   ? 
_diffrn_source.pdbx_wavelength             ? 
_diffrn_source.pdbx_wavelength_list        1.5418 
# 
_reflns.entry_id                     3EWV 
_reflns.observed_criterion_sigma_I   2.0 
_reflns.observed_criterion_sigma_F   2.0 
_reflns.d_resolution_low             15 
_reflns.d_resolution_high            2.6 
_reflns.number_obs                   5611 
_reflns.number_all                   ? 
_reflns.percent_possible_obs         99.0 
_reflns.pdbx_Rmerge_I_obs            0.052 
_reflns.pdbx_Rsym_value              0.049 
_reflns.pdbx_netI_over_sigmaI        ? 
_reflns.B_iso_Wilson_estimate        ? 
_reflns.pdbx_redundancy              7.3 
_reflns.R_free_details               ? 
_reflns.limit_h_max                  ? 
_reflns.limit_h_min                  ? 
_reflns.limit_k_max                  ? 
_reflns.limit_k_min                  ? 
_reflns.limit_l_max                  ? 
_reflns.limit_l_min                  ? 
_reflns.observed_criterion_F_max     ? 
_reflns.observed_criterion_F_min     ? 
_reflns.pdbx_chi_squared             ? 
_reflns.pdbx_scaling_rejects         ? 
_reflns.pdbx_ordinal                 1 
_reflns.pdbx_diffrn_id               1 
# 
_reflns_shell.d_res_high             2.60 
_reflns_shell.d_res_low              2.66 
_reflns_shell.percent_possible_all   98.4 
_reflns_shell.Rmerge_I_obs           ? 
_reflns_shell.pdbx_Rsym_value        ? 
_reflns_shell.meanI_over_sigI_obs    ? 
_reflns_shell.pdbx_redundancy        ? 
_reflns_shell.percent_possible_obs   ? 
_reflns_shell.number_unique_all      ? 
_reflns_shell.number_measured_all    ? 
_reflns_shell.number_measured_obs    ? 
_reflns_shell.number_unique_obs      ? 
_reflns_shell.pdbx_chi_squared       ? 
_reflns_shell.pdbx_ordinal           1 
_reflns_shell.pdbx_diffrn_id         1 
# 
_refine.entry_id                                 3EWV 
_refine.ls_number_reflns_obs                     5369 
_refine.ls_number_reflns_all                     5369 
_refine.pdbx_ls_sigma_I                          0.0 
_refine.pdbx_ls_sigma_F                          0.0 
_refine.pdbx_data_cutoff_high_absF               ? 
_refine.pdbx_data_cutoff_low_absF                ? 
_refine.pdbx_data_cutoff_high_rms_absF           ? 
_refine.ls_d_res_low                             14.92 
_refine.ls_d_res_high                            2.60 
_refine.ls_percent_reflns_obs                    99.22 
_refine.ls_R_factor_obs                          0.23061 
_refine.ls_R_factor_all                          0.23061 
_refine.ls_R_factor_R_work                       0.22813 
_refine.ls_R_factor_R_free                       0.28177 
_refine.ls_R_factor_R_free_error                 ? 
_refine.ls_R_factor_R_free_error_details         ? 
_refine.ls_percent_reflns_R_free                 4.5 
_refine.ls_number_reflns_R_free                  254 
_refine.ls_number_parameters                     ? 
_refine.ls_number_restraints                     ? 
_refine.occupancy_min                            ? 
_refine.occupancy_max                            ? 
_refine.correlation_coeff_Fo_to_Fc               0.879 
_refine.correlation_coeff_Fo_to_Fc_free          0.846 
_refine.B_iso_mean                               26.353 
_refine.aniso_B[1][1]                            0.71 
_refine.aniso_B[2][2]                            0.71 
_refine.aniso_B[3][3]                            -1.06 
_refine.aniso_B[1][2]                            0.35 
_refine.aniso_B[1][3]                            0.00 
_refine.aniso_B[2][3]                            0.00 
_refine.solvent_model_details                    MASK 
_refine.solvent_model_param_ksol                 ? 
_refine.solvent_model_param_bsol                 ? 
_refine.pdbx_solvent_vdw_probe_radii             1.20 
_refine.pdbx_solvent_ion_probe_radii             0.80 
_refine.pdbx_solvent_shrinkage_radii             0.80 
_refine.pdbx_ls_cross_valid_method               THROUGHOUT 
_refine.details                                  'HYDROGENS HAVE BEEN ADDED IN THE RIDING POSITIONS' 
_refine.pdbx_starting_model                      1LIN 
_refine.pdbx_method_to_determine_struct          'MOLECULAR REPLACEMENT' 
_refine.pdbx_isotropic_thermal_model             ? 
_refine.pdbx_stereochemistry_target_values       'MAXIMUM LIKELIHOOD' 
_refine.pdbx_stereochem_target_val_spec_case     ? 
_refine.pdbx_R_Free_selection_details            RANDOM 
_refine.pdbx_overall_ESU_R                       ? 
_refine.pdbx_overall_ESU_R_Free                  0.374 
_refine.overall_SU_ML                            ? 
_refine.overall_SU_B                             ? 
_refine.ls_redundancy_reflns_obs                 ? 
_refine.B_iso_min                                ? 
_refine.B_iso_max                                ? 
_refine.overall_SU_R_Cruickshank_DPI             ? 
_refine.overall_SU_R_free                        ? 
_refine.ls_wR_factor_R_free                      ? 
_refine.ls_wR_factor_R_work                      ? 
_refine.overall_FOM_free_R_set                   ? 
_refine.overall_FOM_work_R_set                   ? 
_refine.pdbx_refine_id                           'X-RAY DIFFRACTION' 
_refine.pdbx_overall_phase_error                 ? 
_refine.pdbx_diffrn_id                           1 
_refine.pdbx_TLS_residual_ADP_flag               ? 
_refine.pdbx_overall_SU_R_free_Cruickshank_DPI   ? 
_refine.pdbx_overall_SU_R_Blow_DPI               ? 
_refine.pdbx_overall_SU_R_free_Blow_DPI          ? 
# 
_refine_hist.pdbx_refine_id                   'X-RAY DIFFRACTION' 
_refine_hist.cycle_id                         LAST 
_refine_hist.pdbx_number_atoms_protein        1252 
_refine_hist.pdbx_number_atoms_nucleic_acid   0 
_refine_hist.pdbx_number_atoms_ligand         4 
_refine_hist.number_atoms_solvent             90 
_refine_hist.number_atoms_total               1346 
_refine_hist.d_res_high                       2.60 
_refine_hist.d_res_low                        14.92 
# 
loop_
_refine_ls_restr.type 
_refine_ls_restr.dev_ideal 
_refine_ls_restr.dev_ideal_target 
_refine_ls_restr.weight 
_refine_ls_restr.number 
_refine_ls_restr.pdbx_refine_id 
_refine_ls_restr.pdbx_restraint_function 
r_bond_refined_d             0.014  0.022  ? 1263 'X-RAY DIFFRACTION' ? 
r_bond_other_d               ?      ?      ? ?    'X-RAY DIFFRACTION' ? 
r_angle_refined_deg          1.617  1.971  ? 1701 'X-RAY DIFFRACTION' ? 
r_angle_other_deg            ?      ?      ? ?    'X-RAY DIFFRACTION' ? 
r_dihedral_angle_1_deg       6.456  5.000  ? 160  'X-RAY DIFFRACTION' ? 
r_dihedral_angle_2_deg       38.563 26.029 ? 68   'X-RAY DIFFRACTION' ? 
r_dihedral_angle_3_deg       22.030 15.000 ? 227  'X-RAY DIFFRACTION' ? 
r_dihedral_angle_4_deg       20.855 15.000 ? 8    'X-RAY DIFFRACTION' ? 
r_chiral_restr               0.103  0.200  ? 193  'X-RAY DIFFRACTION' ? 
r_gen_planes_refined         0.005  0.020  ? 970  'X-RAY DIFFRACTION' ? 
r_gen_planes_other           ?      ?      ? ?    'X-RAY DIFFRACTION' ? 
r_nbd_refined                0.257  0.200  ? 705  'X-RAY DIFFRACTION' ? 
r_nbd_other                  ?      ?      ? ?    'X-RAY DIFFRACTION' ? 
r_nbtor_refined              0.307  0.200  ? 873  'X-RAY DIFFRACTION' ? 
r_nbtor_other                ?      ?      ? ?    'X-RAY DIFFRACTION' ? 
r_xyhbond_nbd_refined        0.182  0.200  ? 94   'X-RAY DIFFRACTION' ? 
r_xyhbond_nbd_other          ?      ?      ? ?    'X-RAY DIFFRACTION' ? 
r_metal_ion_refined          0.162  0.200  ? 17   'X-RAY DIFFRACTION' ? 
r_metal_ion_other            ?      ?      ? ?    'X-RAY DIFFRACTION' ? 
r_symmetry_vdw_refined       0.291  0.200  ? 46   'X-RAY DIFFRACTION' ? 
r_symmetry_vdw_other         ?      ?      ? ?    'X-RAY DIFFRACTION' ? 
r_symmetry_hbond_refined     0.153  0.200  ? 12   'X-RAY DIFFRACTION' ? 
r_symmetry_hbond_other       ?      ?      ? ?    'X-RAY DIFFRACTION' ? 
r_symmetry_metal_ion_refined ?      ?      ? ?    'X-RAY DIFFRACTION' ? 
r_symmetry_metal_ion_other   ?      ?      ? ?    'X-RAY DIFFRACTION' ? 
r_mcbond_it                  0.731  1.500  ? 801  'X-RAY DIFFRACTION' ? 
r_mcbond_other               ?      ?      ? ?    'X-RAY DIFFRACTION' ? 
r_mcangle_it                 1.349  2.000  ? 1275 'X-RAY DIFFRACTION' ? 
r_scbond_it                  1.669  3.000  ? 462  'X-RAY DIFFRACTION' ? 
r_scangle_it                 2.846  4.500  ? 426  'X-RAY DIFFRACTION' ? 
r_rigid_bond_restr           ?      ?      ? ?    'X-RAY DIFFRACTION' ? 
r_sphericity_free            ?      ?      ? ?    'X-RAY DIFFRACTION' ? 
r_sphericity_bonded          ?      ?      ? ?    'X-RAY DIFFRACTION' ? 
# 
_refine_ls_shell.pdbx_total_number_of_bins_used   20 
_refine_ls_shell.d_res_high                       2.601 
_refine_ls_shell.d_res_low                        2.667 
_refine_ls_shell.number_reflns_R_work             420 
_refine_ls_shell.R_factor_R_work                  0.245 
_refine_ls_shell.percent_reflns_obs               99.77 
_refine_ls_shell.R_factor_R_free                  0.368 
_refine_ls_shell.R_factor_R_free_error            ? 
_refine_ls_shell.percent_reflns_R_free            ? 
_refine_ls_shell.number_reflns_R_free             17 
_refine_ls_shell.number_reflns_all                ? 
_refine_ls_shell.R_factor_all                     ? 
_refine_ls_shell.number_reflns_obs                ? 
_refine_ls_shell.redundancy_reflns_obs            ? 
_refine_ls_shell.pdbx_refine_id                   'X-RAY DIFFRACTION' 
# 
_struct.entry_id                  3EWV 
_struct.title                     'Crystal Structure of calmodulin complexed with a peptide' 
_struct.pdbx_model_details        ? 
_struct.pdbx_CASP_flag            ? 
_struct.pdbx_model_type_details   ? 
# 
_struct_keywords.entry_id        3EWV 
_struct_keywords.pdbx_keywords   'CALCIUM BINDING PROTEIN' 
_struct_keywords.text            'Calmodulin-peptide complex, p75, death domain, CALCIUM BINDING PROTEIN' 
# 
loop_
_struct_asym.id 
_struct_asym.pdbx_blank_PDB_chainid_flag 
_struct_asym.pdbx_modified 
_struct_asym.entity_id 
_struct_asym.details 
A N N 1 ? 
B N N 2 ? 
C N N 3 ? 
D N N 3 ? 
E N N 3 ? 
F N N 3 ? 
G N N 4 ? 
H N N 4 ? 
# 
loop_
_struct_conf.conf_type_id 
_struct_conf.id 
_struct_conf.pdbx_PDB_helix_id 
_struct_conf.beg_label_comp_id 
_struct_conf.beg_label_asym_id 
_struct_conf.beg_label_seq_id 
_struct_conf.pdbx_beg_PDB_ins_code 
_struct_conf.end_label_comp_id 
_struct_conf.end_label_asym_id 
_struct_conf.end_label_seq_id 
_struct_conf.pdbx_end_PDB_ins_code 
_struct_conf.beg_auth_comp_id 
_struct_conf.beg_auth_asym_id 
_struct_conf.beg_auth_seq_id 
_struct_conf.end_auth_comp_id 
_struct_conf.end_auth_asym_id 
_struct_conf.end_auth_seq_id 
_struct_conf.pdbx_PDB_helix_class 
_struct_conf.details 
_struct_conf.pdbx_PDB_helix_length 
HELX_P HELX_P1 1 THR A 11  ? ASP A 26  ? THR A 5   ASP A 20  1 ? 16 
HELX_P HELX_P2 2 THR A 34  ? LEU A 45  ? THR A 28  LEU A 39  1 ? 12 
HELX_P HELX_P3 3 THR A 50  ? GLU A 60  ? THR A 44  GLU A 54  1 ? 11 
HELX_P HELX_P4 4 PHE A 71  ? ARG A 80  ? PHE A 65  ARG A 74  1 ? 10 
HELX_P HELX_P5 5 SER A 87  ? ASP A 99  ? SER A 81  ASP A 93  1 ? 13 
HELX_P HELX_P6 6 SER A 107 ? LEU A 118 ? SER A 101 LEU A 112 1 ? 12 
HELX_P HELX_P7 7 THR A 123 ? ASP A 135 ? THR A 117 ASP A 129 1 ? 13 
HELX_P HELX_P8 8 ASN A 143 ? ALA A 153 ? ASN A 137 ALA A 147 1 ? 11 
HELX_P HELX_P9 9 THR B 2   ? ARG B 15  ? THR E 395 ARG E 408 1 ? 14 
# 
_struct_conf_type.id          HELX_P 
_struct_conf_type.criteria    ? 
_struct_conf_type.reference   ? 
# 
loop_
_struct_conn.id 
_struct_conn.conn_type_id 
_struct_conn.pdbx_leaving_atom_flag 
_struct_conn.pdbx_PDB_id 
_struct_conn.ptnr1_label_asym_id 
_struct_conn.ptnr1_label_comp_id 
_struct_conn.ptnr1_label_seq_id 
_struct_conn.ptnr1_label_atom_id 
_struct_conn.pdbx_ptnr1_label_alt_id 
_struct_conn.pdbx_ptnr1_PDB_ins_code 
_struct_conn.pdbx_ptnr1_standard_comp_id 
_struct_conn.ptnr1_symmetry 
_struct_conn.ptnr2_label_asym_id 
_struct_conn.ptnr2_label_comp_id 
_struct_conn.ptnr2_label_seq_id 
_struct_conn.ptnr2_label_atom_id 
_struct_conn.pdbx_ptnr2_label_alt_id 
_struct_conn.pdbx_ptnr2_PDB_ins_code 
_struct_conn.ptnr1_auth_asym_id 
_struct_conn.ptnr1_auth_comp_id 
_struct_conn.ptnr1_auth_seq_id 
_struct_conn.ptnr2_auth_asym_id 
_struct_conn.ptnr2_auth_comp_id 
_struct_conn.ptnr2_auth_seq_id 
_struct_conn.ptnr2_symmetry 
_struct_conn.pdbx_ptnr3_label_atom_id 
_struct_conn.pdbx_ptnr3_label_seq_id 
_struct_conn.pdbx_ptnr3_label_comp_id 
_struct_conn.pdbx_ptnr3_label_asym_id 
_struct_conn.pdbx_ptnr3_label_alt_id 
_struct_conn.pdbx_ptnr3_PDB_ins_code 
_struct_conn.details 
_struct_conn.pdbx_dist_value 
_struct_conn.pdbx_value_order 
_struct_conn.pdbx_role 
metalc1  metalc ? ? A ASP 26  OD1 ? ? ? 1_555 C CA  . CA ? ? A ASP 20  A CA  149 1_555 ? ? ? ? ? ? ? 2.042 ? ? 
metalc2  metalc ? ? A ASP 28  OD1 ? ? ? 1_555 C CA  . CA ? ? A ASP 22  A CA  149 1_555 ? ? ? ? ? ? ? 2.289 ? ? 
metalc3  metalc ? ? A ASP 30  OD1 ? ? ? 1_555 C CA  . CA ? ? A ASP 24  A CA  149 1_555 ? ? ? ? ? ? ? 2.226 ? ? 
metalc4  metalc ? ? A THR 32  O   ? ? ? 1_555 C CA  . CA ? ? A THR 26  A CA  149 1_555 ? ? ? ? ? ? ? 2.371 ? ? 
metalc5  metalc ? ? A GLU 37  OE1 ? ? ? 1_555 C CA  . CA ? ? A GLU 31  A CA  149 1_555 ? ? ? ? ? ? ? 2.635 ? ? 
metalc6  metalc ? ? A GLU 37  OE2 ? ? ? 1_555 C CA  . CA ? ? A GLU 31  A CA  149 1_555 ? ? ? ? ? ? ? 2.599 ? ? 
metalc7  metalc ? ? A ASP 62  OD1 ? ? ? 1_555 D CA  . CA ? ? A ASP 56  A CA  150 1_555 ? ? ? ? ? ? ? 2.291 ? ? 
metalc8  metalc ? ? A ASP 64  OD1 ? ? ? 1_555 D CA  . CA ? ? A ASP 58  A CA  150 1_555 ? ? ? ? ? ? ? 2.423 ? ? 
metalc9  metalc ? ? A ASN 66  OD1 ? ? ? 1_555 D CA  . CA ? ? A ASN 60  A CA  150 1_555 ? ? ? ? ? ? ? 2.554 ? ? 
metalc10 metalc ? ? A THR 68  O   ? ? ? 1_555 D CA  . CA ? ? A THR 62  A CA  150 1_555 ? ? ? ? ? ? ? 2.572 ? ? 
metalc11 metalc ? ? A GLU 73  OE1 ? ? ? 1_555 D CA  . CA ? ? A GLU 67  A CA  150 1_555 ? ? ? ? ? ? ? 2.394 ? ? 
metalc12 metalc ? ? A GLU 73  OE2 ? ? ? 1_555 D CA  . CA ? ? A GLU 67  A CA  150 1_555 ? ? ? ? ? ? ? 2.424 ? ? 
metalc13 metalc ? ? A ASP 99  OD1 ? ? ? 1_555 E CA  . CA ? ? A ASP 93  A CA  151 1_555 ? ? ? ? ? ? ? 2.323 ? ? 
metalc14 metalc ? ? A ASP 101 OD1 ? ? ? 1_555 E CA  . CA ? ? A ASP 95  A CA  151 1_555 ? ? ? ? ? ? ? 2.396 ? ? 
metalc15 metalc ? ? A ASN 103 OD1 ? ? ? 1_555 E CA  . CA ? ? A ASN 97  A CA  151 1_555 ? ? ? ? ? ? ? 2.313 ? ? 
metalc16 metalc ? ? A TYR 105 O   ? ? ? 1_555 E CA  . CA ? ? A TYR 99  A CA  151 1_555 ? ? ? ? ? ? ? 2.141 ? ? 
metalc17 metalc ? ? A GLU 110 OE1 ? ? ? 1_555 E CA  . CA ? ? A GLU 104 A CA  151 1_555 ? ? ? ? ? ? ? 2.226 ? ? 
metalc18 metalc ? ? A GLU 110 OE2 ? ? ? 1_555 E CA  . CA ? ? A GLU 104 A CA  151 1_555 ? ? ? ? ? ? ? 2.518 ? ? 
metalc19 metalc ? ? A ASP 135 OD1 ? ? ? 1_555 F CA  . CA ? ? A ASP 129 A CA  152 1_555 ? ? ? ? ? ? ? 2.266 ? ? 
metalc20 metalc ? ? A ASP 137 OD1 ? ? ? 1_555 F CA  . CA ? ? A ASP 131 A CA  152 1_555 ? ? ? ? ? ? ? 2.446 ? ? 
metalc21 metalc ? ? A ASP 139 OD1 ? ? ? 1_555 F CA  . CA ? ? A ASP 133 A CA  152 1_555 ? ? ? ? ? ? ? 2.299 ? ? 
metalc22 metalc ? ? A GLN 141 O   ? ? ? 1_555 F CA  . CA ? ? A GLN 135 A CA  152 1_555 ? ? ? ? ? ? ? 2.274 ? ? 
metalc23 metalc ? ? A GLU 146 OE1 ? ? ? 1_555 F CA  . CA ? ? A GLU 140 A CA  152 1_555 ? ? ? ? ? ? ? 2.424 ? ? 
metalc24 metalc ? ? A GLU 146 OE2 ? ? ? 1_555 F CA  . CA ? ? A GLU 140 A CA  152 1_555 ? ? ? ? ? ? ? 2.358 ? ? 
metalc25 metalc ? ? C CA  .   CA  ? ? ? 1_555 G HOH . O  ? ? A CA  149 A HOH 153 1_555 ? ? ? ? ? ? ? 2.517 ? ? 
metalc26 metalc ? ? D CA  .   CA  ? ? ? 1_555 G HOH . O  ? ? A CA  150 A HOH 154 1_555 ? ? ? ? ? ? ? 2.540 ? ? 
metalc27 metalc ? ? E CA  .   CA  ? ? ? 1_555 G HOH . O  ? ? A CA  151 A HOH 155 1_555 ? ? ? ? ? ? ? 2.256 ? ? 
metalc28 metalc ? ? F CA  .   CA  ? ? ? 1_555 G HOH . O  ? ? A CA  152 A HOH 156 1_555 ? ? ? ? ? ? ? 2.359 ? ? 
# 
_struct_conn_type.id          metalc 
_struct_conn_type.criteria    ? 
_struct_conn_type.reference   ? 
# 
_struct_sheet.id               A 
_struct_sheet.type             ? 
_struct_sheet.number_strands   2 
_struct_sheet.details          ? 
# 
_struct_sheet_order.sheet_id     A 
_struct_sheet_order.range_id_1   1 
_struct_sheet_order.range_id_2   2 
_struct_sheet_order.offset       ? 
_struct_sheet_order.sense        anti-parallel 
# 
loop_
_struct_sheet_range.sheet_id 
_struct_sheet_range.id 
_struct_sheet_range.beg_label_comp_id 
_struct_sheet_range.beg_label_asym_id 
_struct_sheet_range.beg_label_seq_id 
_struct_sheet_range.pdbx_beg_PDB_ins_code 
_struct_sheet_range.end_label_comp_id 
_struct_sheet_range.end_label_asym_id 
_struct_sheet_range.end_label_seq_id 
_struct_sheet_range.pdbx_end_PDB_ins_code 
_struct_sheet_range.beg_auth_comp_id 
_struct_sheet_range.beg_auth_asym_id 
_struct_sheet_range.beg_auth_seq_id 
_struct_sheet_range.end_auth_comp_id 
_struct_sheet_range.end_auth_asym_id 
_struct_sheet_range.end_auth_seq_id 
A 1 THR A 32 ? ILE A 33 ? THR A 26 ILE A 27 
A 2 ILE A 69 ? ASP A 70 ? ILE A 63 ASP A 64 
# 
_pdbx_struct_sheet_hbond.sheet_id                A 
_pdbx_struct_sheet_hbond.range_id_1              1 
_pdbx_struct_sheet_hbond.range_id_2              2 
_pdbx_struct_sheet_hbond.range_1_label_atom_id   N 
_pdbx_struct_sheet_hbond.range_1_label_comp_id   ILE 
_pdbx_struct_sheet_hbond.range_1_label_asym_id   A 
_pdbx_struct_sheet_hbond.range_1_label_seq_id    33 
_pdbx_struct_sheet_hbond.range_1_PDB_ins_code    ? 
_pdbx_struct_sheet_hbond.range_1_auth_atom_id    N 
_pdbx_struct_sheet_hbond.range_1_auth_comp_id    ILE 
_pdbx_struct_sheet_hbond.range_1_auth_asym_id    A 
_pdbx_struct_sheet_hbond.range_1_auth_seq_id     27 
_pdbx_struct_sheet_hbond.range_2_label_atom_id   O 
_pdbx_struct_sheet_hbond.range_2_label_comp_id   ILE 
_pdbx_struct_sheet_hbond.range_2_label_asym_id   A 
_pdbx_struct_sheet_hbond.range_2_label_seq_id    69 
_pdbx_struct_sheet_hbond.range_2_PDB_ins_code    ? 
_pdbx_struct_sheet_hbond.range_2_auth_atom_id    O 
_pdbx_struct_sheet_hbond.range_2_auth_comp_id    ILE 
_pdbx_struct_sheet_hbond.range_2_auth_asym_id    A 
_pdbx_struct_sheet_hbond.range_2_auth_seq_id     63 
# 
loop_
_struct_site.id 
_struct_site.pdbx_evidence_code 
_struct_site.pdbx_auth_asym_id 
_struct_site.pdbx_auth_comp_id 
_struct_site.pdbx_auth_seq_id 
_struct_site.pdbx_auth_ins_code 
_struct_site.pdbx_num_residues 
_struct_site.details 
AC1 Software A CA 149 ? 6 'BINDING SITE FOR RESIDUE CA A 149' 
AC2 Software A CA 150 ? 6 'BINDING SITE FOR RESIDUE CA A 150' 
AC3 Software A CA 151 ? 6 'BINDING SITE FOR RESIDUE CA A 151' 
AC4 Software A CA 152 ? 6 'BINDING SITE FOR RESIDUE CA A 152' 
# 
loop_
_struct_site_gen.id 
_struct_site_gen.site_id 
_struct_site_gen.pdbx_num_res 
_struct_site_gen.label_comp_id 
_struct_site_gen.label_asym_id 
_struct_site_gen.label_seq_id 
_struct_site_gen.pdbx_auth_ins_code 
_struct_site_gen.auth_comp_id 
_struct_site_gen.auth_asym_id 
_struct_site_gen.auth_seq_id 
_struct_site_gen.label_atom_id 
_struct_site_gen.label_alt_id 
_struct_site_gen.symmetry 
_struct_site_gen.details 
1  AC1 6 ASP A 26  ? ASP A 20  . ? 1_555 ? 
2  AC1 6 ASP A 28  ? ASP A 22  . ? 1_555 ? 
3  AC1 6 ASP A 30  ? ASP A 24  . ? 1_555 ? 
4  AC1 6 THR A 32  ? THR A 26  . ? 1_555 ? 
5  AC1 6 GLU A 37  ? GLU A 31  . ? 1_555 ? 
6  AC1 6 HOH G .   ? HOH A 153 . ? 1_555 ? 
7  AC2 6 ASP A 62  ? ASP A 56  . ? 1_555 ? 
8  AC2 6 ASP A 64  ? ASP A 58  . ? 1_555 ? 
9  AC2 6 ASN A 66  ? ASN A 60  . ? 1_555 ? 
10 AC2 6 THR A 68  ? THR A 62  . ? 1_555 ? 
11 AC2 6 GLU A 73  ? GLU A 67  . ? 1_555 ? 
12 AC2 6 HOH G .   ? HOH A 154 . ? 1_555 ? 
13 AC3 6 ASP A 99  ? ASP A 93  . ? 1_555 ? 
14 AC3 6 ASP A 101 ? ASP A 95  . ? 1_555 ? 
15 AC3 6 ASN A 103 ? ASN A 97  . ? 1_555 ? 
16 AC3 6 TYR A 105 ? TYR A 99  . ? 1_555 ? 
17 AC3 6 GLU A 110 ? GLU A 104 . ? 1_555 ? 
18 AC3 6 HOH G .   ? HOH A 155 . ? 1_555 ? 
19 AC4 6 ASP A 135 ? ASP A 129 . ? 1_555 ? 
20 AC4 6 ASP A 137 ? ASP A 131 . ? 1_555 ? 
21 AC4 6 ASP A 139 ? ASP A 133 . ? 1_555 ? 
22 AC4 6 GLN A 141 ? GLN A 135 . ? 1_555 ? 
23 AC4 6 GLU A 146 ? GLU A 140 . ? 1_555 ? 
24 AC4 6 HOH G .   ? HOH A 156 . ? 1_555 ? 
# 
_atom_sites.entry_id                    3EWV 
_atom_sites.fract_transf_matrix[1][1]   -0.01110810 
_atom_sites.fract_transf_matrix[1][2]   0.01322664 
_atom_sites.fract_transf_matrix[1][3]   -0.02318777 
_atom_sites.fract_transf_matrix[2][1]   -0.00147360 
_atom_sites.fract_transf_matrix[2][2]   -0.01395427 
_atom_sites.fract_transf_matrix[2][3]   -0.02528095 
_atom_sites.fract_transf_matrix[3][1]   -0.00499365 
_atom_sites.fract_transf_matrix[3][2]   -0.00187203 
_atom_sites.fract_transf_matrix[3][3]   0.00132438 
_atom_sites.fract_transf_vector[1]      -0.499106 
_atom_sites.fract_transf_vector[2]      -0.371291 
_atom_sites.fract_transf_vector[3]      -0.094468 
# 
loop_
_atom_type.symbol 
C  
CA 
N  
O  
S  
# 
loop_
_atom_site.group_PDB 
_atom_site.id 
_atom_site.type_symbol 
_atom_site.label_atom_id 
_atom_site.label_alt_id 
_atom_site.label_comp_id 
_atom_site.label_asym_id 
_atom_site.label_entity_id 
_atom_site.label_seq_id 
_atom_site.pdbx_PDB_ins_code 
_atom_site.Cartn_x 
_atom_site.Cartn_y 
_atom_site.Cartn_z 
_atom_site.occupancy 
_atom_site.B_iso_or_equiv 
_atom_site.pdbx_formal_charge 
_atom_site.auth_seq_id 
_atom_site.auth_comp_id 
_atom_site.auth_asym_id 
_atom_site.auth_atom_id 
_atom_site.pdbx_PDB_model_num 
ATOM   1    N  N   . LEU A 1 10  ? -14.659 -11.767 5.979   1.00 46.15 ? 4   LEU A N   1 
ATOM   2    C  CA  . LEU A 1 10  ? -13.514 -10.958 6.480   1.00 46.30 ? 4   LEU A CA  1 
ATOM   3    C  C   . LEU A 1 10  ? -13.751 -10.522 7.925   1.00 45.97 ? 4   LEU A C   1 
ATOM   4    O  O   . LEU A 1 10  ? -14.830 -10.037 8.272   1.00 45.87 ? 4   LEU A O   1 
ATOM   5    C  CB  . LEU A 1 10  ? -13.235 -9.759  5.541   1.00 46.54 ? 4   LEU A CB  1 
ATOM   6    C  CG  . LEU A 1 10  ? -13.796 -8.329  5.697   1.00 47.00 ? 4   LEU A CG  1 
ATOM   7    C  CD1 . LEU A 1 10  ? -12.994 -7.382  4.816   1.00 47.70 ? 4   LEU A CD1 1 
ATOM   8    C  CD2 . LEU A 1 10  ? -15.262 -8.226  5.339   1.00 47.32 ? 4   LEU A CD2 1 
ATOM   9    N  N   . THR A 1 11  ? -12.736 -10.709 8.765   1.00 45.90 ? 5   THR A N   1 
ATOM   10   C  CA  . THR A 1 11  ? -12.844 -10.419 10.199  1.00 45.95 ? 5   THR A CA  1 
ATOM   11   C  C   . THR A 1 11  ? -13.132 -8.947  10.462  1.00 45.84 ? 5   THR A C   1 
ATOM   12   O  O   . THR A 1 11  ? -12.891 -8.114  9.602   1.00 45.96 ? 5   THR A O   1 
ATOM   13   C  CB  . THR A 1 11  ? -11.548 -10.779 10.942  1.00 46.01 ? 5   THR A CB  1 
ATOM   14   O  OG1 . THR A 1 11  ? -10.426 -10.335 10.168  1.00 45.53 ? 5   THR A OG1 1 
ATOM   15   C  CG2 . THR A 1 11  ? -11.456 -12.291 11.176  1.00 46.33 ? 5   THR A CG2 1 
ATOM   16   N  N   . GLU A 1 12  ? -13.631 -8.635  11.657  1.00 45.63 ? 6   GLU A N   1 
ATOM   17   C  CA  . GLU A 1 12  ? -13.870 -7.247  12.061  1.00 45.56 ? 6   GLU A CA  1 
ATOM   18   C  C   . GLU A 1 12  ? -12.561 -6.461  12.319  1.00 44.79 ? 6   GLU A C   1 
ATOM   19   O  O   . GLU A 1 12  ? -12.550 -5.212  12.284  1.00 44.79 ? 6   GLU A O   1 
ATOM   20   C  CB  . GLU A 1 12  ? -14.778 -7.186  13.294  1.00 45.72 ? 6   GLU A CB  1 
ATOM   21   C  CG  . GLU A 1 12  ? -16.038 -8.068  13.222  1.00 46.94 ? 6   GLU A CG  1 
ATOM   22   C  CD  . GLU A 1 12  ? -16.781 -8.186  14.561  1.00 47.14 ? 6   GLU A CD  1 
ATOM   23   O  OE1 . GLU A 1 12  ? -16.621 -7.300  15.443  1.00 48.67 ? 6   GLU A OE1 1 
ATOM   24   O  OE2 . GLU A 1 12  ? -17.533 -9.176  14.730  1.00 49.16 ? 6   GLU A OE2 1 
ATOM   25   N  N   . GLU A 1 13  ? -11.467 -7.176  12.587  1.00 43.34 ? 7   GLU A N   1 
ATOM   26   C  CA  . GLU A 1 13  ? -10.187 -6.509  12.775  1.00 42.40 ? 7   GLU A CA  1 
ATOM   27   C  C   . GLU A 1 13  ? -9.486  -6.369  11.407  1.00 40.63 ? 7   GLU A C   1 
ATOM   28   O  O   . GLU A 1 13  ? -8.597  -5.538  11.229  1.00 40.22 ? 7   GLU A O   1 
ATOM   29   C  CB  . GLU A 1 13  ? -9.314  -7.227  13.834  1.00 42.51 ? 7   GLU A CB  1 
ATOM   30   C  CG  . GLU A 1 13  ? -8.320  -6.299  14.627  1.00 43.52 ? 7   GLU A CG  1 
ATOM   31   C  CD  . GLU A 1 13  ? -7.213  -7.082  15.401  1.00 44.21 ? 7   GLU A CD  1 
ATOM   32   O  OE1 . GLU A 1 13  ? -6.021  -7.056  14.976  1.00 45.63 ? 7   GLU A OE1 1 
ATOM   33   O  OE2 . GLU A 1 13  ? -7.536  -7.725  16.438  1.00 45.66 ? 7   GLU A OE2 1 
ATOM   34   N  N   . GLN A 1 14  ? -9.911  -7.165  10.432  1.00 38.63 ? 8   GLN A N   1 
ATOM   35   C  CA  . GLN A 1 14  ? -9.382  -7.039  9.080   1.00 36.67 ? 8   GLN A CA  1 
ATOM   36   C  C   . GLN A 1 14  ? -9.953  -5.774  8.450   1.00 35.21 ? 8   GLN A C   1 
ATOM   37   O  O   . GLN A 1 14  ? -9.345  -5.174  7.561   1.00 34.37 ? 8   GLN A O   1 
ATOM   38   C  CB  . GLN A 1 14  ? -9.766  -8.256  8.254   1.00 36.62 ? 8   GLN A CB  1 
ATOM   39   C  CG  . GLN A 1 14  ? -8.985  -8.396  6.966   1.00 38.55 ? 8   GLN A CG  1 
ATOM   40   C  CD  . GLN A 1 14  ? -9.372  -9.630  6.167   1.00 40.32 ? 8   GLN A CD  1 
ATOM   41   O  OE1 . GLN A 1 14  ? -9.503  -10.730 6.712   1.00 41.14 ? 8   GLN A OE1 1 
ATOM   42   N  NE2 . GLN A 1 14  ? -9.556  -9.450  4.864   1.00 40.31 ? 8   GLN A NE2 1 
ATOM   43   N  N   . ILE A 1 15  ? -11.132 -5.389  8.941   1.00 33.35 ? 9   ILE A N   1 
ATOM   44   C  CA  . ILE A 1 15  ? -11.862 -4.223  8.477   1.00 31.85 ? 9   ILE A CA  1 
ATOM   45   C  C   . ILE A 1 15  ? -11.201 -2.981  9.057   1.00 31.34 ? 9   ILE A C   1 
ATOM   46   O  O   . ILE A 1 15  ? -10.897 -2.030  8.330   1.00 31.56 ? 9   ILE A O   1 
ATOM   47   C  CB  . ILE A 1 15  ? -13.343 -4.280  8.932   1.00 31.72 ? 9   ILE A CB  1 
ATOM   48   C  CG1 . ILE A 1 15  ? -14.086 -5.416  8.226   1.00 31.02 ? 9   ILE A CG1 1 
ATOM   49   C  CG2 . ILE A 1 15  ? -14.022 -2.966  8.653   1.00 31.73 ? 9   ILE A CG2 1 
ATOM   50   C  CD1 . ILE A 1 15  ? -15.454 -5.729  8.805   1.00 31.16 ? 9   ILE A CD1 1 
ATOM   51   N  N   . ALA A 1 16  ? -10.982 -3.009  10.371  1.00 30.38 ? 10  ALA A N   1 
ATOM   52   C  CA  . ALA A 1 16  ? -10.269 -1.969  11.087  1.00 29.57 ? 10  ALA A CA  1 
ATOM   53   C  C   . ALA A 1 16  ? -8.890  -1.701  10.466  1.00 29.10 ? 10  ALA A C   1 
ATOM   54   O  O   . ALA A 1 16  ? -8.483  -0.553  10.352  1.00 28.95 ? 10  ALA A O   1 
ATOM   55   C  CB  . ALA A 1 16  ? -10.144 -2.335  12.551  1.00 29.00 ? 10  ALA A CB  1 
ATOM   56   N  N   . GLU A 1 17  ? -8.195  -2.761  10.051  1.00 28.66 ? 11  GLU A N   1 
ATOM   57   C  CA  . GLU A 1 17  ? -6.868  -2.651  9.442   1.00 28.37 ? 11  GLU A CA  1 
ATOM   58   C  C   . GLU A 1 17  ? -6.963  -1.949  8.100   1.00 27.96 ? 11  GLU A C   1 
ATOM   59   O  O   . GLU A 1 17  ? -6.123  -1.116  7.744   1.00 27.85 ? 11  GLU A O   1 
ATOM   60   C  CB  . GLU A 1 17  ? -6.232  -4.041  9.280   1.00 28.38 ? 11  GLU A CB  1 
ATOM   61   C  CG  . GLU A 1 17  ? -5.512  -4.560  10.567  1.00 29.11 ? 11  GLU A CG  1 
ATOM   62   C  CD  . GLU A 1 17  ? -5.328  -6.098  10.631  1.00 29.56 ? 11  GLU A CD  1 
ATOM   63   O  OE1 . GLU A 1 17  ? -5.775  -6.839  9.718   1.00 31.38 ? 11  GLU A OE1 1 
ATOM   64   O  OE2 . GLU A 1 17  ? -4.730  -6.575  11.622  1.00 32.00 ? 11  GLU A OE2 1 
ATOM   65   N  N   . PHE A 1 18  ? -8.019  -2.281  7.366   1.00 27.25 ? 12  PHE A N   1 
ATOM   66   C  CA  . PHE A 1 18  ? -8.280  -1.675  6.074   1.00 25.83 ? 12  PHE A CA  1 
ATOM   67   C  C   . PHE A 1 18  ? -8.810  -0.270  6.245   1.00 25.01 ? 12  PHE A C   1 
ATOM   68   O  O   . PHE A 1 18  ? -8.773  0.515   5.297   1.00 24.83 ? 12  PHE A O   1 
ATOM   69   C  CB  . PHE A 1 18  ? -9.252  -2.533  5.251   1.00 25.76 ? 12  PHE A CB  1 
ATOM   70   C  CG  . PHE A 1 18  ? -8.714  -3.897  4.898   1.00 25.38 ? 12  PHE A CG  1 
ATOM   71   C  CD1 . PHE A 1 18  ? -7.356  -4.202  5.068   1.00 24.41 ? 12  PHE A CD1 1 
ATOM   72   C  CD2 . PHE A 1 18  ? -9.568  -4.883  4.396   1.00 25.44 ? 12  PHE A CD2 1 
ATOM   73   C  CE1 . PHE A 1 18  ? -6.851  -5.456  4.750   1.00 24.48 ? 12  PHE A CE1 1 
ATOM   74   C  CE2 . PHE A 1 18  ? -9.068  -6.151  4.048   1.00 26.93 ? 12  PHE A CE2 1 
ATOM   75   C  CZ  . PHE A 1 18  ? -7.694  -6.435  4.224   1.00 25.14 ? 12  PHE A CZ  1 
ATOM   76   N  N   . LYS A 1 19  ? -9.301  0.043   7.443   1.00 24.11 ? 13  LYS A N   1 
ATOM   77   C  CA  . LYS A 1 19  ? -9.729  1.415   7.756   1.00 23.94 ? 13  LYS A CA  1 
ATOM   78   C  C   . LYS A 1 19  ? -8.493  2.270   7.957   1.00 23.44 ? 13  LYS A C   1 
ATOM   79   O  O   . LYS A 1 19  ? -8.429  3.387   7.473   1.00 23.80 ? 13  LYS A O   1 
ATOM   80   C  CB  . LYS A 1 19  ? -10.662 1.460   8.985   1.00 23.59 ? 13  LYS A CB  1 
ATOM   81   C  CG  . LYS A 1 19  ? -11.233 2.843   9.369   1.00 23.72 ? 13  LYS A CG  1 
ATOM   82   C  CD  . LYS A 1 19  ? -12.150 3.423   8.279   1.00 24.57 ? 13  LYS A CD  1 
ATOM   83   C  CE  . LYS A 1 19  ? -13.236 4.366   8.828   1.00 24.73 ? 13  LYS A CE  1 
ATOM   84   N  NZ  . LYS A 1 19  ? -12.726 5.465   9.720   1.00 26.17 ? 13  LYS A NZ  1 
ATOM   85   N  N   . GLU A 1 20  ? -7.511  1.705   8.657   1.00 23.13 ? 14  GLU A N   1 
ATOM   86   C  CA  . GLU A 1 20  ? -6.217  2.329   8.921   1.00 22.35 ? 14  GLU A CA  1 
ATOM   87   C  C   . GLU A 1 20  ? -5.411  2.670   7.643   1.00 21.05 ? 14  GLU A C   1 
ATOM   88   O  O   . GLU A 1 20  ? -4.708  3.684   7.586   1.00 20.75 ? 14  GLU A O   1 
ATOM   89   C  CB  . GLU A 1 20  ? -5.414  1.413   9.845   1.00 22.48 ? 14  GLU A CB  1 
ATOM   90   C  CG  . GLU A 1 20  ? -5.340  1.875   11.292  1.00 25.87 ? 14  GLU A CG  1 
ATOM   91   C  CD  . GLU A 1 20  ? -4.056  2.671   11.583  1.00 32.36 ? 14  GLU A CD  1 
ATOM   92   O  OE1 . GLU A 1 20  ? -3.409  3.164   10.616  1.00 35.72 ? 14  GLU A OE1 1 
ATOM   93   O  OE2 . GLU A 1 20  ? -3.682  2.819   12.778  1.00 34.26 ? 14  GLU A OE2 1 
ATOM   94   N  N   . ALA A 1 21  ? -5.517  1.814   6.633   1.00 19.41 ? 15  ALA A N   1 
ATOM   95   C  CA  . ALA A 1 21  ? -4.907  2.053   5.335   1.00 17.96 ? 15  ALA A CA  1 
ATOM   96   C  C   . ALA A 1 21  ? -5.607  3.188   4.627   1.00 17.40 ? 15  ALA A C   1 
ATOM   97   O  O   . ALA A 1 21  ? -4.993  3.952   3.894   1.00 17.49 ? 15  ALA A O   1 
ATOM   98   C  CB  . ALA A 1 21  ? -4.981  0.807   4.488   1.00 17.35 ? 15  ALA A CB  1 
ATOM   99   N  N   . PHE A 1 22  ? -6.912  3.281   4.841   1.00 16.97 ? 16  PHE A N   1 
ATOM   100  C  CA  . PHE A 1 22  ? -7.727  4.275   4.165   1.00 16.33 ? 16  PHE A CA  1 
ATOM   101  C  C   . PHE A 1 22  ? -7.320  5.650   4.657   1.00 16.15 ? 16  PHE A C   1 
ATOM   102  O  O   . PHE A 1 22  ? -7.246  6.604   3.889   1.00 15.82 ? 16  PHE A O   1 
ATOM   103  C  CB  . PHE A 1 22  ? -9.222  4.032   4.442   1.00 16.20 ? 16  PHE A CB  1 
ATOM   104  C  CG  . PHE A 1 22  ? -10.123 4.977   3.699   1.00 15.74 ? 16  PHE A CG  1 
ATOM   105  C  CD1 . PHE A 1 22  ? -10.403 4.771   2.355   1.00 14.92 ? 16  PHE A CD1 1 
ATOM   106  C  CD2 . PHE A 1 22  ? -10.649 6.094   4.325   1.00 16.13 ? 16  PHE A CD2 1 
ATOM   107  C  CE1 . PHE A 1 22  ? -11.208 5.632   1.656   1.00 14.89 ? 16  PHE A CE1 1 
ATOM   108  C  CE2 . PHE A 1 22  ? -11.455 6.975   3.633   1.00 16.70 ? 16  PHE A CE2 1 
ATOM   109  C  CZ  . PHE A 1 22  ? -11.744 6.738   2.290   1.00 16.43 ? 16  PHE A CZ  1 
ATOM   110  N  N   . SER A 1 23  ? -7.073  5.730   5.954   1.00 16.17 ? 17  SER A N   1 
ATOM   111  C  CA  . SER A 1 23  ? -6.551  6.916   6.598   1.00 17.15 ? 17  SER A CA  1 
ATOM   112  C  C   . SER A 1 23  ? -5.260  7.458   5.970   1.00 17.35 ? 17  SER A C   1 
ATOM   113  O  O   . SER A 1 23  ? -5.015  8.665   6.038   1.00 17.73 ? 17  SER A O   1 
ATOM   114  C  CB  . SER A 1 23  ? -6.295  6.629   8.084   1.00 17.11 ? 17  SER A CB  1 
ATOM   115  O  OG  . SER A 1 23  ? -7.474  6.767   8.849   1.00 18.83 ? 17  SER A OG  1 
ATOM   116  N  N   . LEU A 1 24  ? -4.439  6.579   5.399   1.00 17.56 ? 18  LEU A N   1 
ATOM   117  C  CA  . LEU A 1 24  ? -3.196  6.977   4.751   1.00 18.59 ? 18  LEU A CA  1 
ATOM   118  C  C   . LEU A 1 24  ? -3.435  7.758   3.464   1.00 18.63 ? 18  LEU A C   1 
ATOM   119  O  O   . LEU A 1 24  ? -2.709  8.704   3.170   1.00 18.56 ? 18  LEU A O   1 
ATOM   120  C  CB  . LEU A 1 24  ? -2.319  5.761   4.454   1.00 19.33 ? 18  LEU A CB  1 
ATOM   121  C  CG  . LEU A 1 24  ? -1.372  5.304   5.568   1.00 22.02 ? 18  LEU A CG  1 
ATOM   122  C  CD1 . LEU A 1 24  ? -0.352  6.426   5.816   1.00 25.59 ? 18  LEU A CD1 1 
ATOM   123  C  CD2 . LEU A 1 24  ? -2.087  4.904   6.883   1.00 23.91 ? 18  LEU A CD2 1 
ATOM   124  N  N   . PHE A 1 25  ? -4.459  7.358   2.721   1.00 18.63 ? 19  PHE A N   1 
ATOM   125  C  CA  . PHE A 1 25  ? -4.849  8.006   1.476   1.00 19.26 ? 19  PHE A CA  1 
ATOM   126  C  C   . PHE A 1 25  ? -5.720  9.224   1.700   1.00 20.09 ? 19  PHE A C   1 
ATOM   127  O  O   . PHE A 1 25  ? -5.415  10.291  1.156   1.00 20.41 ? 19  PHE A O   1 
ATOM   128  C  CB  . PHE A 1 25  ? -5.547  6.990   0.566   1.00 18.95 ? 19  PHE A CB  1 
ATOM   129  C  CG  . PHE A 1 25  ? -4.646  5.862   0.168   1.00 18.84 ? 19  PHE A CG  1 
ATOM   130  C  CD1 . PHE A 1 25  ? -4.572  4.716   0.953   1.00 17.32 ? 19  PHE A CD1 1 
ATOM   131  C  CD2 . PHE A 1 25  ? -3.788  5.999   -0.937  1.00 16.33 ? 19  PHE A CD2 1 
ATOM   132  C  CE1 . PHE A 1 25  ? -3.700  3.695   0.621   1.00 19.41 ? 19  PHE A CE1 1 
ATOM   133  C  CE2 . PHE A 1 25  ? -2.921  5.003   -1.275  1.00 16.24 ? 19  PHE A CE2 1 
ATOM   134  C  CZ  . PHE A 1 25  ? -2.870  3.836   -0.499  1.00 18.70 ? 19  PHE A CZ  1 
ATOM   135  N  N   . ASP A 1 26  ? -6.791  9.063   2.501   1.00 21.04 ? 20  ASP A N   1 
ATOM   136  C  CA  . ASP A 1 26  ? -7.722  10.153  2.866   1.00 21.50 ? 20  ASP A CA  1 
ATOM   137  C  C   . ASP A 1 26  ? -7.090  11.138  3.860   1.00 21.43 ? 20  ASP A C   1 
ATOM   138  O  O   . ASP A 1 26  ? -7.504  11.261  5.019   1.00 21.21 ? 20  ASP A O   1 
ATOM   139  C  CB  . ASP A 1 26  ? -9.053  9.588   3.384   1.00 21.95 ? 20  ASP A CB  1 
ATOM   140  C  CG  . ASP A 1 26  ? -10.079 10.683  3.734   1.00 23.61 ? 20  ASP A CG  1 
ATOM   141  O  OD1 . ASP A 1 26  ? -9.975  11.798  3.182   1.00 24.75 ? 20  ASP A OD1 1 
ATOM   142  O  OD2 . ASP A 1 26  ? -10.993 10.431  4.566   1.00 25.05 ? 20  ASP A OD2 1 
ATOM   143  N  N   . LYS A 1 27  ? -6.082  11.835  3.349   1.00 21.82 ? 21  LYS A N   1 
ATOM   144  C  CA  . LYS A 1 27  ? -5.291  12.851  4.039   1.00 22.05 ? 21  LYS A CA  1 
ATOM   145  C  C   . LYS A 1 27  ? -6.113  13.806  4.905   1.00 22.24 ? 21  LYS A C   1 
ATOM   146  O  O   . LYS A 1 27  ? -5.816  13.968  6.100   1.00 22.12 ? 21  LYS A O   1 
ATOM   147  C  CB  . LYS A 1 27  ? -4.542  13.661  2.976   1.00 21.96 ? 21  LYS A CB  1 
ATOM   148  C  CG  . LYS A 1 27  ? -3.092  13.238  2.608   1.00 23.01 ? 21  LYS A CG  1 
ATOM   149  C  CD  . LYS A 1 27  ? -2.628  11.824  2.989   1.00 20.75 ? 21  LYS A CD  1 
ATOM   150  C  CE  . LYS A 1 27  ? -1.107  11.868  3.123   1.00 20.99 ? 21  LYS A CE  1 
ATOM   151  N  NZ  . LYS A 1 27  ? -0.409  10.556  3.177   1.00 19.58 ? 21  LYS A NZ  1 
ATOM   152  N  N   . ASP A 1 28  ? -7.130  14.442  4.294   1.00 22.42 ? 22  ASP A N   1 
ATOM   153  C  CA  . ASP A 1 28  ? -7.974  15.443  4.981   1.00 22.48 ? 22  ASP A CA  1 
ATOM   154  C  C   . ASP A 1 28  ? -9.101  14.797  5.786   1.00 22.52 ? 22  ASP A C   1 
ATOM   155  O  O   . ASP A 1 28  ? -10.028 15.485  6.217   1.00 22.46 ? 22  ASP A O   1 
ATOM   156  C  CB  . ASP A 1 28  ? -8.567  16.473  3.991   1.00 22.09 ? 22  ASP A CB  1 
ATOM   157  C  CG  . ASP A 1 28  ? -9.703  15.899  3.159   1.00 22.27 ? 22  ASP A CG  1 
ATOM   158  O  OD1 . ASP A 1 28  ? -9.916  14.660  3.215   1.00 21.72 ? 22  ASP A OD1 1 
ATOM   159  O  OD2 . ASP A 1 28  ? -10.372 16.673  2.438   1.00 19.74 ? 22  ASP A OD2 1 
ATOM   160  N  N   . GLY A 1 29  ? -9.032  13.475  5.950   1.00 22.67 ? 23  GLY A N   1 
ATOM   161  C  CA  . GLY A 1 29  ? -10.019 12.718  6.716   1.00 22.76 ? 23  GLY A CA  1 
ATOM   162  C  C   . GLY A 1 29  ? -11.499 12.952  6.404   1.00 22.83 ? 23  GLY A C   1 
ATOM   163  O  O   . GLY A 1 29  ? -12.325 12.786  7.290   1.00 22.65 ? 23  GLY A O   1 
ATOM   164  N  N   . ASP A 1 30  ? -11.838 13.314  5.153   1.00 22.76 ? 24  ASP A N   1 
ATOM   165  C  CA  . ASP A 1 30  ? -13.225 13.679  4.803   1.00 22.00 ? 24  ASP A CA  1 
ATOM   166  C  C   . ASP A 1 30  ? -14.054 12.472  4.365   1.00 21.71 ? 24  ASP A C   1 
ATOM   167  O  O   . ASP A 1 30  ? -15.212 12.620  3.965   1.00 21.66 ? 24  ASP A O   1 
ATOM   168  C  CB  . ASP A 1 30  ? -13.274 14.797  3.755   1.00 21.68 ? 24  ASP A CB  1 
ATOM   169  C  CG  . ASP A 1 30  ? -12.848 14.333  2.372   1.00 22.96 ? 24  ASP A CG  1 
ATOM   170  O  OD1 . ASP A 1 30  ? -12.051 13.383  2.266   1.00 22.84 ? 24  ASP A OD1 1 
ATOM   171  O  OD2 . ASP A 1 30  ? -13.309 14.922  1.374   1.00 24.10 ? 24  ASP A OD2 1 
ATOM   172  N  N   . GLY A 1 31  ? -13.456 11.285  4.445   1.00 21.42 ? 25  GLY A N   1 
ATOM   173  C  CA  . GLY A 1 31  ? -14.146 10.038  4.097   1.00 21.28 ? 25  GLY A CA  1 
ATOM   174  C  C   . GLY A 1 31  ? -14.095 9.602   2.640   1.00 21.12 ? 25  GLY A C   1 
ATOM   175  O  O   . GLY A 1 31  ? -14.736 8.622   2.258   1.00 21.01 ? 25  GLY A O   1 
ATOM   176  N  N   . THR A 1 32  ? -13.347 10.347  1.826   1.00 21.14 ? 26  THR A N   1 
ATOM   177  C  CA  . THR A 1 32  ? -13.110 10.025  0.419   1.00 20.93 ? 26  THR A CA  1 
ATOM   178  C  C   . THR A 1 32  ? -11.627 10.252  0.076   1.00 21.15 ? 26  THR A C   1 
ATOM   179  O  O   . THR A 1 32  ? -10.947 11.105  0.674   1.00 22.00 ? 26  THR A O   1 
ATOM   180  C  CB  . THR A 1 32  ? -14.005 10.859  -0.557  1.00 21.13 ? 26  THR A CB  1 
ATOM   181  O  OG1 . THR A 1 32  ? -13.631 12.253  -0.555  1.00 20.35 ? 26  THR A OG1 1 
ATOM   182  C  CG2 . THR A 1 32  ? -15.472 10.726  -0.198  1.00 21.14 ? 26  THR A CG2 1 
ATOM   183  N  N   . ILE A 1 33  ? -11.120 9.475   -0.871  1.00 20.54 ? 27  ILE A N   1 
ATOM   184  C  CA  . ILE A 1 33  ? -9.785  9.652   -1.393  1.00 19.27 ? 27  ILE A CA  1 
ATOM   185  C  C   . ILE A 1 33  ? -10.017 10.308  -2.748  1.00 19.24 ? 27  ILE A C   1 
ATOM   186  O  O   . ILE A 1 33  ? -10.868 9.835   -3.537  1.00 19.58 ? 27  ILE A O   1 
ATOM   187  C  CB  . ILE A 1 33  ? -9.114  8.287   -1.586  1.00 19.27 ? 27  ILE A CB  1 
ATOM   188  C  CG1 . ILE A 1 33  ? -9.093  7.510   -0.270  1.00 18.37 ? 27  ILE A CG1 1 
ATOM   189  C  CG2 . ILE A 1 33  ? -7.685  8.424   -2.190  1.00 19.73 ? 27  ILE A CG2 1 
ATOM   190  C  CD1 . ILE A 1 33  ? -8.855  6.005   -0.448  1.00 14.49 ? 27  ILE A CD1 1 
ATOM   191  N  N   . THR A 1 34  ? -9.302  11.409  -3.003  1.00 18.44 ? 28  THR A N   1 
ATOM   192  C  CA  . THR A 1 34  ? -9.408  12.142  -4.269  1.00 17.29 ? 28  THR A CA  1 
ATOM   193  C  C   . THR A 1 34  ? -8.207  11.762  -5.116  1.00 17.44 ? 28  THR A C   1 
ATOM   194  O  O   . THR A 1 34  ? -7.316  11.071  -4.643  1.00 17.95 ? 28  THR A O   1 
ATOM   195  C  CB  . THR A 1 34  ? -9.385  13.660  -4.054  1.00 17.23 ? 28  THR A CB  1 
ATOM   196  O  OG1 . THR A 1 34  ? -8.132  14.036  -3.466  1.00 16.39 ? 28  THR A OG1 1 
ATOM   197  C  CG2 . THR A 1 34  ? -10.530 14.131  -3.163  1.00 16.07 ? 28  THR A CG2 1 
ATOM   198  N  N   . THR A 1 35  ? -8.177  12.209  -6.367  1.00 17.20 ? 29  THR A N   1 
ATOM   199  C  CA  . THR A 1 35  ? -7.024  12.009  -7.247  1.00 17.08 ? 29  THR A CA  1 
ATOM   200  C  C   . THR A 1 35  ? -5.853  12.855  -6.740  1.00 16.79 ? 29  THR A C   1 
ATOM   201  O  O   . THR A 1 35  ? -4.667  12.443  -6.823  1.00 16.51 ? 29  THR A O   1 
ATOM   202  C  CB  . THR A 1 35  ? -7.343  12.451  -8.653  1.00 16.62 ? 29  THR A CB  1 
ATOM   203  O  OG1 . THR A 1 35  ? -7.846  13.778  -8.570  1.00 18.49 ? 29  THR A OG1 1 
ATOM   204  C  CG2 . THR A 1 35  ? -8.427  11.606  -9.253  1.00 16.36 ? 29  THR A CG2 1 
ATOM   205  N  N   . LYS A 1 36  ? -6.189  14.035  -6.222  1.00 16.12 ? 30  LYS A N   1 
ATOM   206  C  CA  . LYS A 1 36  ? -5.211  14.838  -5.491  1.00 16.24 ? 30  LYS A CA  1 
ATOM   207  C  C   . LYS A 1 36  ? -4.482  14.046  -4.368  1.00 16.33 ? 30  LYS A C   1 
ATOM   208  O  O   . LYS A 1 36  ? -3.254  14.030  -4.324  1.00 16.43 ? 30  LYS A O   1 
ATOM   209  C  CB  . LYS A 1 36  ? -5.851  16.118  -4.940  1.00 16.01 ? 30  LYS A CB  1 
ATOM   210  C  CG  . LYS A 1 36  ? -6.283  17.106  -6.025  1.00 16.44 ? 30  LYS A CG  1 
ATOM   211  C  CD  . LYS A 1 36  ? -6.843  18.399  -5.448  1.00 15.20 ? 30  LYS A CD  1 
ATOM   212  C  CE  . LYS A 1 36  ? -8.262  18.193  -4.933  1.00 14.05 ? 30  LYS A CE  1 
ATOM   213  N  NZ  . LYS A 1 36  ? -9.257  18.015  -6.021  1.00 14.26 ? 30  LYS A NZ  1 
ATOM   214  N  N   . GLU A 1 37  ? -5.226  13.377  -3.491  1.00 16.23 ? 31  GLU A N   1 
ATOM   215  C  CA  . GLU A 1 37  ? -4.625  12.691  -2.328  1.00 16.60 ? 31  GLU A CA  1 
ATOM   216  C  C   . GLU A 1 37  ? -3.842  11.439  -2.699  1.00 16.42 ? 31  GLU A C   1 
ATOM   217  O  O   . GLU A 1 37  ? -2.821  11.132  -2.087  1.00 16.80 ? 31  GLU A O   1 
ATOM   218  C  CB  . GLU A 1 37  ? -5.684  12.345  -1.274  1.00 16.53 ? 31  GLU A CB  1 
ATOM   219  C  CG  . GLU A 1 37  ? -5.981  13.498  -0.350  1.00 17.25 ? 31  GLU A CG  1 
ATOM   220  C  CD  . GLU A 1 37  ? -7.322  13.365  0.288   1.00 19.10 ? 31  GLU A CD  1 
ATOM   221  O  OE1 . GLU A 1 37  ? -8.162  12.637  -0.303  1.00 18.98 ? 31  GLU A OE1 1 
ATOM   222  O  OE2 . GLU A 1 37  ? -7.537  13.981  1.372   1.00 18.23 ? 31  GLU A OE2 1 
ATOM   223  N  N   . LEU A 1 38  ? -4.331  10.714  -3.691  1.00 15.91 ? 32  LEU A N   1 
ATOM   224  C  CA  . LEU A 1 38  ? -3.598  9.598   -4.219  1.00 15.49 ? 32  LEU A CA  1 
ATOM   225  C  C   . LEU A 1 38  ? -2.309  10.106  -4.878  1.00 16.15 ? 32  LEU A C   1 
ATOM   226  O  O   . LEU A 1 38  ? -1.231  9.530   -4.684  1.00 16.59 ? 32  LEU A O   1 
ATOM   227  C  CB  . LEU A 1 38  ? -4.472  8.854   -5.217  1.00 15.68 ? 32  LEU A CB  1 
ATOM   228  C  CG  . LEU A 1 38  ? -3.924  7.607   -5.903  1.00 14.54 ? 32  LEU A CG  1 
ATOM   229  C  CD1 . LEU A 1 38  ? -3.667  6.557   -4.866  1.00 13.29 ? 32  LEU A CD1 1 
ATOM   230  C  CD2 . LEU A 1 38  ? -4.943  7.140   -6.978  1.00 14.10 ? 32  LEU A CD2 1 
ATOM   231  N  N   . GLY A 1 39  ? -2.423  11.192  -5.647  1.00 16.55 ? 33  GLY A N   1 
ATOM   232  C  CA  . GLY A 1 39  ? -1.256  11.911  -6.139  1.00 16.37 ? 33  GLY A CA  1 
ATOM   233  C  C   . GLY A 1 39  ? -0.203  12.091  -5.062  1.00 16.50 ? 33  GLY A C   1 
ATOM   234  O  O   . GLY A 1 39  ? 0.955   11.696  -5.257  1.00 16.53 ? 33  GLY A O   1 
ATOM   235  N  N   . THR A 1 40  ? -0.612  12.656  -3.923  1.00 16.21 ? 34  THR A N   1 
ATOM   236  C  CA  . THR A 1 40  ? 0.341   13.048  -2.869  1.00 16.36 ? 34  THR A CA  1 
ATOM   237  C  C   . THR A 1 40  ? 0.902   11.825  -2.123  1.00 16.48 ? 34  THR A C   1 
ATOM   238  O  O   . THR A 1 40  ? 2.023   11.839  -1.628  1.00 16.66 ? 34  THR A O   1 
ATOM   239  C  CB  . THR A 1 40  ? -0.184  14.236  -1.930  1.00 16.11 ? 34  THR A CB  1 
ATOM   240  O  OG1 . THR A 1 40  ? -0.544  13.772  -0.629  1.00 15.59 ? 34  THR A OG1 1 
ATOM   241  C  CG2 . THR A 1 40  ? -1.352  14.969  -2.548  1.00 15.13 ? 34  THR A CG2 1 
ATOM   242  N  N   . VAL A 1 41  ? 0.123   10.756  -2.077  1.00 16.99 ? 35  VAL A N   1 
ATOM   243  C  CA  . VAL A 1 41  ? 0.608   9.472   -1.573  1.00 16.95 ? 35  VAL A CA  1 
ATOM   244  C  C   . VAL A 1 41  ? 1.668   8.925   -2.534  1.00 17.01 ? 35  VAL A C   1 
ATOM   245  O  O   . VAL A 1 41  ? 2.769   8.612   -2.107  1.00 16.18 ? 35  VAL A O   1 
ATOM   246  C  CB  . VAL A 1 41  ? -0.553  8.476   -1.385  1.00 16.55 ? 35  VAL A CB  1 
ATOM   247  C  CG1 . VAL A 1 41  ? -0.041  7.135   -0.900  1.00 16.56 ? 35  VAL A CG1 1 
ATOM   248  C  CG2 . VAL A 1 41  ? -1.517  9.043   -0.360  1.00 17.29 ? 35  VAL A CG2 1 
ATOM   249  N  N   . MET A 1 42  ? 1.335   8.851   -3.831  1.00 17.92 ? 36  MET A N   1 
ATOM   250  C  CA  . MET A 1 42  ? 2.248   8.295   -4.864  1.00 18.57 ? 36  MET A CA  1 
ATOM   251  C  C   . MET A 1 42  ? 3.569   9.078   -4.973  1.00 18.80 ? 36  MET A C   1 
ATOM   252  O  O   . MET A 1 42  ? 4.640   8.480   -5.123  1.00 19.57 ? 36  MET A O   1 
ATOM   253  C  CB  . MET A 1 42  ? 1.580   8.190   -6.237  1.00 18.32 ? 36  MET A CB  1 
ATOM   254  C  CG  . MET A 1 42  ? 0.453   7.169   -6.388  1.00 20.01 ? 36  MET A CG  1 
ATOM   255  S  SD  . MET A 1 42  ? 0.420   5.668   -5.344  1.00 27.58 ? 36  MET A SD  1 
ATOM   256  C  CE  . MET A 1 42  ? 2.007   4.848   -5.658  1.00 26.71 ? 36  MET A CE  1 
ATOM   257  N  N   . ARG A 1 43  ? 3.499   10.402  -4.858  1.00 18.31 ? 37  ARG A N   1 
ATOM   258  C  CA  . ARG A 1 43  ? 4.712   11.206  -4.801  1.00 17.98 ? 37  ARG A CA  1 
ATOM   259  C  C   . ARG A 1 43  ? 5.515   10.982  -3.513  1.00 18.61 ? 37  ARG A C   1 
ATOM   260  O  O   . ARG A 1 43  ? 6.746   11.021  -3.527  1.00 17.83 ? 37  ARG A O   1 
ATOM   261  C  CB  . ARG A 1 43  ? 4.406   12.692  -5.048  1.00 17.78 ? 37  ARG A CB  1 
ATOM   262  C  CG  . ARG A 1 43  ? 3.993   12.935  -6.503  1.00 16.54 ? 37  ARG A CG  1 
ATOM   263  C  CD  . ARG A 1 43  ? 3.831   14.396  -6.873  1.00 16.36 ? 37  ARG A CD  1 
ATOM   264  N  NE  . ARG A 1 43  ? 2.781   15.100  -6.131  1.00 12.86 ? 37  ARG A NE  1 
ATOM   265  C  CZ  . ARG A 1 43  ? 1.493   15.069  -6.455  1.00 11.48 ? 37  ARG A CZ  1 
ATOM   266  N  NH1 . ARG A 1 43  ? 1.086   14.348  -7.512  1.00 7.82  ? 37  ARG A NH1 1 
ATOM   267  N  NH2 . ARG A 1 43  ? 0.622   15.756  -5.716  1.00 8.69  ? 37  ARG A NH2 1 
ATOM   268  N  N   . SER A 1 44  ? 4.821   10.732  -2.404  1.00 19.30 ? 38  SER A N   1 
ATOM   269  C  CA  . SER A 1 44  ? 5.506   10.544  -1.123  1.00 20.04 ? 38  SER A CA  1 
ATOM   270  C  C   . SER A 1 44  ? 6.311   9.231   -1.114  1.00 20.05 ? 38  SER A C   1 
ATOM   271  O  O   . SER A 1 44  ? 7.184   9.022   -0.267  1.00 19.65 ? 38  SER A O   1 
ATOM   272  C  CB  . SER A 1 44  ? 4.507   10.592  0.023   1.00 19.95 ? 38  SER A CB  1 
ATOM   273  O  OG  . SER A 1 44  ? 3.696   9.436   0.015   1.00 20.98 ? 38  SER A OG  1 
ATOM   274  N  N   . LEU A 1 45  ? 6.021   8.389   -2.107  1.00 20.62 ? 39  LEU A N   1 
ATOM   275  C  CA  . LEU A 1 45  ? 6.701   7.114   -2.352  1.00 21.24 ? 39  LEU A CA  1 
ATOM   276  C  C   . LEU A 1 45  ? 7.686   7.166   -3.533  1.00 21.97 ? 39  LEU A C   1 
ATOM   277  O  O   . LEU A 1 45  ? 8.041   6.101   -4.075  1.00 22.85 ? 39  LEU A O   1 
ATOM   278  C  CB  . LEU A 1 45  ? 5.659   6.023   -2.626  1.00 20.98 ? 39  LEU A CB  1 
ATOM   279  C  CG  . LEU A 1 45  ? 4.740   5.663   -1.452  1.00 21.62 ? 39  LEU A CG  1 
ATOM   280  C  CD1 . LEU A 1 45  ? 3.618   4.741   -1.905  1.00 21.38 ? 39  LEU A CD1 1 
ATOM   281  C  CD2 . LEU A 1 45  ? 5.540   5.056   -0.270  1.00 21.51 ? 39  LEU A CD2 1 
ATOM   282  N  N   . GLY A 1 46  ? 8.111   8.383   -3.928  1.00 21.81 ? 40  GLY A N   1 
ATOM   283  C  CA  . GLY A 1 46  ? 9.013   8.609   -5.074  1.00 21.36 ? 40  GLY A CA  1 
ATOM   284  C  C   . GLY A 1 46  ? 8.445   8.269   -6.450  1.00 21.80 ? 40  GLY A C   1 
ATOM   285  O  O   . GLY A 1 46  ? 9.194   8.101   -7.432  1.00 21.25 ? 40  GLY A O   1 
ATOM   286  N  N   . GLN A 1 47  ? 7.124   8.144   -6.533  1.00 22.06 ? 41  GLN A N   1 
ATOM   287  C  CA  . GLN A 1 47  ? 6.470   7.894   -7.811  1.00 22.57 ? 41  GLN A CA  1 
ATOM   288  C  C   . GLN A 1 47  ? 5.945   9.190   -8.379  1.00 22.23 ? 41  GLN A C   1 
ATOM   289  O  O   . GLN A 1 47  ? 5.929   10.222  -7.704  1.00 21.55 ? 41  GLN A O   1 
ATOM   290  C  CB  . GLN A 1 47  ? 5.306   6.950   -7.614  1.00 23.22 ? 41  GLN A CB  1 
ATOM   291  C  CG  . GLN A 1 47  ? 5.695   5.650   -6.972  1.00 26.76 ? 41  GLN A CG  1 
ATOM   292  C  CD  . GLN A 1 47  ? 5.522   4.506   -7.908  1.00 29.99 ? 41  GLN A CD  1 
ATOM   293  O  OE1 . GLN A 1 47  ? 5.147   3.416   -7.490  1.00 33.29 ? 41  GLN A OE1 1 
ATOM   294  N  NE2 . GLN A 1 47  ? 5.760   4.745   -9.198  1.00 31.64 ? 41  GLN A NE2 1 
ATOM   295  N  N   . ASN A 1 48  ? 5.485   9.124   -9.622  1.00 22.25 ? 42  ASN A N   1 
ATOM   296  C  CA  . ASN A 1 48  ? 5.076   10.317  -10.322 1.00 22.47 ? 42  ASN A CA  1 
ATOM   297  C  C   . ASN A 1 48  ? 3.966   10.123  -11.355 1.00 22.04 ? 42  ASN A C   1 
ATOM   298  O  O   . ASN A 1 48  ? 4.214   10.302  -12.553 1.00 22.07 ? 42  ASN A O   1 
ATOM   299  C  CB  . ASN A 1 48  ? 6.294   10.915  -11.021 1.00 22.83 ? 42  ASN A CB  1 
ATOM   300  C  CG  . ASN A 1 48  ? 6.489   12.342  -10.670 1.00 24.28 ? 42  ASN A CG  1 
ATOM   301  O  OD1 . ASN A 1 48  ? 5.631   13.190  -10.957 1.00 26.33 ? 42  ASN A OD1 1 
ATOM   302  N  ND2 . ASN A 1 48  ? 7.601   12.630  -9.996  1.00 24.55 ? 42  ASN A ND2 1 
ATOM   303  N  N   . PRO A 1 49  ? 2.736   9.785   -10.907 1.00 21.35 ? 43  PRO A N   1 
ATOM   304  C  CA  . PRO A 1 49  ? 1.648   9.653   -11.885 1.00 21.11 ? 43  PRO A CA  1 
ATOM   305  C  C   . PRO A 1 49  ? 1.100   10.990  -12.463 1.00 21.17 ? 43  PRO A C   1 
ATOM   306  O  O   . PRO A 1 49  ? 0.995   11.994  -11.737 1.00 22.12 ? 43  PRO A O   1 
ATOM   307  C  CB  . PRO A 1 49  ? 0.577   8.887   -11.114 1.00 20.71 ? 43  PRO A CB  1 
ATOM   308  C  CG  . PRO A 1 49  ? 0.861   9.127   -9.704  1.00 20.09 ? 43  PRO A CG  1 
ATOM   309  C  CD  . PRO A 1 49  ? 2.291   9.477   -9.541  1.00 20.78 ? 43  PRO A CD  1 
ATOM   310  N  N   . THR A 1 50  ? 0.783   10.997  -13.762 1.00 20.23 ? 44  THR A N   1 
ATOM   311  C  CA  . THR A 1 50  ? 0.104   12.115  -14.398 1.00 19.28 ? 44  THR A CA  1 
ATOM   312  C  C   . THR A 1 50  ? -1.312  12.215  -13.828 1.00 18.88 ? 44  THR A C   1 
ATOM   313  O  O   . THR A 1 50  ? -1.790  11.294  -13.178 1.00 17.86 ? 44  THR A O   1 
ATOM   314  C  CB  . THR A 1 50  ? -0.016  11.917  -15.947 1.00 19.85 ? 44  THR A CB  1 
ATOM   315  O  OG1 . THR A 1 50  ? -0.979  10.880  -16.245 1.00 19.07 ? 44  THR A OG1 1 
ATOM   316  C  CG2 . THR A 1 50  ? 1.348   11.580  -16.590 1.00 19.02 ? 44  THR A CG2 1 
ATOM   317  N  N   . GLU A 1 51  ? -1.992  13.314  -14.118 1.00 18.64 ? 45  GLU A N   1 
ATOM   318  C  CA  . GLU A 1 51  ? -3.353  13.499  -13.673 1.00 19.10 ? 45  GLU A CA  1 
ATOM   319  C  C   . GLU A 1 51  ? -4.325  12.456  -14.213 1.00 19.32 ? 45  GLU A C   1 
ATOM   320  O  O   . GLU A 1 51  ? -5.233  12.010  -13.509 1.00 18.35 ? 45  GLU A O   1 
ATOM   321  C  CB  . GLU A 1 51  ? -3.846  14.899  -14.033 1.00 19.70 ? 45  GLU A CB  1 
ATOM   322  C  CG  . GLU A 1 51  ? -4.256  15.088  -15.485 1.00 20.48 ? 45  GLU A CG  1 
ATOM   323  C  CD  . GLU A 1 51  ? -3.073  15.111  -16.394 1.00 21.10 ? 45  GLU A CD  1 
ATOM   324  O  OE1 . GLU A 1 51  ? -2.317  16.106  -16.311 1.00 23.31 ? 45  GLU A OE1 1 
ATOM   325  O  OE2 . GLU A 1 51  ? -2.891  14.146  -17.167 1.00 21.19 ? 45  GLU A OE2 1 
ATOM   326  N  N   . ALA A 1 52  ? -4.138  12.071  -15.465 1.00 20.25 ? 46  ALA A N   1 
ATOM   327  C  CA  . ALA A 1 52  ? -5.036  11.126  -16.088 1.00 21.21 ? 46  ALA A CA  1 
ATOM   328  C  C   . ALA A 1 52  ? -4.783  9.730   -15.532 1.00 21.97 ? 46  ALA A C   1 
ATOM   329  O  O   . ALA A 1 52  ? -5.727  8.944   -15.373 1.00 23.08 ? 46  ALA A O   1 
ATOM   330  C  CB  . ALA A 1 52  ? -4.907  11.157  -17.608 1.00 20.96 ? 46  ALA A CB  1 
ATOM   331  N  N   . GLU A 1 53  ? -3.529  9.424   -15.218 1.00 22.39 ? 47  GLU A N   1 
ATOM   332  C  CA  . GLU A 1 53  ? -3.210  8.168   -14.540 1.00 22.96 ? 47  GLU A CA  1 
ATOM   333  C  C   . GLU A 1 53  ? -3.964  8.092   -13.220 1.00 23.43 ? 47  GLU A C   1 
ATOM   334  O  O   . GLU A 1 53  ? -4.643  7.099   -12.934 1.00 24.52 ? 47  GLU A O   1 
ATOM   335  C  CB  . GLU A 1 53  ? -1.703  8.030   -14.299 1.00 22.74 ? 47  GLU A CB  1 
ATOM   336  C  CG  . GLU A 1 53  ? -0.951  7.418   -15.460 1.00 23.30 ? 47  GLU A CG  1 
ATOM   337  C  CD  . GLU A 1 53  ? 0.535   7.707   -15.445 1.00 25.14 ? 47  GLU A CD  1 
ATOM   338  O  OE1 . GLU A 1 53  ? 1.051   8.230   -14.423 1.00 23.63 ? 47  GLU A OE1 1 
ATOM   339  O  OE2 . GLU A 1 53  ? 1.195   7.412   -16.479 1.00 27.34 ? 47  GLU A OE2 1 
ATOM   340  N  N   . LEU A 1 54  ? -3.855  9.151   -12.430 1.00 23.76 ? 48  LEU A N   1 
ATOM   341  C  CA  . LEU A 1 54  ? -4.589  9.282   -11.173 1.00 24.08 ? 48  LEU A CA  1 
ATOM   342  C  C   . LEU A 1 54  ? -6.123  9.183   -11.325 1.00 24.89 ? 48  LEU A C   1 
ATOM   343  O  O   . LEU A 1 54  ? -6.809  8.696   -10.436 1.00 25.81 ? 48  LEU A O   1 
ATOM   344  C  CB  . LEU A 1 54  ? -4.193  10.594  -10.493 1.00 23.81 ? 48  LEU A CB  1 
ATOM   345  C  CG  . LEU A 1 54  ? -2.757  10.633  -9.973  1.00 21.00 ? 48  LEU A CG  1 
ATOM   346  C  CD1 . LEU A 1 54  ? -2.336  12.034  -9.631  1.00 18.07 ? 48  LEU A CD1 1 
ATOM   347  C  CD2 . LEU A 1 54  ? -2.620  9.750   -8.771  1.00 18.86 ? 48  LEU A CD2 1 
ATOM   348  N  N   . GLN A 1 55  ? -6.670  9.634   -12.446 1.00 25.67 ? 49  GLN A N   1 
ATOM   349  C  CA  . GLN A 1 55  ? -8.080  9.391   -12.724 1.00 26.24 ? 49  GLN A CA  1 
ATOM   350  C  C   . GLN A 1 55  ? -8.406  7.954   -13.094 1.00 26.96 ? 49  GLN A C   1 
ATOM   351  O  O   . GLN A 1 55  ? -9.502  7.498   -12.762 1.00 27.15 ? 49  GLN A O   1 
ATOM   352  C  CB  . GLN A 1 55  ? -8.602  10.333  -13.786 1.00 26.25 ? 49  GLN A CB  1 
ATOM   353  C  CG  . GLN A 1 55  ? -9.081  11.616  -13.180 1.00 26.23 ? 49  GLN A CG  1 
ATOM   354  C  CD  . GLN A 1 55  ? -9.337  12.701  -14.200 1.00 26.65 ? 49  GLN A CD  1 
ATOM   355  O  OE1 . GLN A 1 55  ? -10.139 13.595  -13.947 1.00 28.33 ? 49  GLN A OE1 1 
ATOM   356  N  NE2 . GLN A 1 55  ? -8.660  12.640  -15.351 1.00 25.94 ? 49  GLN A NE2 1 
ATOM   357  N  N   . ASP A 1 56  ? -7.486  7.253   -13.777 1.00 27.53 ? 50  ASP A N   1 
ATOM   358  C  CA  . ASP A 1 56  ? -7.669  5.814   -14.096 1.00 28.23 ? 50  ASP A CA  1 
ATOM   359  C  C   . ASP A 1 56  ? -7.753  4.974   -12.814 1.00 28.39 ? 50  ASP A C   1 
ATOM   360  O  O   . ASP A 1 56  ? -8.670  4.175   -12.638 1.00 27.74 ? 50  ASP A O   1 
ATOM   361  C  CB  . ASP A 1 56  ? -6.548  5.267   -15.000 1.00 28.19 ? 50  ASP A CB  1 
ATOM   362  C  CG  . ASP A 1 56  ? -6.749  5.588   -16.497 1.00 29.29 ? 50  ASP A CG  1 
ATOM   363  O  OD1 . ASP A 1 56  ? -7.747  6.243   -16.867 1.00 31.22 ? 50  ASP A OD1 1 
ATOM   364  O  OD2 . ASP A 1 56  ? -5.887  5.180   -17.317 1.00 29.99 ? 50  ASP A OD2 1 
ATOM   365  N  N   . MET A 1 57  ? -6.790  5.172   -11.915 1.00 28.94 ? 51  MET A N   1 
ATOM   366  C  CA  . MET A 1 57  ? -6.755  4.440   -10.650 1.00 29.65 ? 51  MET A CA  1 
ATOM   367  C  C   . MET A 1 57  ? -8.059  4.585   -9.828  1.00 29.75 ? 51  MET A C   1 
ATOM   368  O  O   . MET A 1 57  ? -8.657  3.580   -9.427  1.00 29.56 ? 51  MET A O   1 
ATOM   369  C  CB  . MET A 1 57  ? -5.516  4.846   -9.854  1.00 29.27 ? 51  MET A CB  1 
ATOM   370  C  CG  . MET A 1 57  ? -4.216  4.423   -10.523 1.00 29.57 ? 51  MET A CG  1 
ATOM   371  S  SD  . MET A 1 57  ? -2.714  5.285   -10.000 1.00 30.58 ? 51  MET A SD  1 
ATOM   372  C  CE  . MET A 1 57  ? -2.613  4.985   -8.257  1.00 31.84 ? 51  MET A CE  1 
ATOM   373  N  N   . ILE A 1 58  ? -8.500  5.831   -9.641  1.00 30.40 ? 52  ILE A N   1 
ATOM   374  C  CA  . ILE A 1 58  ? -9.717  6.192   -8.880  1.00 31.21 ? 52  ILE A CA  1 
ATOM   375  C  C   . ILE A 1 58  ? -11.022 5.668   -9.492  1.00 31.60 ? 52  ILE A C   1 
ATOM   376  O  O   . ILE A 1 58  ? -11.928 5.291   -8.771  1.00 32.34 ? 52  ILE A O   1 
ATOM   377  C  CB  . ILE A 1 58  ? -9.791  7.751   -8.598  1.00 31.18 ? 52  ILE A CB  1 
ATOM   378  C  CG1 . ILE A 1 58  ? -9.605  8.049   -7.113  1.00 31.57 ? 52  ILE A CG1 1 
ATOM   379  C  CG2 . ILE A 1 58  ? -11.138 8.349   -8.977  1.00 31.30 ? 52  ILE A CG2 1 
ATOM   380  C  CD1 . ILE A 1 58  ? -8.193  7.979   -6.615  1.00 32.13 ? 52  ILE A CD1 1 
ATOM   381  N  N   . ASN A 1 59  ? -11.103 5.634   -10.816 1.00 32.09 ? 53  ASN A N   1 
ATOM   382  C  CA  . ASN A 1 59  ? -12.269 5.109   -11.525 1.00 32.36 ? 53  ASN A CA  1 
ATOM   383  C  C   . ASN A 1 59  ? -12.455 3.614   -11.368 1.00 31.94 ? 53  ASN A C   1 
ATOM   384  O  O   . ASN A 1 59  ? -13.586 3.144   -11.289 1.00 32.07 ? 53  ASN A O   1 
ATOM   385  C  CB  . ASN A 1 59  ? -12.176 5.407   -13.027 1.00 32.94 ? 53  ASN A CB  1 
ATOM   386  C  CG  . ASN A 1 59  ? -13.085 6.543   -13.459 1.00 34.48 ? 53  ASN A CG  1 
ATOM   387  O  OD1 . ASN A 1 59  ? -12.843 7.721   -13.133 1.00 36.88 ? 53  ASN A OD1 1 
ATOM   388  N  ND2 . ASN A 1 59  ? -14.131 6.201   -14.218 1.00 35.09 ? 53  ASN A ND2 1 
ATOM   389  N  N   . GLU A 1 60  ? -11.352 2.875   -11.372 1.00 31.62 ? 54  GLU A N   1 
ATOM   390  C  CA  . GLU A 1 60  ? -11.387 1.412   -11.284 1.00 31.75 ? 54  GLU A CA  1 
ATOM   391  C  C   . GLU A 1 60  ? -11.779 0.925   -9.890  1.00 31.34 ? 54  GLU A C   1 
ATOM   392  O  O   . GLU A 1 60  ? -11.978 -0.268  -9.687  1.00 32.01 ? 54  GLU A O   1 
ATOM   393  C  CB  . GLU A 1 60  ? -10.043 0.792   -11.697 1.00 31.77 ? 54  GLU A CB  1 
ATOM   394  C  CG  . GLU A 1 60  ? -9.653  1.058   -13.147 1.00 34.09 ? 54  GLU A CG  1 
ATOM   395  C  CD  . GLU A 1 60  ? -10.658 0.475   -14.146 1.00 37.73 ? 54  GLU A CD  1 
ATOM   396  O  OE1 . GLU A 1 60  ? -11.033 -0.716  -13.991 1.00 39.05 ? 54  GLU A OE1 1 
ATOM   397  O  OE2 . GLU A 1 60  ? -11.068 1.204   -15.084 1.00 37.47 ? 54  GLU A OE2 1 
ATOM   398  N  N   . VAL A 1 61  ? -11.871 1.852   -8.935  1.00 30.67 ? 55  VAL A N   1 
ATOM   399  C  CA  . VAL A 1 61  ? -12.372 1.569   -7.585  1.00 29.30 ? 55  VAL A CA  1 
ATOM   400  C  C   . VAL A 1 61  ? -13.679 2.325   -7.331  1.00 28.65 ? 55  VAL A C   1 
ATOM   401  O  O   . VAL A 1 61  ? -14.604 1.809   -6.703  1.00 28.46 ? 55  VAL A O   1 
ATOM   402  C  CB  . VAL A 1 61  ? -11.341 1.991   -6.511  1.00 29.28 ? 55  VAL A CB  1 
ATOM   403  C  CG1 . VAL A 1 61  ? -11.716 1.469   -5.111  1.00 27.24 ? 55  VAL A CG1 1 
ATOM   404  C  CG2 . VAL A 1 61  ? -9.928  1.548   -6.930  1.00 29.68 ? 55  VAL A CG2 1 
ATOM   405  N  N   . ASP A 1 62  ? -13.758 3.552   -7.828  1.00 27.84 ? 56  ASP A N   1 
ATOM   406  C  CA  . ASP A 1 62  ? -14.957 4.337   -7.656  1.00 27.46 ? 56  ASP A CA  1 
ATOM   407  C  C   . ASP A 1 62  ? -16.130 3.608   -8.348  1.00 27.45 ? 56  ASP A C   1 
ATOM   408  O  O   . ASP A 1 62  ? -16.415 3.853   -9.529  1.00 27.70 ? 56  ASP A O   1 
ATOM   409  C  CB  . ASP A 1 62  ? -14.734 5.734   -8.213  1.00 26.86 ? 56  ASP A CB  1 
ATOM   410  C  CG  . ASP A 1 62  ? -15.974 6.565   -8.204  1.00 27.21 ? 56  ASP A CG  1 
ATOM   411  O  OD1 . ASP A 1 62  ? -16.703 6.503   -7.192  1.00 26.57 ? 56  ASP A OD1 1 
ATOM   412  O  OD2 . ASP A 1 62  ? -16.202 7.297   -9.204  1.00 26.33 ? 56  ASP A OD2 1 
ATOM   413  N  N   . ALA A 1 63  ? -16.790 2.701   -7.615  1.00 26.75 ? 57  ALA A N   1 
ATOM   414  C  CA  . ALA A 1 63  ? -17.922 1.927   -8.169  1.00 26.33 ? 57  ALA A CA  1 
ATOM   415  C  C   . ALA A 1 63  ? -19.124 2.792   -8.572  1.00 25.58 ? 57  ALA A C   1 
ATOM   416  O  O   . ALA A 1 63  ? -19.749 2.545   -9.589  1.00 24.77 ? 57  ALA A O   1 
ATOM   417  C  CB  . ALA A 1 63  ? -18.353 0.818   -7.221  1.00 25.98 ? 57  ALA A CB  1 
ATOM   418  N  N   . ASP A 1 64  ? -19.406 3.820   -7.779  1.00 25.64 ? 58  ASP A N   1 
ATOM   419  C  CA  . ASP A 1 64  ? -20.597 4.638   -7.965  1.00 25.93 ? 58  ASP A CA  1 
ATOM   420  C  C   . ASP A 1 64  ? -20.406 5.888   -8.842  1.00 26.09 ? 58  ASP A C   1 
ATOM   421  O  O   . ASP A 1 64  ? -21.307 6.705   -8.944  1.00 26.37 ? 58  ASP A O   1 
ATOM   422  C  CB  . ASP A 1 64  ? -21.189 4.998   -6.592  1.00 25.99 ? 58  ASP A CB  1 
ATOM   423  C  CG  . ASP A 1 64  ? -20.403 6.092   -5.855  1.00 27.94 ? 58  ASP A CG  1 
ATOM   424  O  OD1 . ASP A 1 64  ? -19.305 6.512   -6.318  1.00 27.93 ? 58  ASP A OD1 1 
ATOM   425  O  OD2 . ASP A 1 64  ? -20.897 6.551   -4.794  1.00 30.18 ? 58  ASP A OD2 1 
ATOM   426  N  N   . GLY A 1 65  ? -19.231 6.040   -9.455  1.00 26.62 ? 59  GLY A N   1 
ATOM   427  C  CA  . GLY A 1 65  ? -18.957 7.121   -10.422 1.00 26.55 ? 59  GLY A CA  1 
ATOM   428  C  C   . GLY A 1 65  ? -19.090 8.582   -9.988  1.00 26.64 ? 59  GLY A C   1 
ATOM   429  O  O   . GLY A 1 65  ? -19.416 9.439   -10.814 1.00 26.41 ? 59  GLY A O   1 
ATOM   430  N  N   . ASN A 1 66  ? -18.845 8.881   -8.708  1.00 26.39 ? 60  ASN A N   1 
ATOM   431  C  CA  . ASN A 1 66  ? -18.895 10.277  -8.241  1.00 26.12 ? 60  ASN A CA  1 
ATOM   432  C  C   . ASN A 1 66  ? -17.507 10.961  -8.175  1.00 26.44 ? 60  ASN A C   1 
ATOM   433  O  O   . ASN A 1 66  ? -17.370 12.062  -7.631  1.00 26.57 ? 60  ASN A O   1 
ATOM   434  C  CB  . ASN A 1 66  ? -19.633 10.376  -6.892  1.00 25.76 ? 60  ASN A CB  1 
ATOM   435  C  CG  . ASN A 1 66  ? -18.815 9.816   -5.713  1.00 26.48 ? 60  ASN A CG  1 
ATOM   436  O  OD1 . ASN A 1 66  ? -17.798 9.097   -5.889  1.00 24.84 ? 60  ASN A OD1 1 
ATOM   437  N  ND2 . ASN A 1 66  ? -19.263 10.139  -4.502  1.00 25.64 ? 60  ASN A ND2 1 
ATOM   438  N  N   . GLY A 1 67  ? -16.480 10.296  -8.709  1.00 26.57 ? 61  GLY A N   1 
ATOM   439  C  CA  . GLY A 1 67  ? -15.118 10.855  -8.734  1.00 26.70 ? 61  GLY A CA  1 
ATOM   440  C  C   . GLY A 1 67  ? -14.155 10.519  -7.586  1.00 26.69 ? 61  GLY A C   1 
ATOM   441  O  O   . GLY A 1 67  ? -12.952 10.773  -7.674  1.00 27.45 ? 61  GLY A O   1 
ATOM   442  N  N   . THR A 1 68  ? -14.657 9.950   -6.501  1.00 25.94 ? 62  THR A N   1 
ATOM   443  C  CA  . THR A 1 68  ? -13.773 9.641   -5.398  1.00 25.14 ? 62  THR A CA  1 
ATOM   444  C  C   . THR A 1 68  ? -13.937 8.207   -4.899  1.00 24.60 ? 62  THR A C   1 
ATOM   445  O  O   . THR A 1 68  ? -14.851 7.491   -5.341  1.00 25.19 ? 62  THR A O   1 
ATOM   446  C  CB  . THR A 1 68  ? -13.906 10.677  -4.263  1.00 25.01 ? 62  THR A CB  1 
ATOM   447  O  OG1 . THR A 1 68  ? -15.283 10.882  -3.925  1.00 24.53 ? 62  THR A OG1 1 
ATOM   448  C  CG2 . THR A 1 68  ? -13.295 12.013  -4.700  1.00 25.94 ? 62  THR A CG2 1 
ATOM   449  N  N   . ILE A 1 69  ? -13.034 7.786   -4.012  1.00 23.46 ? 63  ILE A N   1 
ATOM   450  C  CA  . ILE A 1 69  ? -13.177 6.508   -3.304  1.00 22.31 ? 63  ILE A CA  1 
ATOM   451  C  C   . ILE A 1 69  ? -13.651 6.788   -1.898  1.00 20.80 ? 63  ILE A C   1 
ATOM   452  O  O   . ILE A 1 69  ? -13.041 7.587   -1.205  1.00 20.06 ? 63  ILE A O   1 
ATOM   453  C  CB  . ILE A 1 69  ? -11.854 5.765   -3.158  1.00 22.65 ? 63  ILE A CB  1 
ATOM   454  C  CG1 . ILE A 1 69  ? -10.941 6.022   -4.373  1.00 23.85 ? 63  ILE A CG1 1 
ATOM   455  C  CG2 . ILE A 1 69  ? -12.108 4.305   -2.844  1.00 22.23 ? 63  ILE A CG2 1 
ATOM   456  C  CD1 . ILE A 1 69  ? -10.732 4.889   -5.272  1.00 24.59 ? 63  ILE A CD1 1 
ATOM   457  N  N   . ASP A 1 70  ? -14.748 6.151   -1.495  1.00 19.50 ? 64  ASP A N   1 
ATOM   458  C  CA  . ASP A 1 70  ? -15.181 6.228   -0.109  1.00 18.96 ? 64  ASP A CA  1 
ATOM   459  C  C   . ASP A 1 70  ? -14.757 4.941   0.569   1.00 18.44 ? 64  ASP A C   1 
ATOM   460  O  O   . ASP A 1 70  ? -14.290 4.009   -0.110  1.00 18.59 ? 64  ASP A O   1 
ATOM   461  C  CB  . ASP A 1 70  ? -16.688 6.446   0.013   1.00 18.60 ? 64  ASP A CB  1 
ATOM   462  C  CG  . ASP A 1 70  ? -17.518 5.371   -0.707  1.00 18.82 ? 64  ASP A CG  1 
ATOM   463  O  OD1 . ASP A 1 70  ? -17.042 4.253   -1.033  1.00 15.88 ? 64  ASP A OD1 1 
ATOM   464  O  OD2 . ASP A 1 70  ? -18.705 5.672   -0.928  1.00 20.69 ? 64  ASP A OD2 1 
ATOM   465  N  N   . PHE A 1 71  ? -14.935 4.856   1.881   1.00 17.47 ? 65  PHE A N   1 
ATOM   466  C  CA  . PHE A 1 71  ? -14.516 3.627   2.548   1.00 17.56 ? 65  PHE A CA  1 
ATOM   467  C  C   . PHE A 1 71  ? -15.222 2.343   2.069   1.00 17.26 ? 65  PHE A C   1 
ATOM   468  O  O   . PHE A 1 71  ? -14.563 1.333   1.914   1.00 16.89 ? 65  PHE A O   1 
ATOM   469  C  CB  . PHE A 1 71  ? -14.475 3.726   4.091   1.00 17.19 ? 65  PHE A CB  1 
ATOM   470  C  CG  . PHE A 1 71  ? -13.929 2.472   4.748   1.00 17.11 ? 65  PHE A CG  1 
ATOM   471  C  CD1 . PHE A 1 71  ? -12.606 2.064   4.514   1.00 17.14 ? 65  PHE A CD1 1 
ATOM   472  C  CD2 . PHE A 1 71  ? -14.746 1.672   5.559   1.00 15.61 ? 65  PHE A CD2 1 
ATOM   473  C  CE1 . PHE A 1 71  ? -12.090 0.882   5.105   1.00 16.46 ? 65  PHE A CE1 1 
ATOM   474  C  CE2 . PHE A 1 71  ? -14.254 0.501   6.151   1.00 15.93 ? 65  PHE A CE2 1 
ATOM   475  C  CZ  . PHE A 1 71  ? -12.922 0.101   5.933   1.00 16.20 ? 65  PHE A CZ  1 
ATOM   476  N  N   . PRO A 1 72  ? -16.549 2.378   1.839   1.00 17.34 ? 66  PRO A N   1 
ATOM   477  C  CA  . PRO A 1 72  ? -17.185 1.175   1.302   1.00 17.21 ? 66  PRO A CA  1 
ATOM   478  C  C   . PRO A 1 72  ? -16.543 0.676   0.009   1.00 17.24 ? 66  PRO A C   1 
ATOM   479  O  O   . PRO A 1 72  ? -16.403 -0.530  -0.174  1.00 16.96 ? 66  PRO A O   1 
ATOM   480  C  CB  . PRO A 1 72  ? -18.613 1.628   1.036   1.00 17.42 ? 66  PRO A CB  1 
ATOM   481  C  CG  . PRO A 1 72  ? -18.837 2.732   1.995   1.00 17.70 ? 66  PRO A CG  1 
ATOM   482  C  CD  . PRO A 1 72  ? -17.530 3.455   2.075   1.00 17.60 ? 66  PRO A CD  1 
ATOM   483  N  N   . GLU A 1 73  ? -16.153 1.594   -0.876  1.00 17.74 ? 67  GLU A N   1 
ATOM   484  C  CA  . GLU A 1 73  ? -15.417 1.234   -2.113  1.00 18.03 ? 67  GLU A CA  1 
ATOM   485  C  C   . GLU A 1 73  ? -13.959 0.749   -1.885  1.00 17.70 ? 67  GLU A C   1 
ATOM   486  O  O   . GLU A 1 73  ? -13.497 -0.156  -2.572  1.00 17.20 ? 67  GLU A O   1 
ATOM   487  C  CB  . GLU A 1 73  ? -15.437 2.405   -3.098  1.00 18.34 ? 67  GLU A CB  1 
ATOM   488  C  CG  . GLU A 1 73  ? -16.839 2.768   -3.576  1.00 18.65 ? 67  GLU A CG  1 
ATOM   489  C  CD  . GLU A 1 73  ? -16.928 4.157   -4.165  1.00 19.86 ? 67  GLU A CD  1 
ATOM   490  O  OE1 . GLU A 1 73  ? -16.048 5.011   -3.933  1.00 18.85 ? 67  GLU A OE1 1 
ATOM   491  O  OE2 . GLU A 1 73  ? -17.910 4.419   -4.884  1.00 23.99 ? 67  GLU A OE2 1 
ATOM   492  N  N   . PHE A 1 74  ? -13.262 1.359   -0.928  1.00 17.14 ? 68  PHE A N   1 
ATOM   493  C  CA  . PHE A 1 74  ? -11.954 0.913   -0.479  1.00 17.44 ? 68  PHE A CA  1 
ATOM   494  C  C   . PHE A 1 74  ? -11.986 -0.474  0.163   1.00 18.16 ? 68  PHE A C   1 
ATOM   495  O  O   . PHE A 1 74  ? -11.108 -1.312  -0.077  1.00 18.17 ? 68  PHE A O   1 
ATOM   496  C  CB  . PHE A 1 74  ? -11.391 1.926   0.515   1.00 17.09 ? 68  PHE A CB  1 
ATOM   497  C  CG  . PHE A 1 74  ? -9.921  1.762   0.799   1.00 16.91 ? 68  PHE A CG  1 
ATOM   498  C  CD1 . PHE A 1 74  ? -8.963  2.405   0.000   1.00 16.95 ? 68  PHE A CD1 1 
ATOM   499  C  CD2 . PHE A 1 74  ? -9.488  1.002   1.882   1.00 15.75 ? 68  PHE A CD2 1 
ATOM   500  C  CE1 . PHE A 1 74  ? -7.597  2.277   0.265   1.00 16.48 ? 68  PHE A CE1 1 
ATOM   501  C  CE2 . PHE A 1 74  ? -8.118  0.858   2.155   1.00 15.48 ? 68  PHE A CE2 1 
ATOM   502  C  CZ  . PHE A 1 74  ? -7.168  1.493   1.341   1.00 16.03 ? 68  PHE A CZ  1 
ATOM   503  N  N   . LEU A 1 75  ? -12.994 -0.713  0.986   1.00 19.59 ? 69  LEU A N   1 
ATOM   504  C  CA  . LEU A 1 75  ? -13.171 -2.001  1.643   1.00 21.15 ? 69  LEU A CA  1 
ATOM   505  C  C   . LEU A 1 75  ? -13.368 -3.109  0.601   1.00 21.87 ? 69  LEU A C   1 
ATOM   506  O  O   . LEU A 1 75  ? -12.852 -4.220  0.753   1.00 22.27 ? 69  LEU A O   1 
ATOM   507  C  CB  . LEU A 1 75  ? -14.376 -1.940  2.574   1.00 21.16 ? 69  LEU A CB  1 
ATOM   508  C  CG  . LEU A 1 75  ? -14.582 -3.055  3.604   1.00 23.27 ? 69  LEU A CG  1 
ATOM   509  C  CD1 . LEU A 1 75  ? -16.003 -3.022  4.155   1.00 23.23 ? 69  LEU A CD1 1 
ATOM   510  C  CD2 . LEU A 1 75  ? -14.307 -4.433  3.024   1.00 25.50 ? 69  LEU A CD2 1 
ATOM   511  N  N   . THR A 1 76  ? -14.110 -2.791  -0.454  1.00 22.63 ? 70  THR A N   1 
ATOM   512  C  CA  . THR A 1 76  ? -14.392 -3.721  -1.542  1.00 23.52 ? 70  THR A CA  1 
ATOM   513  C  C   . THR A 1 76  ? -13.174 -4.043  -2.392  1.00 24.22 ? 70  THR A C   1 
ATOM   514  O  O   . THR A 1 76  ? -12.998 -5.174  -2.803  1.00 25.04 ? 70  THR A O   1 
ATOM   515  C  CB  . THR A 1 76  ? -15.549 -3.203  -2.419  1.00 23.36 ? 70  THR A CB  1 
ATOM   516  O  OG1 . THR A 1 76  ? -16.646 -2.865  -1.559  1.00 23.84 ? 70  THR A OG1 1 
ATOM   517  C  CG2 . THR A 1 76  ? -16.022 -4.279  -3.378  1.00 23.20 ? 70  THR A CG2 1 
ATOM   518  N  N   . MET A 1 77  ? -12.332 -3.054  -2.656  1.00 25.33 ? 71  MET A N   1 
ATOM   519  C  CA  . MET A 1 77  ? -11.055 -3.272  -3.327  1.00 25.70 ? 71  MET A CA  1 
ATOM   520  C  C   . MET A 1 77  ? -10.185 -4.236  -2.509  1.00 27.46 ? 71  MET A C   1 
ATOM   521  O  O   . MET A 1 77  ? -9.700  -5.258  -2.998  1.00 27.51 ? 71  MET A O   1 
ATOM   522  C  CB  . MET A 1 77  ? -10.356 -1.933  -3.449  1.00 24.99 ? 71  MET A CB  1 
ATOM   523  C  CG  . MET A 1 77  ? -9.195  -1.940  -4.388  1.00 24.63 ? 71  MET A CG  1 
ATOM   524  S  SD  . MET A 1 77  ? -8.177  -0.465  -4.207  1.00 23.88 ? 71  MET A SD  1 
ATOM   525  C  CE  . MET A 1 77  ? -7.846  -0.439  -2.429  1.00 24.31 ? 71  MET A CE  1 
ATOM   526  N  N   . MET A 1 78  ? -10.002 -3.889  -1.248  1.00 29.72 ? 72  MET A N   1 
ATOM   527  C  CA  . MET A 1 78  ? -9.175  -4.653  -0.342  1.00 31.98 ? 72  MET A CA  1 
ATOM   528  C  C   . MET A 1 78  ? -9.677  -6.088  -0.175  1.00 34.77 ? 72  MET A C   1 
ATOM   529  O  O   . MET A 1 78  ? -8.890  -7.042  -0.302  1.00 35.39 ? 72  MET A O   1 
ATOM   530  C  CB  . MET A 1 78  ? -9.135  -3.952  1.005   1.00 31.24 ? 72  MET A CB  1 
ATOM   531  C  CG  . MET A 1 78  ? -8.511  -2.585  0.948   1.00 29.32 ? 72  MET A CG  1 
ATOM   532  S  SD  . MET A 1 78  ? -6.807  -2.681  0.403   1.00 26.23 ? 72  MET A SD  1 
ATOM   533  C  CE  . MET A 1 78  ? -6.002  -3.370  1.852   1.00 23.59 ? 72  MET A CE  1 
ATOM   534  N  N   . ALA A 1 79  ? -10.980 -6.234  0.107   1.00 37.32 ? 73  ALA A N   1 
ATOM   535  C  CA  . ALA A 1 79  ? -11.613 -7.541  0.351   1.00 39.29 ? 73  ALA A CA  1 
ATOM   536  C  C   . ALA A 1 79  ? -11.537 -8.496  -0.829  1.00 40.81 ? 73  ALA A C   1 
ATOM   537  O  O   . ALA A 1 79  ? -11.207 -9.682  -0.661  1.00 41.70 ? 73  ALA A O   1 
ATOM   538  C  CB  . ALA A 1 79  ? -13.076 -7.355  0.759   1.00 39.50 ? 73  ALA A CB  1 
ATOM   539  N  N   . ARG A 1 80  ? -11.803 -7.963  -2.019  1.00 42.54 ? 74  ARG A N   1 
ATOM   540  C  CA  . ARG A 1 80  ? -12.186 -8.774  -3.171  1.00 44.12 ? 74  ARG A CA  1 
ATOM   541  C  C   . ARG A 1 80  ? -11.273 -8.662  -4.377  1.00 45.26 ? 74  ARG A C   1 
ATOM   542  O  O   . ARG A 1 80  ? -11.247 -7.638  -5.079  1.00 45.16 ? 74  ARG A O   1 
ATOM   543  C  CB  . ARG A 1 80  ? -13.634 -8.437  -3.582  1.00 44.59 ? 74  ARG A CB  1 
ATOM   544  N  N   . LYS A 1 81  ? -10.534 -9.745  -4.602  1.00 46.92 ? 75  LYS A N   1 
ATOM   545  C  CA  . LYS A 1 81  ? -9.737  -9.958  -5.808  1.00 48.36 ? 75  LYS A CA  1 
ATOM   546  C  C   . LYS A 1 81  ? -9.387  -11.437 -5.874  1.00 49.42 ? 75  LYS A C   1 
ATOM   547  O  O   . LYS A 1 81  ? -8.755  -11.975 -4.953  1.00 49.76 ? 75  LYS A O   1 
ATOM   548  C  CB  . LYS A 1 81  ? -8.444  -9.121  -5.802  1.00 48.39 ? 75  LYS A CB  1 
ATOM   549  N  N   . MET A 1 82  ? -9.813  -12.096 -6.953  1.00 50.44 ? 76  MET A N   1 
ATOM   550  C  CA  . MET A 1 82  ? -9.287  -13.425 -7.307  1.00 51.07 ? 76  MET A CA  1 
ATOM   551  C  C   . MET A 1 82  ? -7.749  -13.346 -7.542  1.00 51.25 ? 76  MET A C   1 
ATOM   552  O  O   . MET A 1 82  ? -7.163  -12.246 -7.546  1.00 51.09 ? 76  MET A O   1 
ATOM   553  C  CB  . MET A 1 82  ? -10.035 -14.009 -8.526  1.00 51.05 ? 76  MET A CB  1 
ATOM   554  N  N   . LYS A 1 83  ? -7.124  -14.512 -7.739  1.00 51.48 ? 77  LYS A N   1 
ATOM   555  C  CA  . LYS A 1 83  ? -5.656  -14.678 -7.726  1.00 51.56 ? 77  LYS A CA  1 
ATOM   556  C  C   . LYS A 1 83  ? -4.854  -13.659 -8.550  1.00 51.47 ? 77  LYS A C   1 
ATOM   557  O  O   . LYS A 1 83  ? -4.017  -12.938 -7.995  1.00 51.37 ? 77  LYS A O   1 
ATOM   558  C  CB  . LYS A 1 83  ? -5.282  -16.106 -8.141  1.00 51.39 ? 77  LYS A CB  1 
ATOM   559  N  N   . ASP A 1 84  ? -5.165  -13.598 -9.854  1.00 51.36 ? 78  ASP A N   1 
ATOM   560  C  CA  . ASP A 1 84  ? -4.350  -12.953 -10.917 1.00 51.08 ? 78  ASP A CA  1 
ATOM   561  C  C   . ASP A 1 84  ? -3.600  -11.690 -10.520 1.00 50.71 ? 78  ASP A C   1 
ATOM   562  O  O   . ASP A 1 84  ? -4.191  -10.750 -9.962  1.00 51.10 ? 78  ASP A O   1 
ATOM   563  C  CB  . ASP A 1 84  ? -5.189  -12.678 -12.171 1.00 51.47 ? 78  ASP A CB  1 
ATOM   564  N  N   . THR A 1 85  ? -2.301  -11.676 -10.825 1.00 49.55 ? 79  THR A N   1 
ATOM   565  C  CA  . THR A 1 85  ? -1.404  -10.662 -10.271 1.00 48.79 ? 79  THR A CA  1 
ATOM   566  C  C   . THR A 1 85  ? -0.206  -10.328 -11.180 1.00 48.15 ? 79  THR A C   1 
ATOM   567  O  O   . THR A 1 85  ? 0.046   -10.992 -12.202 1.00 47.90 ? 79  THR A O   1 
ATOM   568  C  CB  . THR A 1 85  ? -0.923  -11.049 -8.821  1.00 49.01 ? 79  THR A CB  1 
ATOM   569  O  OG1 . THR A 1 85  ? -0.265  -9.928  -8.193  1.00 48.84 ? 79  THR A OG1 1 
ATOM   570  C  CG2 . THR A 1 85  ? 0.054   -12.265 -8.844  1.00 49.54 ? 79  THR A CG2 1 
ATOM   571  N  N   . ASP A 1 86  ? 0.537   -9.311  -10.734 1.00 47.56 ? 80  ASP A N   1 
ATOM   572  C  CA  . ASP A 1 86  ? 1.528   -8.557  -11.505 1.00 46.35 ? 80  ASP A CA  1 
ATOM   573  C  C   . ASP A 1 86  ? 2.553   -9.313  -12.300 1.00 45.65 ? 80  ASP A C   1 
ATOM   574  O  O   . ASP A 1 86  ? 2.760   -10.522 -12.140 1.00 45.65 ? 80  ASP A O   1 
ATOM   575  C  CB  . ASP A 1 86  ? 2.313   -7.642  -10.566 1.00 46.57 ? 80  ASP A CB  1 
ATOM   576  N  N   . SER A 1 87  ? 3.200   -8.532  -13.158 1.00 44.77 ? 81  SER A N   1 
ATOM   577  C  CA  . SER A 1 87  ? 4.489   -8.845  -13.726 1.00 43.70 ? 81  SER A CA  1 
ATOM   578  C  C   . SER A 1 87  ? 5.512   -8.648  -12.609 1.00 42.92 ? 81  SER A C   1 
ATOM   579  O  O   . SER A 1 87  ? 5.273   -7.878  -11.675 1.00 42.48 ? 81  SER A O   1 
ATOM   580  C  CB  . SER A 1 87  ? 4.767   -7.871  -14.853 1.00 43.59 ? 81  SER A CB  1 
ATOM   581  O  OG  . SER A 1 87  ? 4.454   -6.554  -14.425 1.00 43.88 ? 81  SER A OG  1 
ATOM   582  N  N   . GLU A 1 88  ? 6.640   -9.351  -12.699 1.00 42.09 ? 82  GLU A N   1 
ATOM   583  C  CA  . GLU A 1 88  ? 7.718   -9.178  -11.736 1.00 41.24 ? 82  GLU A CA  1 
ATOM   584  C  C   . GLU A 1 88  ? 8.376   -7.818  -11.929 1.00 40.15 ? 82  GLU A C   1 
ATOM   585  O  O   . GLU A 1 88  ? 9.405   -7.511  -11.319 1.00 40.13 ? 82  GLU A O   1 
ATOM   586  C  CB  . GLU A 1 88  ? 8.744   -10.318 -11.800 1.00 41.72 ? 82  GLU A CB  1 
ATOM   587  C  CG  . GLU A 1 88  ? 9.226   -10.726 -13.179 1.00 43.39 ? 82  GLU A CG  1 
ATOM   588  C  CD  . GLU A 1 88  ? 10.566  -11.468 -13.106 1.00 46.78 ? 82  GLU A CD  1 
ATOM   589  O  OE1 . GLU A 1 88  ? 11.568  -10.817 -12.714 1.00 48.37 ? 82  GLU A OE1 1 
ATOM   590  O  OE2 . GLU A 1 88  ? 10.628  -12.687 -13.436 1.00 46.18 ? 82  GLU A OE2 1 
ATOM   591  N  N   . GLU A 1 89  ? 7.749   -7.009  -12.772 1.00 38.51 ? 83  GLU A N   1 
ATOM   592  C  CA  . GLU A 1 89  ? 8.242   -5.698  -13.104 1.00 37.47 ? 83  GLU A CA  1 
ATOM   593  C  C   . GLU A 1 89  ? 7.530   -4.671  -12.235 1.00 36.31 ? 83  GLU A C   1 
ATOM   594  O  O   . GLU A 1 89  ? 8.160   -3.760  -11.674 1.00 35.62 ? 83  GLU A O   1 
ATOM   595  C  CB  . GLU A 1 89  ? 8.038   -5.430  -14.604 1.00 37.66 ? 83  GLU A CB  1 
ATOM   596  C  CG  . GLU A 1 89  ? 9.129   -4.551  -15.234 1.00 37.70 ? 83  GLU A CG  1 
ATOM   597  C  CD  . GLU A 1 89  ? 9.375   -4.804  -16.732 1.00 37.81 ? 83  GLU A CD  1 
ATOM   598  O  OE1 . GLU A 1 89  ? 9.475   -5.988  -17.143 1.00 39.61 ? 83  GLU A OE1 1 
ATOM   599  O  OE2 . GLU A 1 89  ? 9.499   -3.814  -17.489 1.00 36.68 ? 83  GLU A OE2 1 
ATOM   600  N  N   . GLU A 1 90  ? 6.216   -4.839  -12.124 1.00 34.98 ? 84  GLU A N   1 
ATOM   601  C  CA  . GLU A 1 90  ? 5.399   -4.051  -11.203 1.00 34.84 ? 84  GLU A CA  1 
ATOM   602  C  C   . GLU A 1 90  ? 5.776   -4.297  -9.724  1.00 33.40 ? 84  GLU A C   1 
ATOM   603  O  O   . GLU A 1 90  ? 5.683   -3.386  -8.890  1.00 33.00 ? 84  GLU A O   1 
ATOM   604  C  CB  . GLU A 1 90  ? 3.900   -4.318  -11.453 1.00 34.84 ? 84  GLU A CB  1 
ATOM   605  C  CG  . GLU A 1 90  ? 3.417   -3.922  -12.888 1.00 36.73 ? 84  GLU A CG  1 
ATOM   606  C  CD  . GLU A 1 90  ? 1.986   -4.404  -13.248 1.00 36.80 ? 84  GLU A CD  1 
ATOM   607  O  OE1 . GLU A 1 90  ? 1.266   -3.656  -13.959 1.00 38.59 ? 84  GLU A OE1 1 
ATOM   608  O  OE2 . GLU A 1 90  ? 1.585   -5.520  -12.828 1.00 38.63 ? 84  GLU A OE2 1 
ATOM   609  N  N   . ILE A 1 91  ? 6.191   -5.533  -9.421  1.00 32.13 ? 85  ILE A N   1 
ATOM   610  C  CA  . ILE A 1 91  ? 6.612   -5.944  -8.069  1.00 30.85 ? 85  ILE A CA  1 
ATOM   611  C  C   . ILE A 1 91  ? 7.969   -5.325  -7.707  1.00 29.85 ? 85  ILE A C   1 
ATOM   612  O  O   . ILE A 1 91  ? 8.164   -4.832  -6.582  1.00 29.23 ? 85  ILE A O   1 
ATOM   613  C  CB  . ILE A 1 91  ? 6.644   -7.510  -7.892  1.00 30.62 ? 85  ILE A CB  1 
ATOM   614  C  CG1 . ILE A 1 91  ? 5.248   -8.112  -8.080  1.00 30.53 ? 85  ILE A CG1 1 
ATOM   615  C  CG2 . ILE A 1 91  ? 7.148   -7.901  -6.508  1.00 30.65 ? 85  ILE A CG2 1 
ATOM   616  C  CD1 . ILE A 1 91  ? 5.225   -9.651  -8.083  1.00 30.83 ? 85  ILE A CD1 1 
ATOM   617  N  N   . ARG A 1 92  ? 8.883   -5.340  -8.678  1.00 28.69 ? 86  ARG A N   1 
ATOM   618  C  CA  . ARG A 1 92  ? 10.214  -4.775  -8.519  1.00 27.63 ? 86  ARG A CA  1 
ATOM   619  C  C   . ARG A 1 92  ? 10.148  -3.303  -8.147  1.00 26.77 ? 86  ARG A C   1 
ATOM   620  O  O   . ARG A 1 92  ? 10.772  -2.866  -7.183  1.00 25.83 ? 86  ARG A O   1 
ATOM   621  C  CB  . ARG A 1 92  ? 11.007  -4.937  -9.799  1.00 27.52 ? 86  ARG A CB  1 
ATOM   622  C  CG  . ARG A 1 92  ? 12.479  -5.084  -9.561  1.00 28.26 ? 86  ARG A CG  1 
ATOM   623  C  CD  . ARG A 1 92  ? 12.825  -6.541  -9.367  1.00 28.64 ? 86  ARG A CD  1 
ATOM   624  N  NE  . ARG A 1 92  ? 13.762  -6.716  -8.275  1.00 28.79 ? 86  ARG A NE  1 
ATOM   625  C  CZ  . ARG A 1 92  ? 14.316  -7.876  -7.935  1.00 29.52 ? 86  ARG A CZ  1 
ATOM   626  N  NH1 . ARG A 1 92  ? 14.062  -8.993  -8.608  1.00 28.05 ? 86  ARG A NH1 1 
ATOM   627  N  NH2 . ARG A 1 92  ? 15.135  -7.910  -6.901  1.00 30.31 ? 86  ARG A NH2 1 
ATOM   628  N  N   . GLU A 1 93  ? 9.364   -2.557  -8.916  1.00 26.51 ? 87  GLU A N   1 
ATOM   629  C  CA  . GLU A 1 93  ? 9.156   -1.130  -8.681  1.00 25.76 ? 87  GLU A CA  1 
ATOM   630  C  C   . GLU A 1 93  ? 8.486   -0.889  -7.338  1.00 24.57 ? 87  GLU A C   1 
ATOM   631  O  O   . GLU A 1 93  ? 8.776   0.100   -6.675  1.00 24.89 ? 87  GLU A O   1 
ATOM   632  C  CB  . GLU A 1 93  ? 8.339   -0.522  -9.826  1.00 26.09 ? 87  GLU A CB  1 
ATOM   633  C  CG  . GLU A 1 93  ? 9.070   -0.560  -11.177 1.00 28.32 ? 87  GLU A CG  1 
ATOM   634  C  CD  . GLU A 1 93  ? 8.114   -0.736  -12.364 1.00 33.50 ? 87  GLU A CD  1 
ATOM   635  O  OE1 . GLU A 1 93  ? 6.891   -0.518  -12.175 1.00 36.14 ? 87  GLU A OE1 1 
ATOM   636  O  OE2 . GLU A 1 93  ? 8.566   -1.114  -13.482 1.00 34.35 ? 87  GLU A OE2 1 
ATOM   637  N  N   . ALA A 1 94  ? 7.598   -1.790  -6.929  1.00 23.11 ? 88  ALA A N   1 
ATOM   638  C  CA  . ALA A 1 94  ? 7.044   -1.737  -5.575  1.00 22.42 ? 88  ALA A CA  1 
ATOM   639  C  C   . ALA A 1 94  ? 8.136   -1.998  -4.515  1.00 21.88 ? 88  ALA A C   1 
ATOM   640  O  O   . ALA A 1 94  ? 8.295   -1.222  -3.582  1.00 21.59 ? 88  ALA A O   1 
ATOM   641  C  CB  . ALA A 1 94  ? 5.891   -2.728  -5.419  1.00 22.31 ? 88  ALA A CB  1 
ATOM   642  N  N   . PHE A 1 95  ? 8.892   -3.086  -4.677  1.00 21.03 ? 89  PHE A N   1 
ATOM   643  C  CA  . PHE A 1 95  ? 10.005  -3.401  -3.790  1.00 20.33 ? 89  PHE A CA  1 
ATOM   644  C  C   . PHE A 1 95  ? 10.974  -2.229  -3.661  1.00 20.87 ? 89  PHE A C   1 
ATOM   645  O  O   . PHE A 1 95  ? 11.458  -1.948  -2.557  1.00 21.50 ? 89  PHE A O   1 
ATOM   646  C  CB  . PHE A 1 95  ? 10.727  -4.658  -4.281  1.00 19.56 ? 89  PHE A CB  1 
ATOM   647  C  CG  . PHE A 1 95  ? 11.889  -5.085  -3.427  1.00 18.39 ? 89  PHE A CG  1 
ATOM   648  C  CD1 . PHE A 1 95  ? 11.691  -5.652  -2.169  1.00 17.26 ? 89  PHE A CD1 1 
ATOM   649  C  CD2 . PHE A 1 95  ? 13.190  -4.968  -3.899  1.00 18.78 ? 89  PHE A CD2 1 
ATOM   650  C  CE1 . PHE A 1 95  ? 12.753  -6.078  -1.397  1.00 14.75 ? 89  PHE A CE1 1 
ATOM   651  C  CE2 . PHE A 1 95  ? 14.273  -5.394  -3.117  1.00 18.22 ? 89  PHE A CE2 1 
ATOM   652  C  CZ  . PHE A 1 95  ? 14.046  -5.939  -1.865  1.00 16.67 ? 89  PHE A CZ  1 
ATOM   653  N  N   . ARG A 1 96  ? 11.235  -1.528  -4.766  1.00 20.94 ? 90  ARG A N   1 
ATOM   654  C  CA  . ARG A 1 96  ? 12.245  -0.457  -4.767  1.00 21.31 ? 90  ARG A CA  1 
ATOM   655  C  C   . ARG A 1 96  ? 11.812  0.829   -4.065  1.00 20.93 ? 90  ARG A C   1 
ATOM   656  O  O   . ARG A 1 96  ? 12.643  1.650   -3.720  1.00 20.82 ? 90  ARG A O   1 
ATOM   657  C  CB  . ARG A 1 96  ? 12.718  -0.149  -6.177  1.00 21.43 ? 90  ARG A CB  1 
ATOM   658  C  CG  . ARG A 1 96  ? 13.496  -1.301  -6.876  1.00 22.35 ? 90  ARG A CG  1 
ATOM   659  C  CD  . ARG A 1 96  ? 14.179  -0.828  -8.162  1.00 23.00 ? 90  ARG A CD  1 
ATOM   660  N  NE  . ARG A 1 96  ? 13.463  0.287   -8.772  1.00 26.45 ? 90  ARG A NE  1 
ATOM   661  C  CZ  . ARG A 1 96  ? 12.666  0.181   -9.832  1.00 29.96 ? 90  ARG A CZ  1 
ATOM   662  N  NH1 . ARG A 1 96  ? 12.494  -1.000  -10.446 1.00 31.68 ? 90  ARG A NH1 1 
ATOM   663  N  NH2 . ARG A 1 96  ? 12.041  1.263   -10.285 1.00 30.44 ? 90  ARG A NH2 1 
ATOM   664  N  N   . VAL A 1 97  ? 10.511  0.992   -3.828  1.00 20.96 ? 91  VAL A N   1 
ATOM   665  C  CA  . VAL A 1 97  ? 10.025  2.110   -3.012  1.00 20.41 ? 91  VAL A CA  1 
ATOM   666  C  C   . VAL A 1 97  ? 10.499  1.932   -1.560  1.00 20.18 ? 91  VAL A C   1 
ATOM   667  O  O   . VAL A 1 97  ? 10.799  2.902   -0.863  1.00 20.04 ? 91  VAL A O   1 
ATOM   668  C  CB  . VAL A 1 97  ? 8.446   2.324   -3.092  1.00 20.30 ? 91  VAL A CB  1 
ATOM   669  C  CG1 . VAL A 1 97  ? 7.865   1.857   -4.413  1.00 21.59 ? 91  VAL A CG1 1 
ATOM   670  C  CG2 . VAL A 1 97  ? 7.718   1.663   -1.972  1.00 19.49 ? 91  VAL A CG2 1 
ATOM   671  N  N   . PHE A 1 98  ? 10.585  0.671   -1.141  1.00 19.92 ? 92  PHE A N   1 
ATOM   672  C  CA  . PHE A 1 98  ? 10.948  0.285   0.222   1.00 19.32 ? 92  PHE A CA  1 
ATOM   673  C  C   . PHE A 1 98  ? 12.455  0.106   0.395   1.00 19.47 ? 92  PHE A C   1 
ATOM   674  O  O   . PHE A 1 98  ? 13.040  0.550   1.394   1.00 19.48 ? 92  PHE A O   1 
ATOM   675  C  CB  . PHE A 1 98  ? 10.201  -1.004  0.604   1.00 18.99 ? 92  PHE A CB  1 
ATOM   676  C  CG  . PHE A 1 98  ? 8.738   -0.796  0.800   1.00 17.40 ? 92  PHE A CG  1 
ATOM   677  C  CD1 . PHE A 1 98  ? 8.238   -0.464  2.064   1.00 16.98 ? 92  PHE A CD1 1 
ATOM   678  C  CD2 . PHE A 1 98  ? 7.864   -0.893  -0.279  1.00 15.08 ? 92  PHE A CD2 1 
ATOM   679  C  CE1 . PHE A 1 98  ? 6.860   -0.232  2.266   1.00 18.72 ? 92  PHE A CE1 1 
ATOM   680  C  CE2 . PHE A 1 98  ? 6.494   -0.667  -0.111  1.00 17.45 ? 92  PHE A CE2 1 
ATOM   681  C  CZ  . PHE A 1 98  ? 5.980   -0.335  1.177   1.00 18.77 ? 92  PHE A CZ  1 
ATOM   682  N  N   . ASP A 1 99  ? 13.086  -0.538  -0.586  1.00 19.17 ? 93  ASP A N   1 
ATOM   683  C  CA  . ASP A 1 99  ? 14.497  -0.759  -0.500  1.00 18.57 ? 93  ASP A CA  1 
ATOM   684  C  C   . ASP A 1 99  ? 15.263  0.510   -0.890  1.00 19.37 ? 93  ASP A C   1 
ATOM   685  O  O   . ASP A 1 99  ? 15.909  0.580   -1.936  1.00 19.39 ? 93  ASP A O   1 
ATOM   686  C  CB  . ASP A 1 99  ? 14.907  -1.957  -1.316  1.00 17.99 ? 93  ASP A CB  1 
ATOM   687  C  CG  . ASP A 1 99  ? 16.310  -2.374  -1.024  1.00 16.05 ? 93  ASP A CG  1 
ATOM   688  O  OD1 . ASP A 1 99  ? 16.802  -2.076  0.072   1.00 14.89 ? 93  ASP A OD1 1 
ATOM   689  O  OD2 . ASP A 1 99  ? 16.925  -2.999  -1.883  1.00 15.65 ? 93  ASP A OD2 1 
ATOM   690  N  N   . LYS A 1 100 ? 15.204  1.497   0.001   1.00 19.96 ? 94  LYS A N   1 
ATOM   691  C  CA  . LYS A 1 100 ? 15.807  2.794   -0.231  1.00 20.37 ? 94  LYS A CA  1 
ATOM   692  C  C   . LYS A 1 100 ? 17.262  2.780   -0.664  1.00 20.01 ? 94  LYS A C   1 
ATOM   693  O  O   . LYS A 1 100 ? 17.612  3.477   -1.604  1.00 20.74 ? 94  LYS A O   1 
ATOM   694  C  CB  . LYS A 1 100 ? 15.575  3.716   0.966   1.00 21.26 ? 94  LYS A CB  1 
ATOM   695  C  CG  . LYS A 1 100 ? 14.120  4.253   1.030   1.00 22.99 ? 94  LYS A CG  1 
ATOM   696  C  CD  . LYS A 1 100 ? 13.558  4.473   -0.370  1.00 26.24 ? 94  LYS A CD  1 
ATOM   697  C  CE  . LYS A 1 100 ? 12.423  5.480   -0.390  1.00 29.51 ? 94  LYS A CE  1 
ATOM   698  N  NZ  . LYS A 1 100 ? 11.690  5.467   -1.710  1.00 32.27 ? 94  LYS A NZ  1 
ATOM   699  N  N   . ASP A 1 101 ? 18.106  1.977   -0.031  1.00 19.45 ? 95  ASP A N   1 
ATOM   700  C  CA  . ASP A 1 101 ? 19.546  2.023   -0.358  1.00 18.63 ? 95  ASP A CA  1 
ATOM   701  C  C   . ASP A 1 101 ? 19.997  1.015   -1.417  1.00 18.00 ? 95  ASP A C   1 
ATOM   702  O  O   . ASP A 1 101 ? 21.191  0.885   -1.698  1.00 18.36 ? 95  ASP A O   1 
ATOM   703  C  CB  . ASP A 1 101 ? 20.401  1.870   0.901   1.00 18.29 ? 95  ASP A CB  1 
ATOM   704  C  CG  . ASP A 1 101 ? 20.170  0.556   1.604   1.00 18.95 ? 95  ASP A CG  1 
ATOM   705  O  OD1 . ASP A 1 101 ? 19.308  -0.251  1.151   1.00 16.30 ? 95  ASP A OD1 1 
ATOM   706  O  OD2 . ASP A 1 101 ? 20.839  0.348   2.640   1.00 19.68 ? 95  ASP A OD2 1 
ATOM   707  N  N   . GLY A 1 102 ? 19.038  0.300   -1.984  1.00 17.20 ? 96  GLY A N   1 
ATOM   708  C  CA  . GLY A 1 102 ? 19.285  -0.610  -3.087  1.00 15.71 ? 96  GLY A CA  1 
ATOM   709  C  C   . GLY A 1 102 ? 19.863  -1.952  -2.716  1.00 15.37 ? 96  GLY A C   1 
ATOM   710  O  O   . GLY A 1 102 ? 20.094  -2.753  -3.598  1.00 15.89 ? 96  GLY A O   1 
ATOM   711  N  N   . ASN A 1 103 ? 20.080  -2.239  -1.433  1.00 15.15 ? 97  ASN A N   1 
ATOM   712  C  CA  . ASN A 1 103 ? 20.847  -3.451  -1.066  1.00 14.81 ? 97  ASN A CA  1 
ATOM   713  C  C   . ASN A 1 103 ? 20.159  -4.825  -1.203  1.00 14.92 ? 97  ASN A C   1 
ATOM   714  O  O   . ASN A 1 103 ? 20.828  -5.867  -1.096  1.00 15.30 ? 97  ASN A O   1 
ATOM   715  C  CB  . ASN A 1 103 ? 21.552  -3.305  0.292   1.00 14.42 ? 97  ASN A CB  1 
ATOM   716  C  CG  . ASN A 1 103 ? 20.614  -3.492  1.477   1.00 14.56 ? 97  ASN A CG  1 
ATOM   717  O  OD1 . ASN A 1 103 ? 19.409  -3.234  1.392   1.00 13.71 ? 97  ASN A OD1 1 
ATOM   718  N  ND2 . ASN A 1 103 ? 21.171  -3.926  2.603   1.00 13.92 ? 97  ASN A ND2 1 
ATOM   719  N  N   . GLY A 1 104 ? 18.854  -4.838  -1.481  1.00 14.66 ? 98  GLY A N   1 
ATOM   720  C  CA  . GLY A 1 104 ? 18.100  -6.104  -1.632  1.00 14.08 ? 98  GLY A CA  1 
ATOM   721  C  C   . GLY A 1 104 ? 17.300  -6.499  -0.391  1.00 13.74 ? 98  GLY A C   1 
ATOM   722  O  O   . GLY A 1 104 ? 16.546  -7.480  -0.403  1.00 14.17 ? 98  GLY A O   1 
ATOM   723  N  N   . TYR A 1 105 ? 17.476  -5.741  0.684   1.00 12.82 ? 99  TYR A N   1 
ATOM   724  C  CA  . TYR A 1 105 ? 16.800  -5.983  1.930   1.00 12.34 ? 99  TYR A CA  1 
ATOM   725  C  C   . TYR A 1 105 ? 16.143  -4.701  2.420   1.00 13.07 ? 99  TYR A C   1 
ATOM   726  O  O   . TYR A 1 105 ? 16.836  -3.670  2.573   1.00 12.79 ? 99  TYR A O   1 
ATOM   727  C  CB  . TYR A 1 105 ? 17.815  -6.459  2.987   1.00 11.42 ? 99  TYR A CB  1 
ATOM   728  C  CG  . TYR A 1 105 ? 18.414  -7.767  2.612   1.00 9.75  ? 99  TYR A CG  1 
ATOM   729  C  CD1 . TYR A 1 105 ? 19.567  -7.823  1.844   1.00 8.59  ? 99  TYR A CD1 1 
ATOM   730  C  CD2 . TYR A 1 105 ? 17.804  -8.947  2.977   1.00 8.40  ? 99  TYR A CD2 1 
ATOM   731  C  CE1 . TYR A 1 105 ? 20.112  -9.018  1.466   1.00 7.94  ? 99  TYR A CE1 1 
ATOM   732  C  CE2 . TYR A 1 105 ? 18.324  -10.150 2.601   1.00 8.54  ? 99  TYR A CE2 1 
ATOM   733  C  CZ  . TYR A 1 105 ? 19.481  -10.190 1.827   1.00 9.48  ? 99  TYR A CZ  1 
ATOM   734  O  OH  . TYR A 1 105 ? 20.010  -11.419 1.440   1.00 7.85  ? 99  TYR A OH  1 
ATOM   735  N  N   . ILE A 1 106 ? 14.826  -4.771  2.671   1.00 13.04 ? 100 ILE A N   1 
ATOM   736  C  CA  . ILE A 1 106 ? 14.124  -3.730  3.400   1.00 13.89 ? 100 ILE A CA  1 
ATOM   737  C  C   . ILE A 1 106 ? 14.349  -3.923  4.895   1.00 14.58 ? 100 ILE A C   1 
ATOM   738  O  O   . ILE A 1 106 ? 13.905  -4.905  5.459   1.00 14.73 ? 100 ILE A O   1 
ATOM   739  C  CB  . ILE A 1 106 ? 12.589  -3.715  3.135   1.00 14.09 ? 100 ILE A CB  1 
ATOM   740  C  CG1 . ILE A 1 106 ? 12.266  -3.664  1.641   1.00 13.93 ? 100 ILE A CG1 1 
ATOM   741  C  CG2 . ILE A 1 106 ? 11.927  -2.545  3.849   1.00 13.35 ? 100 ILE A CG2 1 
ATOM   742  C  CD1 . ILE A 1 106 ? 10.885  -4.303  1.314   1.00 16.05 ? 100 ILE A CD1 1 
ATOM   743  N  N   . SER A 1 107 ? 15.014  -2.966  5.532   1.00 15.61 ? 101 SER A N   1 
ATOM   744  C  CA  . SER A 1 107 ? 15.229  -3.024  6.967   1.00 17.03 ? 101 SER A CA  1 
ATOM   745  C  C   . SER A 1 107 ? 14.142  -2.257  7.710   1.00 17.80 ? 101 SER A C   1 
ATOM   746  O  O   . SER A 1 107 ? 13.357  -1.527  7.078   1.00 18.14 ? 101 SER A O   1 
ATOM   747  C  CB  . SER A 1 107 ? 16.608  -2.445  7.312   1.00 17.42 ? 101 SER A CB  1 
ATOM   748  O  OG  . SER A 1 107 ? 16.614  -1.034  7.177   1.00 19.01 ? 101 SER A OG  1 
ATOM   749  N  N   . ALA A 1 108 ? 14.110  -2.402  9.046   1.00 18.25 ? 102 ALA A N   1 
ATOM   750  C  CA  . ALA A 1 108 ? 13.181  -1.643  9.920   1.00 18.75 ? 102 ALA A CA  1 
ATOM   751  C  C   . ALA A 1 108 ? 13.223  -0.108  9.692   1.00 19.21 ? 102 ALA A C   1 
ATOM   752  O  O   . ALA A 1 108 ? 12.182  0.566   9.654   1.00 18.99 ? 102 ALA A O   1 
ATOM   753  C  CB  . ALA A 1 108 ? 13.466  -1.955  11.393  1.00 18.29 ? 102 ALA A CB  1 
ATOM   754  N  N   . ALA A 1 109 ? 14.444  0.413   9.558   1.00 19.43 ? 103 ALA A N   1 
ATOM   755  C  CA  . ALA A 1 109 ? 14.723  1.830   9.288   1.00 19.48 ? 103 ALA A CA  1 
ATOM   756  C  C   . ALA A 1 109 ? 14.214  2.364   7.918   1.00 19.35 ? 103 ALA A C   1 
ATOM   757  O  O   . ALA A 1 109 ? 13.879  3.555   7.803   1.00 19.12 ? 103 ALA A O   1 
ATOM   758  C  CB  . ALA A 1 109 ? 16.246  2.111   9.457   1.00 19.18 ? 103 ALA A CB  1 
ATOM   759  N  N   . GLU A 1 110 ? 14.181  1.494   6.900   1.00 18.89 ? 104 GLU A N   1 
ATOM   760  C  CA  . GLU A 1 110 ? 13.684  1.869   5.581   1.00 18.52 ? 104 GLU A CA  1 
ATOM   761  C  C   . GLU A 1 110 ? 12.138  1.963   5.589   1.00 19.48 ? 104 GLU A C   1 
ATOM   762  O  O   . GLU A 1 110 ? 11.584  3.018   5.218   1.00 19.23 ? 104 GLU A O   1 
ATOM   763  C  CB  . GLU A 1 110 ? 14.236  0.939   4.510   1.00 17.66 ? 104 GLU A CB  1 
ATOM   764  C  CG  . GLU A 1 110 ? 15.712  1.179   4.248   1.00 17.15 ? 104 GLU A CG  1 
ATOM   765  C  CD  . GLU A 1 110 ? 16.336  0.203   3.250   1.00 17.47 ? 104 GLU A CD  1 
ATOM   766  O  OE1 . GLU A 1 110 ? 16.021  -1.013  3.292   1.00 15.63 ? 104 GLU A OE1 1 
ATOM   767  O  OE2 . GLU A 1 110 ? 17.178  0.641   2.434   1.00 16.33 ? 104 GLU A OE2 1 
ATOM   768  N  N   . LEU A 1 111 ? 11.464  0.891   6.043   1.00 19.99 ? 105 LEU A N   1 
ATOM   769  C  CA  . LEU A 1 111 ? 10.033  0.906   6.388   1.00 20.74 ? 105 LEU A CA  1 
ATOM   770  C  C   . LEU A 1 111 ? 9.615   2.106   7.254   1.00 21.65 ? 105 LEU A C   1 
ATOM   771  O  O   . LEU A 1 111 ? 8.636   2.787   6.938   1.00 22.11 ? 105 LEU A O   1 
ATOM   772  C  CB  . LEU A 1 111 ? 9.672   -0.351  7.160   1.00 20.71 ? 105 LEU A CB  1 
ATOM   773  C  CG  . LEU A 1 111 ? 8.367   -1.125  6.903   1.00 21.73 ? 105 LEU A CG  1 
ATOM   774  C  CD1 . LEU A 1 111 ? 8.083   -2.068  8.078   1.00 19.48 ? 105 LEU A CD1 1 
ATOM   775  C  CD2 . LEU A 1 111 ? 7.152   -0.249  6.596   1.00 20.77 ? 105 LEU A CD2 1 
ATOM   776  N  N   . ARG A 1 112 ? 10.341  2.372   8.339   1.00 22.21 ? 106 ARG A N   1 
ATOM   777  C  CA  . ARG A 1 112 ? 10.011  3.500   9.188   1.00 23.31 ? 106 ARG A CA  1 
ATOM   778  C  C   . ARG A 1 112 ? 10.066  4.800   8.404   1.00 23.36 ? 106 ARG A C   1 
ATOM   779  O  O   . ARG A 1 112 ? 9.146   5.621   8.487   1.00 23.38 ? 106 ARG A O   1 
ATOM   780  C  CB  . ARG A 1 112 ? 10.969  3.588   10.344  1.00 24.09 ? 106 ARG A CB  1 
ATOM   781  C  CG  . ARG A 1 112 ? 10.568  4.621   11.374  1.00 27.72 ? 106 ARG A CG  1 
ATOM   782  C  CD  . ARG A 1 112 ? 11.605  4.644   12.509  1.00 33.15 ? 106 ARG A CD  1 
ATOM   783  N  NE  . ARG A 1 112 ? 10.959  4.832   13.803  1.00 36.90 ? 106 ARG A NE  1 
ATOM   784  C  CZ  . ARG A 1 112 ? 10.826  3.873   14.714  1.00 39.82 ? 106 ARG A CZ  1 
ATOM   785  N  NH1 . ARG A 1 112 ? 11.312  2.652   14.482  1.00 40.74 ? 106 ARG A NH1 1 
ATOM   786  N  NH2 . ARG A 1 112 ? 10.213  4.142   15.861  1.00 40.77 ? 106 ARG A NH2 1 
ATOM   787  N  N   . HIS A 1 113 ? 11.133  4.971   7.627   1.00 22.91 ? 107 HIS A N   1 
ATOM   788  C  CA  . HIS A 1 113 ? 11.236  6.126   6.773   1.00 23.06 ? 107 HIS A CA  1 
ATOM   789  C  C   . HIS A 1 113 ? 10.051  6.211   5.820   1.00 22.50 ? 107 HIS A C   1 
ATOM   790  O  O   . HIS A 1 113 ? 9.437   7.255   5.699   1.00 23.22 ? 107 HIS A O   1 
ATOM   791  C  CB  . HIS A 1 113 ? 12.561  6.136   6.006   1.00 23.73 ? 107 HIS A CB  1 
ATOM   792  C  CG  . HIS A 1 113 ? 12.779  7.381   5.192   1.00 26.13 ? 107 HIS A CG  1 
ATOM   793  N  ND1 . HIS A 1 113 ? 12.902  7.361   3.814   1.00 28.94 ? 107 HIS A ND1 1 
ATOM   794  C  CD2 . HIS A 1 113 ? 12.875  8.685   5.560   1.00 26.49 ? 107 HIS A CD2 1 
ATOM   795  C  CE1 . HIS A 1 113 ? 13.067  8.597   3.371   1.00 28.30 ? 107 HIS A CE1 1 
ATOM   796  N  NE2 . HIS A 1 113 ? 13.064  9.418   4.410   1.00 26.55 ? 107 HIS A NE2 1 
ATOM   797  N  N   . VAL A 1 114 ? 9.711   5.118   5.154   1.00 21.89 ? 108 VAL A N   1 
ATOM   798  C  CA  . VAL A 1 114 ? 8.565   5.138   4.238   1.00 21.12 ? 108 VAL A CA  1 
ATOM   799  C  C   . VAL A 1 114 ? 7.248   5.544   4.975   1.00 21.46 ? 108 VAL A C   1 
ATOM   800  O  O   . VAL A 1 114 ? 6.512   6.422   4.520   1.00 20.87 ? 108 VAL A O   1 
ATOM   801  C  CB  . VAL A 1 114 ? 8.467   3.796   3.390   1.00 20.62 ? 108 VAL A CB  1 
ATOM   802  C  CG1 . VAL A 1 114 ? 7.038   3.490   2.928   1.00 19.17 ? 108 VAL A CG1 1 
ATOM   803  C  CG2 . VAL A 1 114 ? 9.405   3.862   2.224   1.00 18.02 ? 108 VAL A CG2 1 
ATOM   804  N  N   . MET A 1 115 ? 6.988   4.922   6.124   1.00 21.99 ? 109 MET A N   1 
ATOM   805  C  CA  . MET A 1 115 ? 5.836   5.277   6.954   1.00 22.25 ? 109 MET A CA  1 
ATOM   806  C  C   . MET A 1 115 ? 5.798   6.768   7.260   1.00 22.33 ? 109 MET A C   1 
ATOM   807  O  O   . MET A 1 115 ? 4.765   7.400   7.058   1.00 21.69 ? 109 MET A O   1 
ATOM   808  C  CB  . MET A 1 115 ? 5.785   4.421   8.226   1.00 21.89 ? 109 MET A CB  1 
ATOM   809  C  CG  . MET A 1 115 ? 5.461   2.935   7.934   1.00 23.04 ? 109 MET A CG  1 
ATOM   810  S  SD  . MET A 1 115 ? 4.286   2.771   6.542   1.00 24.13 ? 109 MET A SD  1 
ATOM   811  C  CE  . MET A 1 115 ? 3.962   1.023   6.429   1.00 24.54 ? 109 MET A CE  1 
ATOM   812  N  N   . THR A 1 116 ? 6.936   7.330   7.677   1.00 22.82 ? 110 THR A N   1 
ATOM   813  C  CA  . THR A 1 116 ? 6.998   8.751   8.030   1.00 23.84 ? 110 THR A CA  1 
ATOM   814  C  C   . THR A 1 116 ? 6.564   9.631   6.873   1.00 24.60 ? 110 THR A C   1 
ATOM   815  O  O   . THR A 1 116 ? 5.764   10.563  7.049   1.00 24.63 ? 110 THR A O   1 
ATOM   816  C  CB  . THR A 1 116 ? 8.389   9.227   8.500   1.00 23.90 ? 110 THR A CB  1 
ATOM   817  O  OG1 . THR A 1 116 ? 8.790   8.496   9.675   1.00 23.97 ? 110 THR A OG1 1 
ATOM   818  C  CG2 . THR A 1 116 ? 8.323   10.732  8.837   1.00 22.91 ? 110 THR A CG2 1 
ATOM   819  N  N   . ASN A 1 117 ? 7.109   9.346   5.697   1.00 25.15 ? 111 ASN A N   1 
ATOM   820  C  CA  . ASN A 1 117 ? 6.664   10.003  4.483   1.00 25.92 ? 111 ASN A CA  1 
ATOM   821  C  C   . ASN A 1 117 ? 5.158   9.932   4.212   1.00 26.28 ? 111 ASN A C   1 
ATOM   822  O  O   . ASN A 1 117 ? 4.589   10.864  3.613   1.00 25.78 ? 111 ASN A O   1 
ATOM   823  C  CB  . ASN A 1 117 ? 7.420   9.431   3.319   1.00 26.05 ? 111 ASN A CB  1 
ATOM   824  C  CG  . ASN A 1 117 ? 8.754   10.041  3.191   1.00 27.95 ? 111 ASN A CG  1 
ATOM   825  O  OD1 . ASN A 1 117 ? 8.973   10.901  2.322   1.00 31.75 ? 111 ASN A OD1 1 
ATOM   826  N  ND2 . ASN A 1 117 ? 9.663   9.660   4.086   1.00 28.52 ? 111 ASN A ND2 1 
ATOM   827  N  N   . LEU A 1 118 ? 4.520   8.841   4.646   1.00 26.70 ? 112 LEU A N   1 
ATOM   828  C  CA  . LEU A 1 118 ? 3.070   8.731   4.567   1.00 27.35 ? 112 LEU A CA  1 
ATOM   829  C  C   . LEU A 1 118 ? 2.352   9.432   5.732   1.00 28.68 ? 112 LEU A C   1 
ATOM   830  O  O   . LEU A 1 118 ? 1.145   9.289   5.889   1.00 29.45 ? 112 LEU A O   1 
ATOM   831  C  CB  . LEU A 1 118 ? 2.655   7.272   4.442   1.00 26.52 ? 112 LEU A CB  1 
ATOM   832  C  CG  . LEU A 1 118 ? 3.053   6.542   3.150   1.00 25.33 ? 112 LEU A CG  1 
ATOM   833  C  CD1 . LEU A 1 118 ? 2.728   5.067   3.237   1.00 22.09 ? 112 LEU A CD1 1 
ATOM   834  C  CD2 . LEU A 1 118 ? 2.362   7.148   1.960   1.00 25.12 ? 112 LEU A CD2 1 
ATOM   835  N  N   . GLY A 1 119 ? 3.098   10.195  6.536   1.00 29.79 ? 113 GLY A N   1 
ATOM   836  C  CA  . GLY A 1 119 ? 2.554   10.938  7.685   1.00 31.51 ? 113 GLY A CA  1 
ATOM   837  C  C   . GLY A 1 119 ? 2.265   10.067  8.891   1.00 33.32 ? 113 GLY A C   1 
ATOM   838  O  O   . GLY A 1 119 ? 1.509   10.445  9.790   1.00 33.34 ? 113 GLY A O   1 
ATOM   839  N  N   . GLU A 1 120 ? 2.892   8.897   8.909   1.00 35.16 ? 114 GLU A N   1 
ATOM   840  C  CA  . GLU A 1 120 ? 2.607   7.871   9.876   1.00 36.96 ? 114 GLU A CA  1 
ATOM   841  C  C   . GLU A 1 120 ? 3.620   7.975   10.997  1.00 38.12 ? 114 GLU A C   1 
ATOM   842  O  O   . GLU A 1 120 ? 4.823   7.989   10.739  1.00 38.30 ? 114 GLU A O   1 
ATOM   843  C  CB  . GLU A 1 120 ? 2.696   6.512   9.197   1.00 36.90 ? 114 GLU A CB  1 
ATOM   844  C  CG  . GLU A 1 120 ? 1.671   5.519   9.668   1.00 39.19 ? 114 GLU A CG  1 
ATOM   845  C  CD  . GLU A 1 120 ? 0.245   6.038   9.515   1.00 43.45 ? 114 GLU A CD  1 
ATOM   846  O  OE1 . GLU A 1 120 ? -0.127  6.480   8.401   1.00 42.77 ? 114 GLU A OE1 1 
ATOM   847  O  OE2 . GLU A 1 120 ? -0.504  6.009   10.520  1.00 45.00 ? 114 GLU A OE2 1 
ATOM   848  N  N   . LYS A 1 121 ? 3.114   8.048   12.232  1.00 39.92 ? 115 LYS A N   1 
ATOM   849  C  CA  . LYS A 1 121 ? 3.914   8.200   13.467  1.00 41.90 ? 115 LYS A CA  1 
ATOM   850  C  C   . LYS A 1 121 ? 4.168   6.842   14.141  1.00 42.24 ? 115 LYS A C   1 
ATOM   851  O  O   . LYS A 1 121 ? 3.402   6.425   15.034  1.00 42.64 ? 115 LYS A O   1 
ATOM   852  C  CB  . LYS A 1 121 ? 3.189   9.110   14.481  1.00 41.93 ? 115 LYS A CB  1 
ATOM   853  C  CG  . LYS A 1 121 ? 2.754   10.484  13.986  1.00 43.11 ? 115 LYS A CG  1 
ATOM   854  C  CD  . LYS A 1 121 ? 2.048   11.244  15.106  1.00 43.48 ? 115 LYS A CD  1 
ATOM   855  C  CE  . LYS A 1 121 ? 1.933   12.739  14.772  1.00 46.44 ? 115 LYS A CE  1 
ATOM   856  N  NZ  . LYS A 1 121 ? 1.603   13.517  16.009  1.00 47.58 ? 115 LYS A NZ  1 
ATOM   857  N  N   . LEU A 1 122 ? 5.237   6.157   13.727  1.00 42.76 ? 116 LEU A N   1 
ATOM   858  C  CA  . LEU A 1 122 ? 5.441   4.751   14.119  1.00 42.83 ? 116 LEU A CA  1 
ATOM   859  C  C   . LEU A 1 122 ? 6.406   4.600   15.287  1.00 43.03 ? 116 LEU A C   1 
ATOM   860  O  O   . LEU A 1 122 ? 7.323   5.415   15.448  1.00 43.56 ? 116 LEU A O   1 
ATOM   861  C  CB  . LEU A 1 122 ? 5.914   3.915   12.916  1.00 42.56 ? 116 LEU A CB  1 
ATOM   862  C  CG  . LEU A 1 122 ? 4.941   3.087   12.063  1.00 42.05 ? 116 LEU A CG  1 
ATOM   863  C  CD1 . LEU A 1 122 ? 4.885   1.659   12.547  1.00 42.32 ? 116 LEU A CD1 1 
ATOM   864  C  CD2 . LEU A 1 122 ? 3.544   3.645   11.982  1.00 41.41 ? 116 LEU A CD2 1 
ATOM   865  N  N   . THR A 1 123 ? 6.187   3.568   16.105  1.00 42.90 ? 117 THR A N   1 
ATOM   866  C  CA  . THR A 1 123 ? 7.150   3.186   17.155  1.00 42.28 ? 117 THR A CA  1 
ATOM   867  C  C   . THR A 1 123 ? 7.967   1.973   16.676  1.00 41.89 ? 117 THR A C   1 
ATOM   868  O  O   . THR A 1 123 ? 7.517   1.242   15.786  1.00 42.25 ? 117 THR A O   1 
ATOM   869  C  CB  . THR A 1 123 ? 6.462   2.969   18.539  1.00 42.33 ? 117 THR A CB  1 
ATOM   870  O  OG1 . THR A 1 123 ? 5.806   1.700   18.588  1.00 42.34 ? 117 THR A OG1 1 
ATOM   871  C  CG2 . THR A 1 123 ? 5.428   4.084   18.822  1.00 42.76 ? 117 THR A CG2 1 
ATOM   872  N  N   . ASP A 1 124 ? 9.175   1.788   17.222  1.00 41.24 ? 118 ASP A N   1 
ATOM   873  C  CA  . ASP A 1 124 ? 10.114  0.731   16.780  1.00 40.13 ? 118 ASP A CA  1 
ATOM   874  C  C   . ASP A 1 124 ? 9.441   -0.635  16.789  1.00 39.00 ? 118 ASP A C   1 
ATOM   875  O  O   . ASP A 1 124 ? 9.678   -1.471  15.904  1.00 38.90 ? 118 ASP A O   1 
ATOM   876  C  CB  . ASP A 1 124 ? 11.352  0.633   17.697  1.00 40.83 ? 118 ASP A CB  1 
ATOM   877  C  CG  . ASP A 1 124 ? 12.425  1.672   17.391  1.00 41.66 ? 118 ASP A CG  1 
ATOM   878  O  OD1 . ASP A 1 124 ? 12.283  2.820   17.875  1.00 42.45 ? 118 ASP A OD1 1 
ATOM   879  O  OD2 . ASP A 1 124 ? 13.430  1.318   16.721  1.00 41.96 ? 118 ASP A OD2 1 
ATOM   880  N  N   . GLU A 1 125 ? 8.614   -0.843  17.814  1.00 37.22 ? 119 GLU A N   1 
ATOM   881  C  CA  . GLU A 1 125 ? 7.965   -2.125  18.103  1.00 35.69 ? 119 GLU A CA  1 
ATOM   882  C  C   . GLU A 1 125 ? 6.871   -2.384  17.061  1.00 33.90 ? 119 GLU A C   1 
ATOM   883  O  O   . GLU A 1 125 ? 6.642   -3.522  16.624  1.00 32.67 ? 119 GLU A O   1 
ATOM   884  C  CB  . GLU A 1 125 ? 7.400   -2.097  19.533  1.00 36.17 ? 119 GLU A CB  1 
ATOM   885  C  CG  . GLU A 1 125 ? 8.065   -1.037  20.503  1.00 37.62 ? 119 GLU A CG  1 
ATOM   886  C  CD  . GLU A 1 125 ? 9.592   -1.238  20.718  1.00 39.17 ? 119 GLU A CD  1 
ATOM   887  O  OE1 . GLU A 1 125 ? 10.372  -0.267  20.550  1.00 38.47 ? 119 GLU A OE1 1 
ATOM   888  O  OE2 . GLU A 1 125 ? 10.010  -2.371  21.051  1.00 40.96 ? 119 GLU A OE2 1 
ATOM   889  N  N   . GLU A 1 126 ? 6.231   -1.287  16.656  1.00 32.37 ? 120 GLU A N   1 
ATOM   890  C  CA  . GLU A 1 126 ? 5.248   -1.280  15.586  1.00 31.51 ? 120 GLU A CA  1 
ATOM   891  C  C   . GLU A 1 126 ? 5.925   -1.525  14.241  1.00 30.04 ? 120 GLU A C   1 
ATOM   892  O  O   . GLU A 1 126 ? 5.350   -2.159  13.361  1.00 29.52 ? 120 GLU A O   1 
ATOM   893  C  CB  . GLU A 1 126 ? 4.511   0.062   15.550  1.00 31.54 ? 120 GLU A CB  1 
ATOM   894  C  CG  . GLU A 1 126 ? 3.389   0.255   16.560  1.00 32.17 ? 120 GLU A CG  1 
ATOM   895  C  CD  . GLU A 1 126 ? 2.722   1.627   16.425  1.00 32.56 ? 120 GLU A CD  1 
ATOM   896  O  OE1 . GLU A 1 126 ? 3.100   2.390   15.503  1.00 33.40 ? 120 GLU A OE1 1 
ATOM   897  O  OE2 . GLU A 1 126 ? 1.828   1.945   17.245  1.00 34.45 ? 120 GLU A OE2 1 
ATOM   898  N  N   . VAL A 1 127 ? 7.143   -1.009  14.091  1.00 28.88 ? 121 VAL A N   1 
ATOM   899  C  CA  . VAL A 1 127 ? 7.921   -1.226  12.872  1.00 28.25 ? 121 VAL A CA  1 
ATOM   900  C  C   . VAL A 1 127 ? 8.416   -2.664  12.799  1.00 27.31 ? 121 VAL A C   1 
ATOM   901  O  O   . VAL A 1 127 ? 8.288   -3.308  11.765  1.00 27.09 ? 121 VAL A O   1 
ATOM   902  C  CB  . VAL A 1 127 ? 9.080   -0.216  12.733  1.00 28.20 ? 121 VAL A CB  1 
ATOM   903  C  CG1 . VAL A 1 127 ? 10.025  -0.659  11.668  1.00 27.31 ? 121 VAL A CG1 1 
ATOM   904  C  CG2 . VAL A 1 127 ? 8.523   1.178   12.373  1.00 29.34 ? 121 VAL A CG2 1 
ATOM   905  N  N   . ASP A 1 128 ? 8.931   -3.157  13.922  1.00 26.74 ? 122 ASP A N   1 
ATOM   906  C  CA  . ASP A 1 128 ? 9.423   -4.517  14.044  1.00 26.39 ? 122 ASP A CA  1 
ATOM   907  C  C   . ASP A 1 128 ? 8.329   -5.544  13.803  1.00 25.76 ? 122 ASP A C   1 
ATOM   908  O  O   . ASP A 1 128 ? 8.575   -6.571  13.164  1.00 25.14 ? 122 ASP A O   1 
ATOM   909  C  CB  . ASP A 1 128 ? 10.115  -4.744  15.397  1.00 26.73 ? 122 ASP A CB  1 
ATOM   910  C  CG  . ASP A 1 128 ? 11.418  -3.893  15.572  1.00 28.48 ? 122 ASP A CG  1 
ATOM   911  O  OD1 . ASP A 1 128 ? 12.046  -3.475  14.570  1.00 29.08 ? 122 ASP A OD1 1 
ATOM   912  O  OD2 . ASP A 1 128 ? 11.826  -3.643  16.737  1.00 30.58 ? 122 ASP A OD2 1 
ATOM   913  N  N   . GLU A 1 129 ? 7.115   -5.273  14.283  1.00 25.59 ? 123 GLU A N   1 
ATOM   914  C  CA  . GLU A 1 129 ? 6.014   -6.207  14.029  1.00 25.62 ? 123 GLU A CA  1 
ATOM   915  C  C   . GLU A 1 129 ? 5.620   -6.111  12.561  1.00 24.96 ? 123 GLU A C   1 
ATOM   916  O  O   . GLU A 1 129 ? 5.153   -7.073  11.957  1.00 25.09 ? 123 GLU A O   1 
ATOM   917  C  CB  . GLU A 1 129 ? 4.820   -5.973  14.955  1.00 25.96 ? 123 GLU A CB  1 
ATOM   918  C  CG  . GLU A 1 129 ? 3.770   -7.125  14.953  1.00 29.07 ? 123 GLU A CG  1 
ATOM   919  C  CD  . GLU A 1 129 ? 4.099   -8.321  15.890  1.00 32.08 ? 123 GLU A CD  1 
ATOM   920  O  OE1 . GLU A 1 129 ? 3.853   -8.221  17.117  1.00 34.81 ? 123 GLU A OE1 1 
ATOM   921  O  OE2 . GLU A 1 129 ? 4.581   -9.378  15.411  1.00 32.87 ? 123 GLU A OE2 1 
ATOM   922  N  N   . MET A 1 130 ? 5.850   -4.962  11.954  1.00 24.22 ? 124 MET A N   1 
ATOM   923  C  CA  . MET A 1 130 ? 5.560   -4.885  10.547  1.00 23.80 ? 124 MET A CA  1 
ATOM   924  C  C   . MET A 1 130 ? 6.553   -5.720  9.746   1.00 22.90 ? 124 MET A C   1 
ATOM   925  O  O   . MET A 1 130 ? 6.139   -6.465  8.862   1.00 23.38 ? 124 MET A O   1 
ATOM   926  C  CB  . MET A 1 130 ? 5.462   -3.445  10.063  1.00 24.11 ? 124 MET A CB  1 
ATOM   927  C  CG  . MET A 1 130 ? 4.176   -2.730  10.466  1.00 23.56 ? 124 MET A CG  1 
ATOM   928  S  SD  . MET A 1 130 ? 4.162   -1.088  9.748   1.00 24.50 ? 124 MET A SD  1 
ATOM   929  C  CE  . MET A 1 130 ? 3.209   -1.344  8.254   1.00 23.51 ? 124 MET A CE  1 
ATOM   930  N  N   . ILE A 1 131 ? 7.841   -5.637  10.074  1.00 21.64 ? 125 ILE A N   1 
ATOM   931  C  CA  . ILE A 1 131 ? 8.872   -6.492  9.443   1.00 20.63 ? 125 ILE A CA  1 
ATOM   932  C  C   . ILE A 1 131 ? 8.537   -7.984  9.654   1.00 20.54 ? 125 ILE A C   1 
ATOM   933  O  O   . ILE A 1 131 ? 8.632   -8.797  8.732   1.00 19.94 ? 125 ILE A O   1 
ATOM   934  C  CB  . ILE A 1 131 ? 10.309  -6.122  9.978   1.00 20.47 ? 125 ILE A CB  1 
ATOM   935  C  CG1 . ILE A 1 131 ? 10.700  -4.701  9.531   1.00 20.30 ? 125 ILE A CG1 1 
ATOM   936  C  CG2 . ILE A 1 131 ? 11.374  -7.090  9.491   1.00 19.55 ? 125 ILE A CG2 1 
ATOM   937  C  CD1 . ILE A 1 131 ? 10.877  -4.534  8.002   1.00 18.26 ? 125 ILE A CD1 1 
ATOM   938  N  N   . ARG A 1 132 ? 8.103   -8.310  10.874  1.00 20.69 ? 126 ARG A N   1 
ATOM   939  C  CA  . ARG A 1 132 ? 7.702   -9.663  11.276  1.00 20.86 ? 126 ARG A CA  1 
ATOM   940  C  C   . ARG A 1 132 ? 6.659   -10.339 10.384  1.00 20.88 ? 126 ARG A C   1 
ATOM   941  O  O   . ARG A 1 132 ? 6.748   -11.536 10.196  1.00 21.12 ? 126 ARG A O   1 
ATOM   942  C  CB  . ARG A 1 132 ? 7.245   -9.693  12.745  1.00 20.59 ? 126 ARG A CB  1 
ATOM   943  C  CG  . ARG A 1 132 ? 8.235   -10.309 13.724  1.00 21.51 ? 126 ARG A CG  1 
ATOM   944  C  CD  . ARG A 1 132 ? 7.776   -10.202 15.190  1.00 21.88 ? 126 ARG A CD  1 
ATOM   945  N  NE  . ARG A 1 132 ? 8.395   -9.047  15.873  1.00 25.77 ? 126 ARG A NE  1 
ATOM   946  C  CZ  . ARG A 1 132 ? 7.745   -8.153  16.638  1.00 26.78 ? 126 ARG A CZ  1 
ATOM   947  N  NH1 . ARG A 1 132 ? 6.438   -8.258  16.853  1.00 26.05 ? 126 ARG A NH1 1 
ATOM   948  N  NH2 . ARG A 1 132 ? 8.403   -7.146  17.211  1.00 26.32 ? 126 ARG A NH2 1 
ATOM   949  N  N   . GLU A 1 133 ? 5.697   -9.597  9.825   1.00 21.21 ? 127 GLU A N   1 
ATOM   950  C  CA  . GLU A 1 133 ? 4.624   -10.209 9.009   1.00 21.68 ? 127 GLU A CA  1 
ATOM   951  C  C   . GLU A 1 133 ? 5.083   -10.687 7.634   1.00 21.38 ? 127 GLU A C   1 
ATOM   952  O  O   . GLU A 1 133 ? 4.445   -11.560 7.027   1.00 21.52 ? 127 GLU A O   1 
ATOM   953  C  CB  . GLU A 1 133 ? 3.366   -9.307  8.879   1.00 22.01 ? 127 GLU A CB  1 
ATOM   954  C  CG  . GLU A 1 133 ? 3.615   -7.783  8.818   1.00 23.79 ? 127 GLU A CG  1 
ATOM   955  C  CD  . GLU A 1 133 ? 2.331   -6.937  8.746   1.00 23.07 ? 127 GLU A CD  1 
ATOM   956  O  OE1 . GLU A 1 133 ? 1.582   -7.117  7.768   1.00 24.82 ? 127 GLU A OE1 1 
ATOM   957  O  OE2 . GLU A 1 133 ? 2.092   -6.082  9.640   1.00 22.24 ? 127 GLU A OE2 1 
ATOM   958  N  N   . ALA A 1 134 ? 6.200   -10.148 7.148   1.00 21.08 ? 128 ALA A N   1 
ATOM   959  C  CA  . ALA A 1 134 ? 6.710   -10.524 5.821   1.00 20.11 ? 128 ALA A CA  1 
ATOM   960  C  C   . ALA A 1 134 ? 8.060   -11.229 5.856   1.00 19.77 ? 128 ALA A C   1 
ATOM   961  O  O   . ALA A 1 134 ? 8.412   -11.923 4.909   1.00 19.47 ? 128 ALA A O   1 
ATOM   962  C  CB  . ALA A 1 134 ? 6.773   -9.315  4.931   1.00 20.54 ? 128 ALA A CB  1 
ATOM   963  N  N   . ASP A 1 135 ? 8.808   -11.030 6.946   1.00 19.56 ? 129 ASP A N   1 
ATOM   964  C  CA  . ASP A 1 135 ? 10.048  -11.772 7.224   1.00 18.92 ? 129 ASP A CA  1 
ATOM   965  C  C   . ASP A 1 135 ? 9.724   -13.250 7.356   1.00 19.09 ? 129 ASP A C   1 
ATOM   966  O  O   . ASP A 1 135 ? 8.927   -13.640 8.195   1.00 20.34 ? 129 ASP A O   1 
ATOM   967  C  CB  . ASP A 1 135 ? 10.683  -11.271 8.530   1.00 18.55 ? 129 ASP A CB  1 
ATOM   968  C  CG  . ASP A 1 135 ? 12.087  -11.822 8.762   1.00 16.84 ? 129 ASP A CG  1 
ATOM   969  O  OD1 . ASP A 1 135 ? 12.676  -12.413 7.819   1.00 11.44 ? 129 ASP A OD1 1 
ATOM   970  O  OD2 . ASP A 1 135 ? 12.594  -11.654 9.907   1.00 13.29 ? 129 ASP A OD2 1 
ATOM   971  N  N   . ILE A 1 136 ? 10.326  -14.079 6.523   1.00 18.51 ? 130 ILE A N   1 
ATOM   972  C  CA  . ILE A 1 136 ? 10.054  -15.491 6.600   1.00 17.56 ? 130 ILE A CA  1 
ATOM   973  C  C   . ILE A 1 136 ? 11.296  -16.311 7.029   1.00 17.28 ? 130 ILE A C   1 
ATOM   974  O  O   . ILE A 1 136 ? 11.195  -17.200 7.877   1.00 17.76 ? 130 ILE A O   1 
ATOM   975  C  CB  . ILE A 1 136 ? 9.229   -16.014 5.332   1.00 17.87 ? 130 ILE A CB  1 
ATOM   976  C  CG1 . ILE A 1 136 ? 9.172   -17.533 5.266   1.00 16.38 ? 130 ILE A CG1 1 
ATOM   977  C  CG2 . ILE A 1 136 ? 9.751   -15.518 4.034   1.00 18.51 ? 130 ILE A CG2 1 
ATOM   978  C  CD1 . ILE A 1 136 ? 10.317  -18.102 4.708   1.00 14.12 ? 130 ILE A CD1 1 
ATOM   979  N  N   . ASP A 1 137 ? 12.475  -15.998 6.501   1.00 16.17 ? 131 ASP A N   1 
ATOM   980  C  CA  . ASP A 1 137 ? 13.683  -16.655 6.995   1.00 14.46 ? 131 ASP A CA  1 
ATOM   981  C  C   . ASP A 1 137 ? 14.125  -16.217 8.412   1.00 14.35 ? 131 ASP A C   1 
ATOM   982  O  O   . ASP A 1 137 ? 14.995  -16.877 9.004   1.00 14.20 ? 131 ASP A O   1 
ATOM   983  C  CB  . ASP A 1 137 ? 14.835  -16.594 5.975   1.00 13.88 ? 131 ASP A CB  1 
ATOM   984  C  CG  . ASP A 1 137 ? 15.264  -15.176 5.605   1.00 13.56 ? 131 ASP A CG  1 
ATOM   985  O  OD1 . ASP A 1 137 ? 15.009  -14.179 6.329   1.00 12.62 ? 131 ASP A OD1 1 
ATOM   986  O  OD2 . ASP A 1 137 ? 15.894  -15.054 4.543   1.00 14.79 ? 131 ASP A OD2 1 
ATOM   987  N  N   . GLY A 1 138 ? 13.552  -15.109 8.931   1.00 13.45 ? 132 GLY A N   1 
ATOM   988  C  CA  . GLY A 1 138 ? 13.847  -14.609 10.275  1.00 12.48 ? 132 GLY A CA  1 
ATOM   989  C  C   . GLY A 1 138 ? 15.063  -13.698 10.467  1.00 12.80 ? 132 GLY A C   1 
ATOM   990  O  O   . GLY A 1 138 ? 15.559  -13.535 11.588  1.00 12.87 ? 132 GLY A O   1 
ATOM   991  N  N   . ASP A 1 139 ? 15.551  -13.071 9.405   1.00 12.39 ? 133 ASP A N   1 
ATOM   992  C  CA  . ASP A 1 139 ? 16.779  -12.312 9.519   1.00 11.95 ? 133 ASP A CA  1 
ATOM   993  C  C   . ASP A 1 139 ? 16.548  -10.886 9.966   1.00 11.57 ? 133 ASP A C   1 
ATOM   994  O  O   . ASP A 1 139 ? 17.504  -10.117 10.162  1.00 11.63 ? 133 ASP A O   1 
ATOM   995  C  CB  . ASP A 1 139 ? 17.612  -12.383 8.228   1.00 12.57 ? 133 ASP A CB  1 
ATOM   996  C  CG  . ASP A 1 139 ? 16.958  -11.658 7.035   1.00 13.18 ? 133 ASP A CG  1 
ATOM   997  O  OD1 . ASP A 1 139 ? 15.758  -11.312 7.088   1.00 14.52 ? 133 ASP A OD1 1 
ATOM   998  O  OD2 . ASP A 1 139 ? 17.658  -11.459 6.021   1.00 13.77 ? 133 ASP A OD2 1 
ATOM   999  N  N   . GLY A 1 140 ? 15.288  -10.545 10.164  1.00 11.11 ? 134 GLY A N   1 
ATOM   1000 C  CA  . GLY A 1 140 ? 14.923  -9.190  10.619  1.00 11.45 ? 134 GLY A CA  1 
ATOM   1001 C  C   . GLY A 1 140 ? 14.775  -8.191  9.468   1.00 11.13 ? 134 GLY A C   1 
ATOM   1002 O  O   . GLY A 1 140 ? 14.686  -6.998  9.685   1.00 11.53 ? 134 GLY A O   1 
ATOM   1003 N  N   . GLN A 1 141 ? 14.748  -8.698  8.245   1.00 10.78 ? 135 GLN A N   1 
ATOM   1004 C  CA  . GLN A 1 141 ? 14.636  -7.887  7.057   1.00 10.65 ? 135 GLN A CA  1 
ATOM   1005 C  C   . GLN A 1 141 ? 13.779  -8.601  6.038   1.00 11.02 ? 135 GLN A C   1 
ATOM   1006 O  O   . GLN A 1 141 ? 13.503  -9.803  6.154   1.00 10.80 ? 135 GLN A O   1 
ATOM   1007 C  CB  . GLN A 1 141 ? 16.012  -7.664  6.452   1.00 10.91 ? 135 GLN A CB  1 
ATOM   1008 C  CG  . GLN A 1 141 ? 16.925  -6.863  7.350   1.00 10.32 ? 135 GLN A CG  1 
ATOM   1009 C  CD  . GLN A 1 141 ? 18.139  -6.363  6.632   1.00 7.89  ? 135 GLN A CD  1 
ATOM   1010 O  OE1 . GLN A 1 141 ? 18.959  -7.135  6.143   1.00 7.39  ? 135 GLN A OE1 1 
ATOM   1011 N  NE2 . GLN A 1 141 ? 18.266  -5.058  6.575   1.00 8.84  ? 135 GLN A NE2 1 
ATOM   1012 N  N   . VAL A 1 142 ? 13.373  -7.856  5.023   1.00 11.70 ? 136 VAL A N   1 
ATOM   1013 C  CA  . VAL A 1 142 ? 12.513  -8.388  3.962   1.00 12.59 ? 136 VAL A CA  1 
ATOM   1014 C  C   . VAL A 1 142 ? 13.253  -8.397  2.640   1.00 13.17 ? 136 VAL A C   1 
ATOM   1015 O  O   . VAL A 1 142 ? 13.449  -7.361  1.998   1.00 13.75 ? 136 VAL A O   1 
ATOM   1016 C  CB  . VAL A 1 142 ? 11.184  -7.583  3.861   1.00 12.58 ? 136 VAL A CB  1 
ATOM   1017 C  CG1 . VAL A 1 142 ? 10.283  -8.119  2.739   1.00 12.64 ? 136 VAL A CG1 1 
ATOM   1018 C  CG2 . VAL A 1 142 ? 10.444  -7.632  5.201   1.00 11.83 ? 136 VAL A CG2 1 
ATOM   1019 N  N   . ASN A 1 143 ? 13.696  -9.569  2.227   1.00 13.76 ? 137 ASN A N   1 
ATOM   1020 C  CA  . ASN A 1 143 ? 14.257  -9.657  0.893   1.00 14.33 ? 137 ASN A CA  1 
ATOM   1021 C  C   . ASN A 1 143 ? 13.113  -9.685  -0.136  1.00 14.43 ? 137 ASN A C   1 
ATOM   1022 O  O   . ASN A 1 143 ? 11.941  -9.606  0.209   1.00 13.94 ? 137 ASN A O   1 
ATOM   1023 C  CB  . ASN A 1 143 ? 15.208  -10.850 0.775   1.00 13.83 ? 137 ASN A CB  1 
ATOM   1024 C  CG  . ASN A 1 143 ? 14.496  -12.189 0.831   1.00 14.92 ? 137 ASN A CG  1 
ATOM   1025 O  OD1 . ASN A 1 143 ? 13.248  -12.283 0.821   1.00 14.23 ? 137 ASN A OD1 1 
ATOM   1026 N  ND2 . ASN A 1 143 ? 15.290  -13.249 0.883   1.00 15.39 ? 137 ASN A ND2 1 
ATOM   1027 N  N   . TYR A 1 144 ? 13.464  -9.824  -1.395  1.00 15.76 ? 138 TYR A N   1 
ATOM   1028 C  CA  . TYR A 1 144 ? 12.531  -9.592  -2.476  1.00 17.63 ? 138 TYR A CA  1 
ATOM   1029 C  C   . TYR A 1 144 ? 11.606  -10.768 -2.670  1.00 18.09 ? 138 TYR A C   1 
ATOM   1030 O  O   . TYR A 1 144 ? 10.403  -10.612 -2.871  1.00 18.37 ? 138 TYR A O   1 
ATOM   1031 C  CB  . TYR A 1 144 ? 13.311  -9.320  -3.755  1.00 18.80 ? 138 TYR A CB  1 
ATOM   1032 C  CG  . TYR A 1 144 ? 12.444  -9.259  -4.959  1.00 19.62 ? 138 TYR A CG  1 
ATOM   1033 C  CD1 . TYR A 1 144 ? 11.776  -8.094  -5.292  1.00 20.43 ? 138 TYR A CD1 1 
ATOM   1034 C  CD2 . TYR A 1 144 ? 12.266  -10.386 -5.749  1.00 21.55 ? 138 TYR A CD2 1 
ATOM   1035 C  CE1 . TYR A 1 144 ? 10.958  -8.040  -6.403  1.00 23.14 ? 138 TYR A CE1 1 
ATOM   1036 C  CE2 . TYR A 1 144 ? 11.449  -10.353 -6.861  1.00 23.43 ? 138 TYR A CE2 1 
ATOM   1037 C  CZ  . TYR A 1 144 ? 10.798  -9.181  -7.185  1.00 22.74 ? 138 TYR A CZ  1 
ATOM   1038 O  OH  . TYR A 1 144 ? 9.996   -9.170  -8.304  1.00 23.58 ? 138 TYR A OH  1 
ATOM   1039 N  N   . GLU A 1 145 ? 12.200  -11.941 -2.659  1.00 19.11 ? 139 GLU A N   1 
ATOM   1040 C  CA  . GLU A 1 145 ? 11.501  -13.214 -2.552  1.00 20.84 ? 139 GLU A CA  1 
ATOM   1041 C  C   . GLU A 1 145 ? 10.429  -13.192 -1.445  1.00 20.78 ? 139 GLU A C   1 
ATOM   1042 O  O   . GLU A 1 145 ? 9.272   -13.549 -1.702  1.00 20.94 ? 139 GLU A O   1 
ATOM   1043 C  CB  . GLU A 1 145 ? 12.547  -14.323 -2.367  1.00 21.32 ? 139 GLU A CB  1 
ATOM   1044 C  CG  . GLU A 1 145 ? 13.963  -13.726 -1.986  1.00 24.80 ? 139 GLU A CG  1 
ATOM   1045 C  CD  . GLU A 1 145 ? 15.171  -14.406 -2.659  1.00 29.04 ? 139 GLU A CD  1 
ATOM   1046 O  OE1 . GLU A 1 145 ? 15.690  -15.470 -2.128  1.00 26.59 ? 139 GLU A OE1 1 
ATOM   1047 O  OE2 . GLU A 1 145 ? 15.599  -13.818 -3.704  1.00 30.18 ? 139 GLU A OE2 1 
ATOM   1048 N  N   . GLU A 1 146 ? 10.800  -12.722 -0.246  1.00 21.10 ? 140 GLU A N   1 
ATOM   1049 C  CA  . GLU A 1 146 ? 9.829   -12.437 0.845   1.00 20.56 ? 140 GLU A CA  1 
ATOM   1050 C  C   . GLU A 1 146 ? 8.858   -11.285 0.501   1.00 21.32 ? 140 GLU A C   1 
ATOM   1051 O  O   . GLU A 1 146 ? 7.676   -11.322 0.886   1.00 21.76 ? 140 GLU A O   1 
ATOM   1052 C  CB  . GLU A 1 146 ? 10.539  -12.093 2.164   1.00 20.39 ? 140 GLU A CB  1 
ATOM   1053 C  CG  . GLU A 1 146 ? 11.271  -13.238 2.823   1.00 19.06 ? 140 GLU A CG  1 
ATOM   1054 C  CD  . GLU A 1 146 ? 12.234  -12.781 3.905   1.00 18.21 ? 140 GLU A CD  1 
ATOM   1055 O  OE1 . GLU A 1 146 ? 12.722  -11.633 3.867   1.00 17.60 ? 140 GLU A OE1 1 
ATOM   1056 O  OE2 . GLU A 1 146 ? 12.529  -13.574 4.801   1.00 13.28 ? 140 GLU A OE2 1 
ATOM   1057 N  N   . PHE A 1 147 ? 9.351   -10.254 -0.180  1.00 21.19 ? 141 PHE A N   1 
ATOM   1058 C  CA  . PHE A 1 147 ? 8.477   -9.179  -0.593  1.00 21.70 ? 141 PHE A CA  1 
ATOM   1059 C  C   . PHE A 1 147 ? 7.372   -9.709  -1.537  1.00 22.49 ? 141 PHE A C   1 
ATOM   1060 O  O   . PHE A 1 147 ? 6.187   -9.370  -1.359  1.00 21.80 ? 141 PHE A O   1 
ATOM   1061 C  CB  . PHE A 1 147 ? 9.264   -8.047  -1.237  1.00 21.30 ? 141 PHE A CB  1 
ATOM   1062 C  CG  . PHE A 1 147 ? 8.421   -6.866  -1.593  1.00 20.65 ? 141 PHE A CG  1 
ATOM   1063 C  CD1 . PHE A 1 147 ? 8.171   -5.871  -0.655  1.00 20.07 ? 141 PHE A CD1 1 
ATOM   1064 C  CD2 . PHE A 1 147 ? 7.860   -6.754  -2.871  1.00 20.03 ? 141 PHE A CD2 1 
ATOM   1065 C  CE1 . PHE A 1 147 ? 7.373   -4.778  -0.978  1.00 19.53 ? 141 PHE A CE1 1 
ATOM   1066 C  CE2 . PHE A 1 147 ? 7.051   -5.667  -3.208  1.00 19.34 ? 141 PHE A CE2 1 
ATOM   1067 C  CZ  . PHE A 1 147 ? 6.809   -4.679  -2.264  1.00 19.74 ? 141 PHE A CZ  1 
ATOM   1068 N  N   . VAL A 1 148 ? 7.765   -10.557 -2.499  1.00 23.58 ? 142 VAL A N   1 
ATOM   1069 C  CA  . VAL A 1 148 ? 6.854   -11.127 -3.530  1.00 24.62 ? 142 VAL A CA  1 
ATOM   1070 C  C   . VAL A 1 148 ? 5.644   -11.776 -2.883  1.00 25.56 ? 142 VAL A C   1 
ATOM   1071 O  O   . VAL A 1 148 ? 4.509   -11.416 -3.161  1.00 25.53 ? 142 VAL A O   1 
ATOM   1072 C  CB  . VAL A 1 148 ? 7.574   -12.181 -4.410  1.00 24.43 ? 142 VAL A CB  1 
ATOM   1073 C  CG1 . VAL A 1 148 ? 6.589   -12.986 -5.253  1.00 23.19 ? 142 VAL A CG1 1 
ATOM   1074 C  CG2 . VAL A 1 148 ? 8.614   -11.516 -5.284  1.00 24.77 ? 142 VAL A CG2 1 
ATOM   1075 N  N   . GLN A 1 149 ? 5.928   -12.703 -1.980  1.00 26.99 ? 143 GLN A N   1 
ATOM   1076 C  CA  . GLN A 1 149 ? 4.938   -13.474 -1.255  1.00 28.37 ? 143 GLN A CA  1 
ATOM   1077 C  C   . GLN A 1 149 ? 3.912   -12.627 -0.544  1.00 30.07 ? 143 GLN A C   1 
ATOM   1078 O  O   . GLN A 1 149 ? 2.738   -13.001 -0.449  1.00 31.17 ? 143 GLN A O   1 
ATOM   1079 C  CB  . GLN A 1 149 ? 5.641   -14.343 -0.233  1.00 27.93 ? 143 GLN A CB  1 
ATOM   1080 C  CG  . GLN A 1 149 ? 6.560   -15.349 -0.860  1.00 25.98 ? 143 GLN A CG  1 
ATOM   1081 C  CD  . GLN A 1 149 ? 6.626   -16.587 -0.034  1.00 23.69 ? 143 GLN A CD  1 
ATOM   1082 O  OE1 . GLN A 1 149 ? 7.477   -17.442 -0.246  1.00 22.90 ? 143 GLN A OE1 1 
ATOM   1083 N  NE2 . GLN A 1 149 ? 5.717   -16.698 0.935   1.00 23.63 ? 143 GLN A NE2 1 
ATOM   1084 N  N   . MET A 1 150 ? 4.352   -11.493 -0.022  1.00 31.84 ? 144 MET A N   1 
ATOM   1085 C  CA  . MET A 1 150 ? 3.435   -10.610 0.668   1.00 33.42 ? 144 MET A CA  1 
ATOM   1086 C  C   . MET A 1 150 ? 2.580   -9.874  -0.338  1.00 34.57 ? 144 MET A C   1 
ATOM   1087 O  O   . MET A 1 150 ? 1.445   -9.515  -0.045  1.00 34.91 ? 144 MET A O   1 
ATOM   1088 C  CB  . MET A 1 150 ? 4.191   -9.632  1.538   1.00 33.07 ? 144 MET A CB  1 
ATOM   1089 C  CG  . MET A 1 150 ? 3.298   -8.622  2.139   1.00 33.38 ? 144 MET A CG  1 
ATOM   1090 S  SD  . MET A 1 150 ? 3.792   -8.435  3.815   1.00 35.36 ? 144 MET A SD  1 
ATOM   1091 C  CE  . MET A 1 150 ? 3.082   -9.889  4.568   1.00 35.89 ? 144 MET A CE  1 
ATOM   1092 N  N   . MET A 1 151 ? 3.141   -9.678  -1.527  1.00 36.29 ? 145 MET A N   1 
ATOM   1093 C  CA  . MET A 1 151 ? 2.471   -9.003  -2.625  1.00 37.71 ? 145 MET A CA  1 
ATOM   1094 C  C   . MET A 1 151 ? 1.629   -9.944  -3.483  1.00 39.14 ? 145 MET A C   1 
ATOM   1095 O  O   . MET A 1 151 ? 0.622   -9.535  -4.060  1.00 38.90 ? 145 MET A O   1 
ATOM   1096 C  CB  . MET A 1 151 ? 3.520   -8.349  -3.506  1.00 37.66 ? 145 MET A CB  1 
ATOM   1097 C  CG  . MET A 1 151 ? 4.034   -7.025  -2.961  1.00 37.40 ? 145 MET A CG  1 
ATOM   1098 S  SD  . MET A 1 151 ? 3.175   -5.615  -3.673  1.00 36.82 ? 145 MET A SD  1 
ATOM   1099 C  CE  . MET A 1 151 ? 3.925   -5.512  -5.304  1.00 36.28 ? 145 MET A CE  1 
ATOM   1100 N  N   . THR A 1 152 ? 2.035   -11.210 -3.535  1.00 41.05 ? 146 THR A N   1 
ATOM   1101 C  CA  . THR A 1 152 ? 1.594   -12.110 -4.588  1.00 42.58 ? 146 THR A CA  1 
ATOM   1102 C  C   . THR A 1 152 ? 0.660   -13.227 -4.144  1.00 43.71 ? 146 THR A C   1 
ATOM   1103 O  O   . THR A 1 152 ? 0.022   -13.849 -4.999  1.00 44.07 ? 146 THR A O   1 
ATOM   1104 C  CB  . THR A 1 152 ? 2.804   -12.754 -5.310  1.00 42.63 ? 146 THR A CB  1 
ATOM   1105 O  OG1 . THR A 1 152 ? 2.456   -13.064 -6.670  1.00 43.65 ? 146 THR A OG1 1 
ATOM   1106 C  CG2 . THR A 1 152 ? 3.273   -14.036 -4.585  1.00 42.57 ? 146 THR A CG2 1 
ATOM   1107 N  N   . ALA A 1 153 ? 0.590   -13.512 -2.841  1.00 44.92 ? 147 ALA A N   1 
ATOM   1108 C  CA  . ALA A 1 153 ? -0.279  -14.604 -2.367  1.00 46.00 ? 147 ALA A CA  1 
ATOM   1109 C  C   . ALA A 1 153 ? -1.683  -14.114 -1.955  1.00 46.87 ? 147 ALA A C   1 
ATOM   1110 O  O   . ALA A 1 153 ? -1.838  -12.964 -1.500  1.00 46.88 ? 147 ALA A O   1 
ATOM   1111 C  CB  . ALA A 1 153 ? 0.396   -15.426 -1.251  1.00 45.90 ? 147 ALA A CB  1 
ATOM   1112 N  N   . LYS A 1 154 ? -2.685  -14.986 -2.172  1.00 47.53 ? 148 LYS A N   1 
ATOM   1113 C  CA  . LYS A 1 154 ? -4.110  -14.806 -1.795  1.00 47.91 ? 148 LYS A CA  1 
ATOM   1114 C  C   . LYS A 1 154 ? -4.390  -13.891 -0.585  1.00 48.34 ? 148 LYS A C   1 
ATOM   1115 O  O   . LYS A 1 154 ? -5.534  -13.572 -0.249  1.00 48.76 ? 148 LYS A O   1 
ATOM   1116 C  CB  . LYS A 1 154 ? -4.748  -16.187 -1.535  1.00 47.90 ? 148 LYS A CB  1 
ATOM   1117 C  CG  . LYS A 1 154 ? -4.586  -16.699 -0.085  1.00 47.43 ? 148 LYS A CG  1 
ATOM   1118 C  CD  . LYS A 1 154 ? -4.095  -18.138 0.003   1.00 46.60 ? 148 LYS A CD  1 
ATOM   1119 C  CE  . LYS A 1 154 ? -4.022  -18.566 1.474   1.00 47.00 ? 148 LYS A CE  1 
ATOM   1120 N  NZ  . LYS A 1 154 ? -3.074  -19.705 1.693   1.00 46.68 ? 148 LYS A NZ  1 
ATOM   1121 O  OXT . LYS A 1 154 ? -3.496  -13.455 0.132   1.00 48.96 ? 148 LYS A OXT 1 
ATOM   1122 N  N   . ALA B 2 1   ? -0.100  0.289   8.132   1.00 36.47 ? 394 ALA E N   1 
ATOM   1123 C  CA  . ALA B 2 1   ? -0.761  -0.169  9.379   1.00 36.59 ? 394 ALA E CA  1 
ATOM   1124 C  C   . ALA B 2 1   ? -0.286  -1.571  9.613   1.00 36.31 ? 394 ALA E C   1 
ATOM   1125 O  O   . ALA B 2 1   ? 0.360   -1.906  10.609  1.00 37.13 ? 394 ALA E O   1 
ATOM   1126 C  CB  . ALA B 2 1   ? -2.280  -0.178  9.193   1.00 36.85 ? 394 ALA E CB  1 
ATOM   1127 N  N   . THR B 2 2   ? -0.667  -2.402  8.668   1.00 35.64 ? 395 THR E N   1 
ATOM   1128 C  CA  . THR B 2 2   ? -0.200  -3.748  8.568   1.00 35.10 ? 395 THR E CA  1 
ATOM   1129 C  C   . THR B 2 2   ? 0.489   -3.689  7.208   1.00 34.35 ? 395 THR E C   1 
ATOM   1130 O  O   . THR B 2 2   ? -0.105  -3.209  6.229   1.00 34.53 ? 395 THR E O   1 
ATOM   1131 C  CB  . THR B 2 2   ? -1.429  -4.696  8.653   1.00 35.24 ? 395 THR E CB  1 
ATOM   1132 O  OG1 . THR B 2 2   ? -1.658  -5.024  10.032  1.00 34.79 ? 395 THR E OG1 1 
ATOM   1133 C  CG2 . THR B 2 2   ? -1.232  -5.962  7.885   1.00 35.51 ? 395 THR E CG2 1 
ATOM   1134 N  N   . LEU B 2 3   ? 1.754   -4.087  7.151   1.00 32.66 ? 396 LEU E N   1 
ATOM   1135 C  CA  . LEU B 2 3   ? 2.472   -4.049  5.894   1.00 31.36 ? 396 LEU E CA  1 
ATOM   1136 C  C   . LEU B 2 3   ? 1.541   -4.597  4.826   1.00 30.92 ? 396 LEU E C   1 
ATOM   1137 O  O   . LEU B 2 3   ? 1.423   -4.044  3.724   1.00 30.52 ? 396 LEU E O   1 
ATOM   1138 C  CB  . LEU B 2 3   ? 3.668   -4.972  5.972   1.00 31.31 ? 396 LEU E CB  1 
ATOM   1139 C  CG  . LEU B 2 3   ? 4.995   -4.518  5.392   1.00 30.63 ? 396 LEU E CG  1 
ATOM   1140 C  CD1 . LEU B 2 3   ? 5.760   -5.769  4.997   1.00 29.85 ? 396 LEU E CD1 1 
ATOM   1141 C  CD2 . LEU B 2 3   ? 4.876   -3.513  4.259   1.00 27.97 ? 396 LEU E CD2 1 
ATOM   1142 N  N   . ASP B 2 4   ? 0.890   -5.698  5.208   1.00 30.29 ? 397 ASP E N   1 
ATOM   1143 C  CA  . ASP B 2 4   ? -0.104  -6.435  4.441   1.00 29.69 ? 397 ASP E CA  1 
ATOM   1144 C  C   . ASP B 2 4   ? -1.067  -5.487  3.784   1.00 28.85 ? 397 ASP E C   1 
ATOM   1145 O  O   . ASP B 2 4   ? -1.196  -5.486  2.568   1.00 28.48 ? 397 ASP E O   1 
ATOM   1146 C  CB  . ASP B 2 4   ? -0.893  -7.274  5.427   1.00 30.37 ? 397 ASP E CB  1 
ATOM   1147 C  CG  . ASP B 2 4   ? -1.175  -8.660  4.937   1.00 31.77 ? 397 ASP E CG  1 
ATOM   1148 O  OD1 . ASP B 2 4   ? -0.459  -9.593  5.400   1.00 33.41 ? 397 ASP E OD1 1 
ATOM   1149 O  OD2 . ASP B 2 4   ? -2.122  -8.817  4.125   1.00 31.68 ? 397 ASP E OD2 1 
ATOM   1150 N  N   . ALA B 2 5   ? -1.716  -4.669  4.612   1.00 28.33 ? 398 ALA E N   1 
ATOM   1151 C  CA  . ALA B 2 5   ? -2.796  -3.774  4.190   1.00 27.82 ? 398 ALA E CA  1 
ATOM   1152 C  C   . ALA B 2 5   ? -2.269  -2.622  3.359   1.00 27.37 ? 398 ALA E C   1 
ATOM   1153 O  O   . ALA B 2 5   ? -2.859  -2.257  2.345   1.00 27.57 ? 398 ALA E O   1 
ATOM   1154 C  CB  . ALA B 2 5   ? -3.573  -3.252  5.395   1.00 27.90 ? 398 ALA E CB  1 
ATOM   1155 N  N   . LEU B 2 6   ? -1.140  -2.066  3.786   1.00 26.68 ? 399 LEU E N   1 
ATOM   1156 C  CA  . LEU B 2 6   ? -0.428  -1.027  3.033   1.00 25.56 ? 399 LEU E CA  1 
ATOM   1157 C  C   . LEU B 2 6   ? -0.065  -1.482  1.626   1.00 24.59 ? 399 LEU E C   1 
ATOM   1158 O  O   . LEU B 2 6   ? -0.363  -0.798  0.653   1.00 24.08 ? 399 LEU E O   1 
ATOM   1159 C  CB  . LEU B 2 6   ? 0.837   -0.650  3.802   1.00 25.74 ? 399 LEU E CB  1 
ATOM   1160 C  CG  . LEU B 2 6   ? 1.577   0.649   3.515   1.00 26.00 ? 399 LEU E CG  1 
ATOM   1161 C  CD1 . LEU B 2 6   ? 2.937   0.329   2.943   1.00 26.79 ? 399 LEU E CD1 1 
ATOM   1162 C  CD2 . LEU B 2 6   ? 0.759   1.632   2.635   1.00 25.14 ? 399 LEU E CD2 1 
ATOM   1163 N  N   . LEU B 2 7   ? 0.570   -2.650  1.539   1.00 24.21 ? 400 LEU E N   1 
ATOM   1164 C  CA  . LEU B 2 7   ? 1.042   -3.201  0.262   1.00 23.36 ? 400 LEU E CA  1 
ATOM   1165 C  C   . LEU B 2 7   ? -0.152  -3.510  -0.606  1.00 23.11 ? 400 LEU E C   1 
ATOM   1166 O  O   . LEU B 2 7   ? -0.195  -3.111  -1.777  1.00 23.26 ? 400 LEU E O   1 
ATOM   1167 C  CB  . LEU B 2 7   ? 1.940   -4.458  0.461   1.00 23.13 ? 400 LEU E CB  1 
ATOM   1168 C  CG  . LEU B 2 7   ? 3.349   -4.179  1.009   1.00 21.61 ? 400 LEU E CG  1 
ATOM   1169 C  CD1 . LEU B 2 7   ? 4.301   -5.393  1.066   1.00 18.75 ? 400 LEU E CD1 1 
ATOM   1170 C  CD2 . LEU B 2 7   ? 3.960   -3.049  0.184   1.00 21.93 ? 400 LEU E CD2 1 
ATOM   1171 N  N   . ALA B 2 8   ? -1.133  -4.189  -0.027  1.00 22.60 ? 401 ALA E N   1 
ATOM   1172 C  CA  . ALA B 2 8   ? -2.330  -4.539  -0.773  1.00 22.78 ? 401 ALA E CA  1 
ATOM   1173 C  C   . ALA B 2 8   ? -3.016  -3.273  -1.304  1.00 22.90 ? 401 ALA E C   1 
ATOM   1174 O  O   . ALA B 2 8   ? -3.411  -3.225  -2.482  1.00 22.78 ? 401 ALA E O   1 
ATOM   1175 C  CB  . ALA B 2 8   ? -3.277  -5.354  0.085   1.00 22.90 ? 401 ALA E CB  1 
ATOM   1176 N  N   . ALA B 2 9   ? -3.126  -2.248  -0.449  1.00 22.52 ? 402 ALA E N   1 
ATOM   1177 C  CA  . ALA B 2 9   ? -3.773  -0.996  -0.841  1.00 22.89 ? 402 ALA E CA  1 
ATOM   1178 C  C   . ALA B 2 9   ? -3.047  -0.371  -2.028  1.00 22.98 ? 402 ALA E C   1 
ATOM   1179 O  O   . ALA B 2 9   ? -3.660  -0.127  -3.057  1.00 22.42 ? 402 ALA E O   1 
ATOM   1180 C  CB  . ALA B 2 9   ? -3.841  -0.008  0.333   1.00 23.40 ? 402 ALA E CB  1 
ATOM   1181 N  N   . LEU B 2 10  ? -1.740  -0.151  -1.860  1.00 23.07 ? 403 LEU E N   1 
ATOM   1182 C  CA  . LEU B 2 10  ? -0.851  0.353   -2.901  1.00 23.55 ? 403 LEU E CA  1 
ATOM   1183 C  C   . LEU B 2 10  ? -0.841  -0.471  -4.201  1.00 24.52 ? 403 LEU E C   1 
ATOM   1184 O  O   . LEU B 2 10  ? -0.923  0.095   -5.293  1.00 24.36 ? 403 LEU E O   1 
ATOM   1185 C  CB  . LEU B 2 10  ? 0.569   0.477   -2.343  1.00 23.24 ? 403 LEU E CB  1 
ATOM   1186 C  CG  . LEU B 2 10  ? 0.829   1.557   -1.279  1.00 22.16 ? 403 LEU E CG  1 
ATOM   1187 C  CD1 . LEU B 2 10  ? 2.263   1.467   -0.720  1.00 21.33 ? 403 LEU E CD1 1 
ATOM   1188 C  CD2 . LEU B 2 10  ? 0.545   2.952   -1.817  1.00 19.45 ? 403 LEU E CD2 1 
ATOM   1189 N  N   . ARG B 2 11  ? -0.739  -1.796  -4.077  1.00 25.37 ? 404 ARG E N   1 
ATOM   1190 C  CA  . ARG B 2 11  ? -0.827  -2.701  -5.214  1.00 26.65 ? 404 ARG E CA  1 
ATOM   1191 C  C   . ARG B 2 11  ? -2.194  -2.573  -5.922  1.00 27.37 ? 404 ARG E C   1 
ATOM   1192 O  O   . ARG B 2 11  ? -2.244  -2.318  -7.125  1.00 27.29 ? 404 ARG E O   1 
ATOM   1193 C  CB  . ARG B 2 11  ? -0.575  -4.138  -4.727  1.00 27.17 ? 404 ARG E CB  1 
ATOM   1194 C  CG  . ARG B 2 11  ? -0.764  -5.249  -5.741  1.00 27.97 ? 404 ARG E CG  1 
ATOM   1195 C  CD  . ARG B 2 11  ? 0.557   -5.870  -6.203  1.00 32.05 ? 404 ARG E CD  1 
ATOM   1196 N  NE  . ARG B 2 11  ? 0.450   -6.341  -7.588  1.00 33.60 ? 404 ARG E NE  1 
ATOM   1197 C  CZ  . ARG B 2 11  ? 0.699   -5.595  -8.663  1.00 33.90 ? 404 ARG E CZ  1 
ATOM   1198 N  NH1 . ARG B 2 11  ? 0.532   -6.113  -9.868  1.00 32.89 ? 404 ARG E NH1 1 
ATOM   1199 N  NH2 . ARG B 2 11  ? 1.103   -4.328  -8.543  1.00 35.24 ? 404 ARG E NH2 1 
ATOM   1200 N  N   . ARG B 2 12  ? -3.291  -2.728  -5.175  1.00 28.08 ? 405 ARG E N   1 
ATOM   1201 C  CA  . ARG B 2 12  ? -4.646  -2.691  -5.758  1.00 29.32 ? 405 ARG E CA  1 
ATOM   1202 C  C   . ARG B 2 12  ? -5.088  -1.305  -6.274  1.00 30.07 ? 405 ARG E C   1 
ATOM   1203 O  O   . ARG B 2 12  ? -5.846  -1.211  -7.241  1.00 29.62 ? 405 ARG E O   1 
ATOM   1204 C  CB  . ARG B 2 12  ? -5.677  -3.205  -4.749  1.00 29.21 ? 405 ARG E CB  1 
ATOM   1205 C  CG  . ARG B 2 12  ? -6.025  -4.677  -4.823  1.00 29.19 ? 405 ARG E CG  1 
ATOM   1206 C  CD  . ARG B 2 12  ? -5.957  -5.267  -3.402  1.00 31.03 ? 405 ARG E CD  1 
ATOM   1207 N  NE  . ARG B 2 12  ? -7.072  -6.150  -3.013  1.00 32.33 ? 405 ARG E NE  1 
ATOM   1208 C  CZ  . ARG B 2 12  ? -7.005  -7.480  -2.904  1.00 31.68 ? 405 ARG E CZ  1 
ATOM   1209 N  NH1 . ARG B 2 12  ? -5.896  -8.143  -3.188  1.00 31.17 ? 405 ARG E NH1 1 
ATOM   1210 N  NH2 . ARG B 2 12  ? -8.068  -8.164  -2.518  1.00 32.25 ? 405 ARG E NH2 1 
ATOM   1211 N  N   . ILE B 2 13  ? -4.636  -0.236  -5.623  1.00 31.84 ? 406 ILE E N   1 
ATOM   1212 C  CA  . ILE B 2 13  ? -4.977  1.128   -6.057  1.00 34.17 ? 406 ILE E CA  1 
ATOM   1213 C  C   . ILE B 2 13  ? -4.269  1.557   -7.365  1.00 35.84 ? 406 ILE E C   1 
ATOM   1214 O  O   . ILE B 2 13  ? -4.781  2.422   -8.077  1.00 35.97 ? 406 ILE E O   1 
ATOM   1215 C  CB  . ILE B 2 13  ? -4.742  2.192   -4.938  1.00 34.00 ? 406 ILE E CB  1 
ATOM   1216 C  CG1 . ILE B 2 13  ? -5.541  3.476   -5.203  1.00 34.11 ? 406 ILE E CG1 1 
ATOM   1217 C  CG2 . ILE B 2 13  ? -3.264  2.518   -4.808  1.00 33.99 ? 406 ILE E CG2 1 
ATOM   1218 C  CD1 . ILE B 2 13  ? -6.998  3.399   -4.799  1.00 36.26 ? 406 ILE E CD1 1 
ATOM   1219 N  N   . GLN B 2 14  ? -3.122  0.937   -7.669  1.00 37.83 ? 407 GLN E N   1 
ATOM   1220 C  CA  . GLN B 2 14  ? -2.274  1.290   -8.814  1.00 39.72 ? 407 GLN E CA  1 
ATOM   1221 C  C   . GLN B 2 14  ? -2.769  0.715   -10.121 1.00 41.63 ? 407 GLN E C   1 
ATOM   1222 O  O   . GLN B 2 14  ? -2.531  1.287   -11.183 1.00 41.81 ? 407 GLN E O   1 
ATOM   1223 C  CB  . GLN B 2 14  ? -0.879  0.741   -8.602  1.00 39.60 ? 407 GLN E CB  1 
ATOM   1224 C  CG  . GLN B 2 14  ? 0.238   1.661   -9.025  1.00 38.52 ? 407 GLN E CG  1 
ATOM   1225 C  CD  . GLN B 2 14  ? 1.003   2.256   -7.843  1.00 36.70 ? 407 GLN E CD  1 
ATOM   1226 O  OE1 . GLN B 2 14  ? 1.769   3.197   -8.023  1.00 39.52 ? 407 GLN E OE1 1 
ATOM   1227 N  NE2 . GLN B 2 14  ? 0.806   1.715   -6.645  1.00 33.44 ? 407 GLN E NE2 1 
ATOM   1228 N  N   . ARG B 2 15  ? -3.395  -0.454  -10.044 1.00 44.18 ? 408 ARG E N   1 
ATOM   1229 C  CA  . ARG B 2 15  ? -4.088  -1.058  -11.185 1.00 46.89 ? 408 ARG E CA  1 
ATOM   1230 C  C   . ARG B 2 15  ? -4.975  0.019   -11.867 1.00 48.00 ? 408 ARG E C   1 
ATOM   1231 O  O   . ARG B 2 15  ? -6.003  0.441   -11.309 1.00 48.39 ? 408 ARG E O   1 
ATOM   1232 C  CB  . ARG B 2 15  ? -4.879  -2.291  -10.688 1.00 46.68 ? 408 ARG E CB  1 
ATOM   1233 C  CG  . ARG B 2 15  ? -5.860  -2.944  -11.669 1.00 48.03 ? 408 ARG E CG  1 
ATOM   1234 C  CD  . ARG B 2 15  ? -6.035  -4.447  -11.363 1.00 48.54 ? 408 ARG E CD  1 
ATOM   1235 N  NE  . ARG B 2 15  ? -7.430  -4.910  -11.499 1.00 52.92 ? 408 ARG E NE  1 
ATOM   1236 C  CZ  . ARG B 2 15  ? -7.810  -6.153  -11.830 1.00 53.17 ? 408 ARG E CZ  1 
ATOM   1237 N  NH1 . ARG B 2 15  ? -6.904  -7.087  -12.096 1.00 53.12 ? 408 ARG E NH1 1 
ATOM   1238 N  NH2 . ARG B 2 15  ? -9.111  -6.462  -11.918 1.00 52.66 ? 408 ARG E NH2 1 
ATOM   1239 N  N   . ALA B 2 16  ? -4.541  0.501   -13.042 1.00 49.40 ? 409 ALA E N   1 
ATOM   1240 C  CA  . ALA B 2 16  ? -5.239  1.597   -13.759 1.00 50.44 ? 409 ALA E CA  1 
ATOM   1241 C  C   . ALA B 2 16  ? -6.321  1.114   -14.735 1.00 51.33 ? 409 ALA E C   1 
ATOM   1242 O  O   . ALA B 2 16  ? -7.113  1.916   -15.254 1.00 51.82 ? 409 ALA E O   1 
ATOM   1243 C  CB  . ALA B 2 16  ? -4.252  2.522   -14.459 1.00 50.35 ? 409 ALA E CB  1 
ATOM   1244 N  N   . ASP B 2 17  ? -6.352  -0.193  -14.991 1.00 52.09 ? 410 ASP E N   1 
ATOM   1245 C  CA  . ASP B 2 17  ? -7.543  -0.822  -15.591 1.00 52.66 ? 410 ASP E CA  1 
ATOM   1246 C  C   . ASP B 2 17  ? -7.725  -2.285  -15.170 1.00 52.95 ? 410 ASP E C   1 
ATOM   1247 O  O   . ASP B 2 17  ? -6.758  -2.991  -14.867 1.00 53.17 ? 410 ASP E O   1 
ATOM   1248 C  CB  . ASP B 2 17  ? -7.632  -0.617  -17.128 1.00 52.67 ? 410 ASP E CB  1 
ATOM   1249 C  CG  . ASP B 2 17  ? -6.415  -1.134  -17.877 1.00 52.05 ? 410 ASP E CG  1 
ATOM   1250 O  OD1 . ASP B 2 17  ? -6.309  -2.370  -18.042 1.00 50.96 ? 410 ASP E OD1 1 
ATOM   1251 O  OD2 . ASP B 2 17  ? -5.595  -0.298  -18.335 1.00 50.57 ? 410 ASP E OD2 1 
ATOM   1252 O  OXT . ASP B 2 17  ? -8.859  -2.774  -15.089 1.00 53.38 ? 410 ASP E OXT 1 
HETATM 1253 CA CA  . CA  C 3 .   ? -9.958  13.061  1.578   1.00 22.50 ? 149 CA  A CA  1 
HETATM 1254 CA CA  . CA  D 3 .   ? -17.292 6.760   -4.993  1.00 25.63 ? 150 CA  A CA  1 
HETATM 1255 CA CA  . CA  E 3 .   ? 17.775  -1.790  2.163   1.00 13.60 ? 151 CA  A CA  1 
HETATM 1256 CA CA  . CA  F 3 .   ? 13.897  -12.033 5.948   1.00 15.77 ? 152 CA  A CA  1 
HETATM 1257 O  O   . HOH G 4 .   ? -10.521 15.125  0.251   1.00 17.35 ? 153 HOH A O   1 
HETATM 1258 O  O   . HOH G 4 .   ? -16.568 8.542   -3.334  1.00 27.25 ? 154 HOH A O   1 
HETATM 1259 O  O   . HOH G 4 .   ? 19.216  -1.407  3.855   1.00 10.85 ? 155 HOH A O   1 
HETATM 1260 O  O   . HOH G 4 .   ? 15.680  -11.784 4.424   1.00 11.23 ? 156 HOH A O   1 
HETATM 1261 O  O   . HOH G 4 .   ? 11.901  6.145   -3.974  1.00 38.91 ? 157 HOH A O   1 
HETATM 1262 O  O   . HOH G 4 .   ? -13.897 -2.395  12.605  1.00 22.98 ? 158 HOH A O   1 
HETATM 1263 O  O   . HOH G 4 .   ? -11.112 12.982  -6.883  1.00 11.74 ? 159 HOH A O   1 
HETATM 1264 O  O   . HOH G 4 .   ? 2.136   -5.008  12.138  1.00 11.29 ? 160 HOH A O   1 
HETATM 1265 O  O   . HOH G 4 .   ? 0.688   16.410  -16.109 1.00 45.71 ? 161 HOH A O   1 
HETATM 1266 O  O   . HOH G 4 .   ? 6.305   7.204   -11.175 1.00 19.38 ? 162 HOH A O   1 
HETATM 1267 O  O   . HOH G 4 .   ? 7.646   5.920   10.678  1.00 27.54 ? 163 HOH A O   1 
HETATM 1268 O  O   . HOH G 4 .   ? -1.907  13.217  -19.239 1.00 43.23 ? 164 HOH A O   1 
HETATM 1269 O  O   . HOH G 4 .   ? -16.051 6.865   3.363   1.00 18.61 ? 165 HOH A O   1 
HETATM 1270 O  O   . HOH G 4 .   ? -20.420 3.481   -1.602  1.00 24.75 ? 166 HOH A O   1 
HETATM 1271 O  O   . HOH G 4 .   ? -2.257  -7.116  13.806  1.00 29.30 ? 167 HOH A O   1 
HETATM 1272 O  O   . HOH G 4 .   ? -6.472  14.076  8.663   1.00 20.30 ? 168 HOH A O   1 
HETATM 1273 O  O   . HOH G 4 .   ? 1.702   10.816  1.872   1.00 16.99 ? 169 HOH A O   1 
HETATM 1274 O  O   . HOH G 4 .   ? 9.818   -15.988 -3.093  1.00 21.93 ? 170 HOH A O   1 
HETATM 1275 O  O   . HOH G 4 .   ? 11.863  -10.362 11.941  1.00 15.53 ? 171 HOH A O   1 
HETATM 1276 O  O   . HOH G 4 .   ? -0.003  -12.096 -15.081 1.00 43.60 ? 172 HOH A O   1 
HETATM 1277 O  O   . HOH G 4 .   ? 18.469  -9.073  12.520  1.00 22.16 ? 173 HOH A O   1 
HETATM 1278 O  O   . HOH G 4 .   ? 14.222  -13.338 14.193  1.00 17.59 ? 174 HOH A O   1 
HETATM 1279 O  O   . HOH G 4 .   ? -10.260 -5.349  -6.687  1.00 37.05 ? 175 HOH A O   1 
HETATM 1280 O  O   . HOH G 4 .   ? 2.306   12.955  -9.685  1.00 19.99 ? 176 HOH A O   1 
HETATM 1281 O  O   . HOH G 4 .   ? 16.166  -10.692 -6.265  1.00 28.36 ? 177 HOH A O   1 
HETATM 1282 O  O   . HOH G 4 .   ? 18.392  0.793   6.260   1.00 30.71 ? 178 HOH A O   1 
HETATM 1283 O  O   . HOH G 4 .   ? -8.782  15.976  -1.403  1.00 30.40 ? 179 HOH A O   1 
HETATM 1284 O  O   . HOH G 4 .   ? 16.639  -0.938  10.817  1.00 25.22 ? 180 HOH A O   1 
HETATM 1285 O  O   . HOH G 4 .   ? 18.208  -13.472 2.079   1.00 20.15 ? 181 HOH A O   1 
HETATM 1286 O  O   . HOH G 4 .   ? 9.729   2.719   -7.785  1.00 32.45 ? 182 HOH A O   1 
HETATM 1287 O  O   . HOH G 4 .   ? -18.808 -11.139 16.330  1.00 39.27 ? 183 HOH A O   1 
HETATM 1288 O  O   . HOH G 4 .   ? -16.983 -11.865 10.094  1.00 21.27 ? 184 HOH A O   1 
HETATM 1289 O  O   . HOH G 4 .   ? 2.176   -2.607  13.529  1.00 18.31 ? 185 HOH A O   1 
HETATM 1290 O  O   . HOH G 4 .   ? 7.154   7.458   16.531  1.00 28.75 ? 186 HOH A O   1 
HETATM 1291 O  O   . HOH G 4 .   ? 3.209   5.806   -11.493 1.00 36.18 ? 187 HOH A O   1 
HETATM 1292 O  O   . HOH G 4 .   ? -11.935 15.442  -6.397  1.00 19.26 ? 188 HOH A O   1 
HETATM 1293 O  O   . HOH G 4 .   ? -5.596  16.526  -0.138  1.00 41.20 ? 189 HOH A O   1 
HETATM 1294 O  O   . HOH G 4 .   ? -10.707 9.110   6.973   1.00 32.50 ? 190 HOH A O   1 
HETATM 1295 O  O   . HOH G 4 .   ? 20.388  -5.162  -4.287  1.00 17.76 ? 191 HOH A O   1 
HETATM 1296 O  O   . HOH G 4 .   ? 19.834  -9.617  6.620   0.50 11.97 ? 192 HOH A O   1 
HETATM 1297 O  O   . HOH G 4 .   ? -0.779  -7.089  -3.095  1.00 42.49 ? 193 HOH A O   1 
HETATM 1298 O  O   . HOH G 4 .   ? 12.928  -9.774  -10.470 1.00 49.44 ? 194 HOH A O   1 
HETATM 1299 O  O   . HOH G 4 .   ? -14.683 17.415  2.598   1.00 40.68 ? 195 HOH A O   1 
HETATM 1300 O  O   . HOH G 4 .   ? 4.484   -14.368 -7.751  1.00 48.82 ? 196 HOH A O   1 
HETATM 1301 O  O   . HOH G 4 .   ? 16.384  -9.470  -2.223  1.00 25.16 ? 197 HOH A O   1 
HETATM 1302 O  O   . HOH G 4 .   ? 16.102  -4.235  9.943   1.00 43.54 ? 198 HOH A O   1 
HETATM 1303 O  O   . HOH G 4 .   ? 3.013   -9.344  12.729  1.00 36.20 ? 199 HOH A O   1 
HETATM 1304 O  O   . HOH G 4 .   ? 4.080   -15.357 3.347   1.00 29.78 ? 200 HOH A O   1 
HETATM 1305 O  O   . HOH G 4 .   ? -2.040  8.252   12.470  1.00 33.84 ? 201 HOH A O   1 
HETATM 1306 O  O   . HOH G 4 .   ? -2.681  -12.398 -16.429 1.00 43.08 ? 202 HOH A O   1 
HETATM 1307 O  O   . HOH G 4 .   ? -14.778 18.510  0.203   1.00 33.37 ? 203 HOH A O   1 
HETATM 1308 O  O   . HOH G 4 .   ? -7.646  -12.740 6.826   1.00 26.29 ? 204 HOH A O   1 
HETATM 1309 O  O   . HOH G 4 .   ? -0.888  -11.417 -18.048 1.00 42.55 ? 205 HOH A O   1 
HETATM 1310 O  O   . HOH G 4 .   ? -14.257 -0.752  -5.039  1.00 24.80 ? 206 HOH A O   1 
HETATM 1311 O  O   . HOH G 4 .   ? 14.074  5.870   9.398   1.00 32.67 ? 207 HOH A O   1 
HETATM 1312 O  O   . HOH G 4 .   ? -18.225 8.402   4.286   1.00 22.34 ? 208 HOH A O   1 
HETATM 1313 O  O   . HOH G 4 .   ? 16.670  -8.445  -4.846  1.00 26.76 ? 209 HOH A O   1 
HETATM 1314 O  O   . HOH G 4 .   ? -2.511  9.894   6.337   1.00 34.35 ? 210 HOH A O   1 
HETATM 1315 O  O   . HOH G 4 .   ? -2.935  -11.889 -5.727  1.00 30.60 ? 211 HOH A O   1 
HETATM 1316 O  O   . HOH G 4 .   ? 13.391  -6.127  11.902  1.00 42.45 ? 212 HOH A O   1 
HETATM 1317 O  O   . HOH G 4 .   ? 23.273  0.039   -2.819  1.00 28.24 ? 213 HOH A O   1 
HETATM 1318 O  O   . HOH G 4 .   ? 7.431   12.829  -6.540  1.00 31.10 ? 214 HOH A O   1 
HETATM 1319 O  O   . HOH G 4 .   ? 14.764  3.600   -4.479  1.00 37.62 ? 215 HOH A O   1 
HETATM 1320 O  O   . HOH G 4 .   ? 11.806  5.103   18.369  1.00 33.36 ? 216 HOH A O   1 
HETATM 1321 O  O   . HOH G 4 .   ? 9.688   -5.701  18.748  1.00 53.52 ? 217 HOH A O   1 
HETATM 1322 O  O   . HOH G 4 .   ? -21.973 9.814   -12.136 1.00 40.29 ? 218 HOH A O   1 
HETATM 1323 O  O   . HOH G 4 .   ? -18.274 9.542   -2.253  1.00 22.90 ? 219 HOH A O   1 
HETATM 1324 O  O   . HOH G 4 .   ? 23.105  0.066   -0.131  1.00 26.83 ? 220 HOH A O   1 
HETATM 1325 O  O   . HOH G 4 .   ? 15.099  3.450   18.402  1.00 41.17 ? 221 HOH A O   1 
HETATM 1326 O  O   . HOH G 4 .   ? -16.423 -11.851 16.858  1.00 36.10 ? 222 HOH A O   1 
HETATM 1327 O  O   . HOH G 4 .   ? 2.038   -13.576 3.023   1.00 41.58 ? 223 HOH A O   1 
HETATM 1328 O  O   . HOH G 4 .   ? 17.655  -5.683  -5.053  1.00 34.15 ? 224 HOH A O   1 
HETATM 1329 O  O   . HOH G 4 .   ? -2.289  11.164  13.396  1.00 34.87 ? 225 HOH A O   1 
HETATM 1330 O  O   . HOH G 4 .   ? 2.395   -12.045 12.487  1.00 26.87 ? 226 HOH A O   1 
HETATM 1331 O  O   . HOH G 4 .   ? -2.299  12.484  15.666  1.00 55.87 ? 227 HOH A O   1 
HETATM 1332 O  O   . HOH H 4 .   ? -3.773  -1.823  -14.317 1.00 31.89 ? 8   HOH E O   1 
HETATM 1333 O  O   . HOH H 4 .   ? 0.216   -7.269  1.151   1.00 19.36 ? 14  HOH E O   1 
HETATM 1334 O  O   . HOH H 4 .   ? 2.430   -2.194  -7.396  1.00 28.93 ? 19  HOH E O   1 
HETATM 1335 O  O   . HOH H 4 .   ? -8.455  2.426   -17.380 1.00 33.03 ? 27  HOH E O   1 
HETATM 1336 O  O   . HOH H 4 .   ? -11.189 -2.638  -15.863 1.00 31.67 ? 33  HOH E O   1 
HETATM 1337 O  O   . HOH H 4 .   ? -6.919  0.894   -9.073  1.00 31.33 ? 48  HOH E O   1 
HETATM 1338 O  O   . HOH H 4 .   ? 2.309   -2.892  -3.008  1.00 36.97 ? 50  HOH E O   1 
HETATM 1339 O  O   . HOH H 4 .   ? -4.126  -7.254  3.632   1.00 39.47 ? 51  HOH E O   1 
HETATM 1340 O  O   . HOH H 4 .   ? -1.130  -0.621  12.608  1.00 31.49 ? 70  HOH E O   1 
HETATM 1341 O  O   . HOH H 4 .   ? 2.572   -0.708  -4.560  1.00 40.28 ? 81  HOH E O   1 
HETATM 1342 O  O   . HOH H 4 .   ? -6.468  2.535   15.538  1.00 36.75 ? 82  HOH E O   1 
HETATM 1343 O  O   . HOH H 4 .   ? -1.628  -0.513  15.403  1.00 28.64 ? 86  HOH E O   1 
HETATM 1344 O  O   . HOH H 4 .   ? -4.128  -0.995  16.325  1.00 27.11 ? 87  HOH E O   1 
HETATM 1345 O  O   . HOH H 4 .   ? -6.593  0.139   14.858  1.00 25.85 ? 89  HOH E O   1 
HETATM 1346 O  O   . HOH H 4 .   ? -3.017  -2.296  17.883  1.00 36.14 ? 90  HOH E O   1 
# 
loop_
_pdbx_poly_seq_scheme.asym_id 
_pdbx_poly_seq_scheme.entity_id 
_pdbx_poly_seq_scheme.seq_id 
_pdbx_poly_seq_scheme.mon_id 
_pdbx_poly_seq_scheme.ndb_seq_num 
_pdbx_poly_seq_scheme.pdb_seq_num 
_pdbx_poly_seq_scheme.auth_seq_num 
_pdbx_poly_seq_scheme.pdb_mon_id 
_pdbx_poly_seq_scheme.auth_mon_id 
_pdbx_poly_seq_scheme.pdb_strand_id 
_pdbx_poly_seq_scheme.pdb_ins_code 
_pdbx_poly_seq_scheme.hetero 
A 1 1   HIS 1   -5  ?   ?   ?   A . n 
A 1 2   HIS 2   -4  ?   ?   ?   A . n 
A 1 3   HIS 3   -3  ?   ?   ?   A . n 
A 1 4   HIS 4   -2  ?   ?   ?   A . n 
A 1 5   HIS 5   -1  ?   ?   ?   A . n 
A 1 6   HIS 6   0   ?   ?   ?   A . n 
A 1 7   ALA 7   1   ?   ?   ?   A . n 
A 1 8   ASP 8   2   ?   ?   ?   A . n 
A 1 9   GLN 9   3   ?   ?   ?   A . n 
A 1 10  LEU 10  4   4   LEU LEU A . n 
A 1 11  THR 11  5   5   THR THR A . n 
A 1 12  GLU 12  6   6   GLU GLU A . n 
A 1 13  GLU 13  7   7   GLU GLU A . n 
A 1 14  GLN 14  8   8   GLN GLN A . n 
A 1 15  ILE 15  9   9   ILE ILE A . n 
A 1 16  ALA 16  10  10  ALA ALA A . n 
A 1 17  GLU 17  11  11  GLU GLU A . n 
A 1 18  PHE 18  12  12  PHE PHE A . n 
A 1 19  LYS 19  13  13  LYS LYS A . n 
A 1 20  GLU 20  14  14  GLU GLU A . n 
A 1 21  ALA 21  15  15  ALA ALA A . n 
A 1 22  PHE 22  16  16  PHE PHE A . n 
A 1 23  SER 23  17  17  SER SER A . n 
A 1 24  LEU 24  18  18  LEU LEU A . n 
A 1 25  PHE 25  19  19  PHE PHE A . n 
A 1 26  ASP 26  20  20  ASP ASP A . n 
A 1 27  LYS 27  21  21  LYS LYS A . n 
A 1 28  ASP 28  22  22  ASP ASP A . n 
A 1 29  GLY 29  23  23  GLY GLY A . n 
A 1 30  ASP 30  24  24  ASP ASP A . n 
A 1 31  GLY 31  25  25  GLY GLY A . n 
A 1 32  THR 32  26  26  THR THR A . n 
A 1 33  ILE 33  27  27  ILE ILE A . n 
A 1 34  THR 34  28  28  THR THR A . n 
A 1 35  THR 35  29  29  THR THR A . n 
A 1 36  LYS 36  30  30  LYS LYS A . n 
A 1 37  GLU 37  31  31  GLU GLU A . n 
A 1 38  LEU 38  32  32  LEU LEU A . n 
A 1 39  GLY 39  33  33  GLY GLY A . n 
A 1 40  THR 40  34  34  THR THR A . n 
A 1 41  VAL 41  35  35  VAL VAL A . n 
A 1 42  MET 42  36  36  MET MET A . n 
A 1 43  ARG 43  37  37  ARG ARG A . n 
A 1 44  SER 44  38  38  SER SER A . n 
A 1 45  LEU 45  39  39  LEU LEU A . n 
A 1 46  GLY 46  40  40  GLY GLY A . n 
A 1 47  GLN 47  41  41  GLN GLN A . n 
A 1 48  ASN 48  42  42  ASN ASN A . n 
A 1 49  PRO 49  43  43  PRO PRO A . n 
A 1 50  THR 50  44  44  THR THR A . n 
A 1 51  GLU 51  45  45  GLU GLU A . n 
A 1 52  ALA 52  46  46  ALA ALA A . n 
A 1 53  GLU 53  47  47  GLU GLU A . n 
A 1 54  LEU 54  48  48  LEU LEU A . n 
A 1 55  GLN 55  49  49  GLN GLN A . n 
A 1 56  ASP 56  50  50  ASP ASP A . n 
A 1 57  MET 57  51  51  MET MET A . n 
A 1 58  ILE 58  52  52  ILE ILE A . n 
A 1 59  ASN 59  53  53  ASN ASN A . n 
A 1 60  GLU 60  54  54  GLU GLU A . n 
A 1 61  VAL 61  55  55  VAL VAL A . n 
A 1 62  ASP 62  56  56  ASP ASP A . n 
A 1 63  ALA 63  57  57  ALA ALA A . n 
A 1 64  ASP 64  58  58  ASP ASP A . n 
A 1 65  GLY 65  59  59  GLY GLY A . n 
A 1 66  ASN 66  60  60  ASN ASN A . n 
A 1 67  GLY 67  61  61  GLY GLY A . n 
A 1 68  THR 68  62  62  THR THR A . n 
A 1 69  ILE 69  63  63  ILE ILE A . n 
A 1 70  ASP 70  64  64  ASP ASP A . n 
A 1 71  PHE 71  65  65  PHE PHE A . n 
A 1 72  PRO 72  66  66  PRO PRO A . n 
A 1 73  GLU 73  67  67  GLU GLU A . n 
A 1 74  PHE 74  68  68  PHE PHE A . n 
A 1 75  LEU 75  69  69  LEU LEU A . n 
A 1 76  THR 76  70  70  THR THR A . n 
A 1 77  MET 77  71  71  MET MET A . n 
A 1 78  MET 78  72  72  MET MET A . n 
A 1 79  ALA 79  73  73  ALA ALA A . n 
A 1 80  ARG 80  74  74  ARG ARG A . n 
A 1 81  LYS 81  75  75  LYS LYS A . n 
A 1 82  MET 82  76  76  MET MET A . n 
A 1 83  LYS 83  77  77  LYS LYS A . n 
A 1 84  ASP 84  78  78  ASP ASP A . n 
A 1 85  THR 85  79  79  THR THR A . n 
A 1 86  ASP 86  80  80  ASP ASP A . n 
A 1 87  SER 87  81  81  SER SER A . n 
A 1 88  GLU 88  82  82  GLU GLU A . n 
A 1 89  GLU 89  83  83  GLU GLU A . n 
A 1 90  GLU 90  84  84  GLU GLU A . n 
A 1 91  ILE 91  85  85  ILE ILE A . n 
A 1 92  ARG 92  86  86  ARG ARG A . n 
A 1 93  GLU 93  87  87  GLU GLU A . n 
A 1 94  ALA 94  88  88  ALA ALA A . n 
A 1 95  PHE 95  89  89  PHE PHE A . n 
A 1 96  ARG 96  90  90  ARG ARG A . n 
A 1 97  VAL 97  91  91  VAL VAL A . n 
A 1 98  PHE 98  92  92  PHE PHE A . n 
A 1 99  ASP 99  93  93  ASP ASP A . n 
A 1 100 LYS 100 94  94  LYS LYS A . n 
A 1 101 ASP 101 95  95  ASP ASP A . n 
A 1 102 GLY 102 96  96  GLY GLY A . n 
A 1 103 ASN 103 97  97  ASN ASN A . n 
A 1 104 GLY 104 98  98  GLY GLY A . n 
A 1 105 TYR 105 99  99  TYR TYR A . n 
A 1 106 ILE 106 100 100 ILE ILE A . n 
A 1 107 SER 107 101 101 SER SER A . n 
A 1 108 ALA 108 102 102 ALA ALA A . n 
A 1 109 ALA 109 103 103 ALA ALA A . n 
A 1 110 GLU 110 104 104 GLU GLU A . n 
A 1 111 LEU 111 105 105 LEU LEU A . n 
A 1 112 ARG 112 106 106 ARG ARG A . n 
A 1 113 HIS 113 107 107 HIS HIS A . n 
A 1 114 VAL 114 108 108 VAL VAL A . n 
A 1 115 MET 115 109 109 MET MET A . n 
A 1 116 THR 116 110 110 THR THR A . n 
A 1 117 ASN 117 111 111 ASN ASN A . n 
A 1 118 LEU 118 112 112 LEU LEU A . n 
A 1 119 GLY 119 113 113 GLY GLY A . n 
A 1 120 GLU 120 114 114 GLU GLU A . n 
A 1 121 LYS 121 115 115 LYS LYS A . n 
A 1 122 LEU 122 116 116 LEU LEU A . n 
A 1 123 THR 123 117 117 THR THR A . n 
A 1 124 ASP 124 118 118 ASP ASP A . n 
A 1 125 GLU 125 119 119 GLU GLU A . n 
A 1 126 GLU 126 120 120 GLU GLU A . n 
A 1 127 VAL 127 121 121 VAL VAL A . n 
A 1 128 ASP 128 122 122 ASP ASP A . n 
A 1 129 GLU 129 123 123 GLU GLU A . n 
A 1 130 MET 130 124 124 MET MET A . n 
A 1 131 ILE 131 125 125 ILE ILE A . n 
A 1 132 ARG 132 126 126 ARG ARG A . n 
A 1 133 GLU 133 127 127 GLU GLU A . n 
A 1 134 ALA 134 128 128 ALA ALA A . n 
A 1 135 ASP 135 129 129 ASP ASP A . n 
A 1 136 ILE 136 130 130 ILE ILE A . n 
A 1 137 ASP 137 131 131 ASP ASP A . n 
A 1 138 GLY 138 132 132 GLY GLY A . n 
A 1 139 ASP 139 133 133 ASP ASP A . n 
A 1 140 GLY 140 134 134 GLY GLY A . n 
A 1 141 GLN 141 135 135 GLN GLN A . n 
A 1 142 VAL 142 136 136 VAL VAL A . n 
A 1 143 ASN 143 137 137 ASN ASN A . n 
A 1 144 TYR 144 138 138 TYR TYR A . n 
A 1 145 GLU 145 139 139 GLU GLU A . n 
A 1 146 GLU 146 140 140 GLU GLU A . n 
A 1 147 PHE 147 141 141 PHE PHE A . n 
A 1 148 VAL 148 142 142 VAL VAL A . n 
A 1 149 GLN 149 143 143 GLN GLN A . n 
A 1 150 MET 150 144 144 MET MET A . n 
A 1 151 MET 151 145 145 MET MET A . n 
A 1 152 THR 152 146 146 THR THR A . n 
A 1 153 ALA 153 147 147 ALA ALA A . n 
A 1 154 LYS 154 148 148 LYS LYS A . n 
B 2 1   ALA 1   394 394 ALA ALA E . n 
B 2 2   THR 2   395 395 THR THR E . n 
B 2 3   LEU 3   396 396 LEU LEU E . n 
B 2 4   ASP 4   397 397 ASP ASP E . n 
B 2 5   ALA 5   398 398 ALA ALA E . n 
B 2 6   LEU 6   399 399 LEU LEU E . n 
B 2 7   LEU 7   400 400 LEU LEU E . n 
B 2 8   ALA 8   401 401 ALA ALA E . n 
B 2 9   ALA 9   402 402 ALA ALA E . n 
B 2 10  LEU 10  403 403 LEU LEU E . n 
B 2 11  ARG 11  404 404 ARG ARG E . n 
B 2 12  ARG 12  405 405 ARG ARG E . n 
B 2 13  ILE 13  406 406 ILE ILE E . n 
B 2 14  GLN 14  407 407 GLN GLN E . n 
B 2 15  ARG 15  408 408 ARG ARG E . n 
B 2 16  ALA 16  409 409 ALA ALA E . n 
B 2 17  ASP 17  410 410 ASP ASP E . n 
# 
loop_
_pdbx_nonpoly_scheme.asym_id 
_pdbx_nonpoly_scheme.entity_id 
_pdbx_nonpoly_scheme.mon_id 
_pdbx_nonpoly_scheme.ndb_seq_num 
_pdbx_nonpoly_scheme.pdb_seq_num 
_pdbx_nonpoly_scheme.auth_seq_num 
_pdbx_nonpoly_scheme.pdb_mon_id 
_pdbx_nonpoly_scheme.auth_mon_id 
_pdbx_nonpoly_scheme.pdb_strand_id 
_pdbx_nonpoly_scheme.pdb_ins_code 
C 3 CA  1  149 149 CA  CA  A . 
D 3 CA  1  150 150 CA  CA  A . 
E 3 CA  1  151 151 CA  CA  A . 
F 3 CA  1  152 152 CA  CA  A . 
G 4 HOH 1  153 1   HOH HOH A . 
G 4 HOH 2  154 2   HOH HOH A . 
G 4 HOH 3  155 3   HOH HOH A . 
G 4 HOH 4  156 4   HOH HOH A . 
G 4 HOH 5  157 5   HOH HOH A . 
G 4 HOH 6  158 6   HOH HOH A . 
G 4 HOH 7  159 7   HOH HOH A . 
G 4 HOH 8  160 9   HOH HOH A . 
G 4 HOH 9  161 10  HOH HOH A . 
G 4 HOH 10 162 11  HOH HOH A . 
G 4 HOH 11 163 12  HOH HOH A . 
G 4 HOH 12 164 13  HOH HOH A . 
G 4 HOH 13 165 15  HOH HOH A . 
G 4 HOH 14 166 16  HOH HOH A . 
G 4 HOH 15 167 17  HOH HOH A . 
G 4 HOH 16 168 18  HOH HOH A . 
G 4 HOH 17 169 20  HOH HOH A . 
G 4 HOH 18 170 21  HOH HOH A . 
G 4 HOH 19 171 22  HOH HOH A . 
G 4 HOH 20 172 23  HOH HOH A . 
G 4 HOH 21 173 24  HOH HOH A . 
G 4 HOH 22 174 25  HOH HOH A . 
G 4 HOH 23 175 26  HOH HOH A . 
G 4 HOH 24 176 28  HOH HOH A . 
G 4 HOH 25 177 29  HOH HOH A . 
G 4 HOH 26 178 30  HOH HOH A . 
G 4 HOH 27 179 31  HOH HOH A . 
G 4 HOH 28 180 32  HOH HOH A . 
G 4 HOH 29 181 34  HOH HOH A . 
G 4 HOH 30 182 35  HOH HOH A . 
G 4 HOH 31 183 36  HOH HOH A . 
G 4 HOH 32 184 37  HOH HOH A . 
G 4 HOH 33 185 38  HOH HOH A . 
G 4 HOH 34 186 39  HOH HOH A . 
G 4 HOH 35 187 40  HOH HOH A . 
G 4 HOH 36 188 41  HOH HOH A . 
G 4 HOH 37 189 42  HOH HOH A . 
G 4 HOH 38 190 43  HOH HOH A . 
G 4 HOH 39 191 44  HOH HOH A . 
G 4 HOH 40 192 45  HOH HOH A . 
G 4 HOH 41 193 46  HOH HOH A . 
G 4 HOH 42 194 47  HOH HOH A . 
G 4 HOH 43 195 49  HOH HOH A . 
G 4 HOH 44 196 52  HOH HOH A . 
G 4 HOH 45 197 53  HOH HOH A . 
G 4 HOH 46 198 54  HOH HOH A . 
G 4 HOH 47 199 55  HOH HOH A . 
G 4 HOH 48 200 56  HOH HOH A . 
G 4 HOH 49 201 57  HOH HOH A . 
G 4 HOH 50 202 58  HOH HOH A . 
G 4 HOH 51 203 59  HOH HOH A . 
G 4 HOH 52 204 60  HOH HOH A . 
G 4 HOH 53 205 61  HOH HOH A . 
G 4 HOH 54 206 62  HOH HOH A . 
G 4 HOH 55 207 63  HOH HOH A . 
G 4 HOH 56 208 64  HOH HOH A . 
G 4 HOH 57 209 65  HOH HOH A . 
G 4 HOH 58 210 66  HOH HOH A . 
G 4 HOH 59 211 67  HOH HOH A . 
G 4 HOH 60 212 68  HOH HOH A . 
G 4 HOH 61 213 69  HOH HOH A . 
G 4 HOH 62 214 71  HOH HOH A . 
G 4 HOH 63 215 72  HOH HOH A . 
G 4 HOH 64 216 73  HOH HOH A . 
G 4 HOH 65 217 74  HOH HOH A . 
G 4 HOH 66 218 75  HOH HOH A . 
G 4 HOH 67 219 76  HOH HOH A . 
G 4 HOH 68 220 77  HOH HOH A . 
G 4 HOH 69 221 78  HOH HOH A . 
G 4 HOH 70 222 79  HOH HOH A . 
G 4 HOH 71 223 80  HOH HOH A . 
G 4 HOH 72 224 83  HOH HOH A . 
G 4 HOH 73 225 84  HOH HOH A . 
G 4 HOH 74 226 85  HOH HOH A . 
G 4 HOH 75 227 88  HOH HOH A . 
H 4 HOH 1  8   8   HOH HOH E . 
H 4 HOH 2  14  14  HOH HOH E . 
H 4 HOH 3  19  19  HOH HOH E . 
H 4 HOH 4  27  27  HOH HOH E . 
H 4 HOH 5  33  33  HOH HOH E . 
H 4 HOH 6  48  48  HOH HOH E . 
H 4 HOH 7  50  50  HOH HOH E . 
H 4 HOH 8  51  51  HOH HOH E . 
H 4 HOH 9  70  70  HOH HOH E . 
H 4 HOH 10 81  81  HOH HOH E . 
H 4 HOH 11 82  82  HOH HOH E . 
H 4 HOH 12 86  86  HOH HOH E . 
H 4 HOH 13 87  87  HOH HOH E . 
H 4 HOH 14 89  89  HOH HOH E . 
H 4 HOH 15 90  90  HOH HOH E . 
# 
_pdbx_struct_assembly.id                   1 
_pdbx_struct_assembly.details              author_and_software_defined_assembly 
_pdbx_struct_assembly.method_details       PISA 
_pdbx_struct_assembly.oligomeric_details   dimeric 
_pdbx_struct_assembly.oligomeric_count     2 
# 
_pdbx_struct_assembly_gen.assembly_id       1 
_pdbx_struct_assembly_gen.oper_expression   1 
_pdbx_struct_assembly_gen.asym_id_list      A,B,C,D,E,F,G,H 
# 
loop_
_pdbx_struct_assembly_prop.biol_id 
_pdbx_struct_assembly_prop.type 
_pdbx_struct_assembly_prop.value 
_pdbx_struct_assembly_prop.details 
1 'ABSA (A^2)' 2660 ? 
1 MORE         -72  ? 
1 'SSA (A^2)'  8940 ? 
# 
_pdbx_struct_oper_list.id                   1 
_pdbx_struct_oper_list.type                 'identity operation' 
_pdbx_struct_oper_list.name                 1_555 
_pdbx_struct_oper_list.symmetry_operation   x,y,z 
_pdbx_struct_oper_list.matrix[1][1]         1.0000000000 
_pdbx_struct_oper_list.matrix[1][2]         0.0000000000 
_pdbx_struct_oper_list.matrix[1][3]         0.0000000000 
_pdbx_struct_oper_list.vector[1]            0.0000000000 
_pdbx_struct_oper_list.matrix[2][1]         0.0000000000 
_pdbx_struct_oper_list.matrix[2][2]         1.0000000000 
_pdbx_struct_oper_list.matrix[2][3]         0.0000000000 
_pdbx_struct_oper_list.vector[2]            0.0000000000 
_pdbx_struct_oper_list.matrix[3][1]         0.0000000000 
_pdbx_struct_oper_list.matrix[3][2]         0.0000000000 
_pdbx_struct_oper_list.matrix[3][3]         1.0000000000 
_pdbx_struct_oper_list.vector[3]            0.0000000000 
# 
_pdbx_struct_special_symmetry.id              1 
_pdbx_struct_special_symmetry.PDB_model_num   1 
_pdbx_struct_special_symmetry.auth_asym_id    A 
_pdbx_struct_special_symmetry.auth_comp_id    HOH 
_pdbx_struct_special_symmetry.auth_seq_id     192 
_pdbx_struct_special_symmetry.PDB_ins_code    ? 
_pdbx_struct_special_symmetry.label_asym_id   G 
_pdbx_struct_special_symmetry.label_comp_id   HOH 
_pdbx_struct_special_symmetry.label_seq_id    . 
# 
loop_
_pdbx_struct_conn_angle.id 
_pdbx_struct_conn_angle.ptnr1_label_atom_id 
_pdbx_struct_conn_angle.ptnr1_label_alt_id 
_pdbx_struct_conn_angle.ptnr1_label_asym_id 
_pdbx_struct_conn_angle.ptnr1_label_comp_id 
_pdbx_struct_conn_angle.ptnr1_label_seq_id 
_pdbx_struct_conn_angle.ptnr1_auth_atom_id 
_pdbx_struct_conn_angle.ptnr1_auth_asym_id 
_pdbx_struct_conn_angle.ptnr1_auth_comp_id 
_pdbx_struct_conn_angle.ptnr1_auth_seq_id 
_pdbx_struct_conn_angle.ptnr1_PDB_ins_code 
_pdbx_struct_conn_angle.ptnr1_symmetry 
_pdbx_struct_conn_angle.ptnr2_label_atom_id 
_pdbx_struct_conn_angle.ptnr2_label_alt_id 
_pdbx_struct_conn_angle.ptnr2_label_asym_id 
_pdbx_struct_conn_angle.ptnr2_label_comp_id 
_pdbx_struct_conn_angle.ptnr2_label_seq_id 
_pdbx_struct_conn_angle.ptnr2_auth_atom_id 
_pdbx_struct_conn_angle.ptnr2_auth_asym_id 
_pdbx_struct_conn_angle.ptnr2_auth_comp_id 
_pdbx_struct_conn_angle.ptnr2_auth_seq_id 
_pdbx_struct_conn_angle.ptnr2_PDB_ins_code 
_pdbx_struct_conn_angle.ptnr2_symmetry 
_pdbx_struct_conn_angle.ptnr3_label_atom_id 
_pdbx_struct_conn_angle.ptnr3_label_alt_id 
_pdbx_struct_conn_angle.ptnr3_label_asym_id 
_pdbx_struct_conn_angle.ptnr3_label_comp_id 
_pdbx_struct_conn_angle.ptnr3_label_seq_id 
_pdbx_struct_conn_angle.ptnr3_auth_atom_id 
_pdbx_struct_conn_angle.ptnr3_auth_asym_id 
_pdbx_struct_conn_angle.ptnr3_auth_comp_id 
_pdbx_struct_conn_angle.ptnr3_auth_seq_id 
_pdbx_struct_conn_angle.ptnr3_PDB_ins_code 
_pdbx_struct_conn_angle.ptnr3_symmetry 
_pdbx_struct_conn_angle.value 
_pdbx_struct_conn_angle.value_esd 
1  OD1 ? A ASP 26  ? A ASP 20  ? 1_555 CA ? C CA . ? A CA 149 ? 1_555 OD1 ? A ASP 28  ? A ASP 22  ? 1_555 82.6  ? 
2  OD1 ? A ASP 26  ? A ASP 20  ? 1_555 CA ? C CA . ? A CA 149 ? 1_555 OD1 ? A ASP 30  ? A ASP 24  ? 1_555 80.7  ? 
3  OD1 ? A ASP 28  ? A ASP 22  ? 1_555 CA ? C CA . ? A CA 149 ? 1_555 OD1 ? A ASP 30  ? A ASP 24  ? 1_555 72.3  ? 
4  OD1 ? A ASP 26  ? A ASP 20  ? 1_555 CA ? C CA . ? A CA 149 ? 1_555 O   ? A THR 32  ? A THR 26  ? 1_555 77.6  ? 
5  OD1 ? A ASP 28  ? A ASP 22  ? 1_555 CA ? C CA . ? A CA 149 ? 1_555 O   ? A THR 32  ? A THR 26  ? 1_555 149.0 ? 
6  OD1 ? A ASP 30  ? A ASP 24  ? 1_555 CA ? C CA . ? A CA 149 ? 1_555 O   ? A THR 32  ? A THR 26  ? 1_555 81.1  ? 
7  OD1 ? A ASP 26  ? A ASP 20  ? 1_555 CA ? C CA . ? A CA 149 ? 1_555 OE1 ? A GLU 37  ? A GLU 31  ? 1_555 117.8 ? 
8  OD1 ? A ASP 28  ? A ASP 22  ? 1_555 CA ? C CA . ? A CA 149 ? 1_555 OE1 ? A GLU 37  ? A GLU 31  ? 1_555 127.6 ? 
9  OD1 ? A ASP 30  ? A ASP 24  ? 1_555 CA ? C CA . ? A CA 149 ? 1_555 OE1 ? A GLU 37  ? A GLU 31  ? 1_555 152.2 ? 
10 O   ? A THR 32  ? A THR 26  ? 1_555 CA ? C CA . ? A CA 149 ? 1_555 OE1 ? A GLU 37  ? A GLU 31  ? 1_555 83.1  ? 
11 OD1 ? A ASP 26  ? A ASP 20  ? 1_555 CA ? C CA . ? A CA 149 ? 1_555 OE2 ? A GLU 37  ? A GLU 31  ? 1_555 106.8 ? 
12 OD1 ? A ASP 28  ? A ASP 22  ? 1_555 CA ? C CA . ? A CA 149 ? 1_555 OE2 ? A GLU 37  ? A GLU 31  ? 1_555 78.0  ? 
13 OD1 ? A ASP 30  ? A ASP 24  ? 1_555 CA ? C CA . ? A CA 149 ? 1_555 OE2 ? A GLU 37  ? A GLU 31  ? 1_555 148.1 ? 
14 O   ? A THR 32  ? A THR 26  ? 1_555 CA ? C CA . ? A CA 149 ? 1_555 OE2 ? A GLU 37  ? A GLU 31  ? 1_555 130.6 ? 
15 OE1 ? A GLU 37  ? A GLU 31  ? 1_555 CA ? C CA . ? A CA 149 ? 1_555 OE2 ? A GLU 37  ? A GLU 31  ? 1_555 50.6  ? 
16 OD1 ? A ASP 26  ? A ASP 20  ? 1_555 CA ? C CA . ? A CA 149 ? 1_555 O   ? G HOH .   ? A HOH 153 ? 1_555 156.9 ? 
17 OD1 ? A ASP 28  ? A ASP 22  ? 1_555 CA ? C CA . ? A CA 149 ? 1_555 O   ? G HOH .   ? A HOH 153 ? 1_555 79.0  ? 
18 OD1 ? A ASP 30  ? A ASP 24  ? 1_555 CA ? C CA . ? A CA 149 ? 1_555 O   ? G HOH .   ? A HOH 153 ? 1_555 80.5  ? 
19 O   ? A THR 32  ? A THR 26  ? 1_555 CA ? C CA . ? A CA 149 ? 1_555 O   ? G HOH .   ? A HOH 153 ? 1_555 112.5 ? 
20 OE1 ? A GLU 37  ? A GLU 31  ? 1_555 CA ? C CA . ? A CA 149 ? 1_555 O   ? G HOH .   ? A HOH 153 ? 1_555 84.7  ? 
21 OE2 ? A GLU 37  ? A GLU 31  ? 1_555 CA ? C CA . ? A CA 149 ? 1_555 O   ? G HOH .   ? A HOH 153 ? 1_555 82.9  ? 
22 OD1 ? A ASP 62  ? A ASP 56  ? 1_555 CA ? D CA . ? A CA 150 ? 1_555 OD1 ? A ASP 64  ? A ASP 58  ? 1_555 71.2  ? 
23 OD1 ? A ASP 62  ? A ASP 56  ? 1_555 CA ? D CA . ? A CA 150 ? 1_555 OD1 ? A ASN 66  ? A ASN 60  ? 1_555 79.4  ? 
24 OD1 ? A ASP 64  ? A ASP 58  ? 1_555 CA ? D CA . ? A CA 150 ? 1_555 OD1 ? A ASN 66  ? A ASN 60  ? 1_555 74.8  ? 
25 OD1 ? A ASP 62  ? A ASP 56  ? 1_555 CA ? D CA . ? A CA 150 ? 1_555 O   ? A THR 68  ? A THR 62  ? 1_555 70.0  ? 
26 OD1 ? A ASP 64  ? A ASP 58  ? 1_555 CA ? D CA . ? A CA 150 ? 1_555 O   ? A THR 68  ? A THR 62  ? 1_555 138.0 ? 
27 OD1 ? A ASN 66  ? A ASN 60  ? 1_555 CA ? D CA . ? A CA 150 ? 1_555 O   ? A THR 68  ? A THR 62  ? 1_555 83.1  ? 
28 OD1 ? A ASP 62  ? A ASP 56  ? 1_555 CA ? D CA . ? A CA 150 ? 1_555 OE1 ? A GLU 73  ? A GLU 67  ? 1_555 102.1 ? 
29 OD1 ? A ASP 64  ? A ASP 58  ? 1_555 CA ? D CA . ? A CA 150 ? 1_555 OE1 ? A GLU 73  ? A GLU 67  ? 1_555 126.8 ? 
30 OD1 ? A ASN 66  ? A ASN 60  ? 1_555 CA ? D CA . ? A CA 150 ? 1_555 OE1 ? A GLU 73  ? A GLU 67  ? 1_555 157.9 ? 
31 O   ? A THR 68  ? A THR 62  ? 1_555 CA ? D CA . ? A CA 150 ? 1_555 OE1 ? A GLU 73  ? A GLU 67  ? 1_555 77.0  ? 
32 OD1 ? A ASP 62  ? A ASP 56  ? 1_555 CA ? D CA . ? A CA 150 ? 1_555 OE2 ? A GLU 73  ? A GLU 67  ? 1_555 90.0  ? 
33 OD1 ? A ASP 64  ? A ASP 58  ? 1_555 CA ? D CA . ? A CA 150 ? 1_555 OE2 ? A GLU 73  ? A GLU 67  ? 1_555 73.4  ? 
34 OD1 ? A ASN 66  ? A ASN 60  ? 1_555 CA ? D CA . ? A CA 150 ? 1_555 OE2 ? A GLU 73  ? A GLU 67  ? 1_555 148.2 ? 
35 O   ? A THR 68  ? A THR 62  ? 1_555 CA ? D CA . ? A CA 150 ? 1_555 OE2 ? A GLU 73  ? A GLU 67  ? 1_555 121.5 ? 
36 OE1 ? A GLU 73  ? A GLU 67  ? 1_555 CA ? D CA . ? A CA 150 ? 1_555 OE2 ? A GLU 73  ? A GLU 67  ? 1_555 53.6  ? 
37 OD1 ? A ASP 62  ? A ASP 56  ? 1_555 CA ? D CA . ? A CA 150 ? 1_555 O   ? G HOH .   ? A HOH 154 ? 1_555 129.2 ? 
38 OD1 ? A ASP 64  ? A ASP 58  ? 1_555 CA ? D CA . ? A CA 150 ? 1_555 O   ? G HOH .   ? A HOH 154 ? 1_555 131.8 ? 
39 OD1 ? A ASN 66  ? A ASN 60  ? 1_555 CA ? D CA . ? A CA 150 ? 1_555 O   ? G HOH .   ? A HOH 154 ? 1_555 69.1  ? 
40 O   ? A THR 68  ? A THR 62  ? 1_555 CA ? D CA . ? A CA 150 ? 1_555 O   ? G HOH .   ? A HOH 154 ? 1_555 67.5  ? 
41 OE1 ? A GLU 73  ? A GLU 67  ? 1_555 CA ? D CA . ? A CA 150 ? 1_555 O   ? G HOH .   ? A HOH 154 ? 1_555 94.3  ? 
42 OE2 ? A GLU 73  ? A GLU 67  ? 1_555 CA ? D CA . ? A CA 150 ? 1_555 O   ? G HOH .   ? A HOH 154 ? 1_555 136.1 ? 
43 OD1 ? A ASP 99  ? A ASP 93  ? 1_555 CA ? E CA . ? A CA 151 ? 1_555 OD1 ? A ASP 101 ? A ASP 95  ? 1_555 88.1  ? 
44 OD1 ? A ASP 99  ? A ASP 93  ? 1_555 CA ? E CA . ? A CA 151 ? 1_555 OD1 ? A ASN 103 ? A ASN 97  ? 1_555 85.4  ? 
45 OD1 ? A ASP 101 ? A ASP 95  ? 1_555 CA ? E CA . ? A CA 151 ? 1_555 OD1 ? A ASN 103 ? A ASN 97  ? 1_555 79.0  ? 
46 OD1 ? A ASP 99  ? A ASP 93  ? 1_555 CA ? E CA . ? A CA 151 ? 1_555 O   ? A TYR 105 ? A TYR 99  ? 1_555 83.2  ? 
47 OD1 ? A ASP 101 ? A ASP 95  ? 1_555 CA ? E CA . ? A CA 151 ? 1_555 O   ? A TYR 105 ? A TYR 99  ? 1_555 157.8 ? 
48 OD1 ? A ASN 103 ? A ASN 97  ? 1_555 CA ? E CA . ? A CA 151 ? 1_555 O   ? A TYR 105 ? A TYR 99  ? 1_555 80.0  ? 
49 OD1 ? A ASP 99  ? A ASP 93  ? 1_555 CA ? E CA . ? A CA 151 ? 1_555 OE1 ? A GLU 110 ? A GLU 104 ? 1_555 99.7  ? 
50 OD1 ? A ASP 101 ? A ASP 95  ? 1_555 CA ? E CA . ? A CA 151 ? 1_555 OE1 ? A GLU 110 ? A GLU 104 ? 1_555 119.6 ? 
51 OD1 ? A ASN 103 ? A ASN 97  ? 1_555 CA ? E CA . ? A CA 151 ? 1_555 OE1 ? A GLU 110 ? A GLU 104 ? 1_555 160.7 ? 
52 O   ? A TYR 105 ? A TYR 99  ? 1_555 CA ? E CA . ? A CA 151 ? 1_555 OE1 ? A GLU 110 ? A GLU 104 ? 1_555 82.2  ? 
53 OD1 ? A ASP 99  ? A ASP 93  ? 1_555 CA ? E CA . ? A CA 151 ? 1_555 OE2 ? A GLU 110 ? A GLU 104 ? 1_555 96.7  ? 
54 OD1 ? A ASP 101 ? A ASP 95  ? 1_555 CA ? E CA . ? A CA 151 ? 1_555 OE2 ? A GLU 110 ? A GLU 104 ? 1_555 65.0  ? 
55 OD1 ? A ASN 103 ? A ASN 97  ? 1_555 CA ? E CA . ? A CA 151 ? 1_555 OE2 ? A GLU 110 ? A GLU 104 ? 1_555 143.7 ? 
56 O   ? A TYR 105 ? A TYR 99  ? 1_555 CA ? E CA . ? A CA 151 ? 1_555 OE2 ? A GLU 110 ? A GLU 104 ? 1_555 136.3 ? 
57 OE1 ? A GLU 110 ? A GLU 104 ? 1_555 CA ? E CA . ? A CA 151 ? 1_555 OE2 ? A GLU 110 ? A GLU 104 ? 1_555 54.6  ? 
58 OD1 ? A ASP 99  ? A ASP 93  ? 1_555 CA ? E CA . ? A CA 151 ? 1_555 O   ? G HOH .   ? A HOH 155 ? 1_555 164.5 ? 
59 OD1 ? A ASP 101 ? A ASP 95  ? 1_555 CA ? E CA . ? A CA 151 ? 1_555 O   ? G HOH .   ? A HOH 155 ? 1_555 78.4  ? 
60 OD1 ? A ASN 103 ? A ASN 97  ? 1_555 CA ? E CA . ? A CA 151 ? 1_555 O   ? G HOH .   ? A HOH 155 ? 1_555 84.5  ? 
61 O   ? A TYR 105 ? A TYR 99  ? 1_555 CA ? E CA . ? A CA 151 ? 1_555 O   ? G HOH .   ? A HOH 155 ? 1_555 106.6 ? 
62 OE1 ? A GLU 110 ? A GLU 104 ? 1_555 CA ? E CA . ? A CA 151 ? 1_555 O   ? G HOH .   ? A HOH 155 ? 1_555 93.6  ? 
63 OE2 ? A GLU 110 ? A GLU 104 ? 1_555 CA ? E CA . ? A CA 151 ? 1_555 O   ? G HOH .   ? A HOH 155 ? 1_555 84.7  ? 
64 OD1 ? A ASP 135 ? A ASP 129 ? 1_555 CA ? F CA . ? A CA 152 ? 1_555 OD1 ? A ASP 137 ? A ASP 131 ? 1_555 88.2  ? 
65 OD1 ? A ASP 135 ? A ASP 129 ? 1_555 CA ? F CA . ? A CA 152 ? 1_555 OD1 ? A ASP 139 ? A ASP 133 ? 1_555 94.5  ? 
66 OD1 ? A ASP 137 ? A ASP 131 ? 1_555 CA ? F CA . ? A CA 152 ? 1_555 OD1 ? A ASP 139 ? A ASP 133 ? 1_555 80.2  ? 
67 OD1 ? A ASP 135 ? A ASP 129 ? 1_555 CA ? F CA . ? A CA 152 ? 1_555 O   ? A GLN 141 ? A GLN 135 ? 1_555 89.8  ? 
68 OD1 ? A ASP 137 ? A ASP 131 ? 1_555 CA ? F CA . ? A CA 152 ? 1_555 O   ? A GLN 141 ? A GLN 135 ? 1_555 157.6 ? 
69 OD1 ? A ASP 139 ? A ASP 133 ? 1_555 CA ? F CA . ? A CA 152 ? 1_555 O   ? A GLN 141 ? A GLN 135 ? 1_555 77.7  ? 
70 OD1 ? A ASP 135 ? A ASP 129 ? 1_555 CA ? F CA . ? A CA 152 ? 1_555 OE1 ? A GLU 146 ? A GLU 140 ? 1_555 118.4 ? 
71 OD1 ? A ASP 137 ? A ASP 131 ? 1_555 CA ? F CA . ? A CA 152 ? 1_555 OE1 ? A GLU 146 ? A GLU 140 ? 1_555 119.9 ? 
72 OD1 ? A ASP 139 ? A ASP 133 ? 1_555 CA ? F CA . ? A CA 152 ? 1_555 OE1 ? A GLU 146 ? A GLU 140 ? 1_555 140.1 ? 
73 O   ? A GLN 141 ? A GLN 135 ? 1_555 CA ? F CA . ? A CA 152 ? 1_555 OE1 ? A GLU 146 ? A GLU 140 ? 1_555 80.3  ? 
74 OD1 ? A ASP 135 ? A ASP 129 ? 1_555 CA ? F CA . ? A CA 152 ? 1_555 OE2 ? A GLU 146 ? A GLU 140 ? 1_555 88.8  ? 
75 OD1 ? A ASP 137 ? A ASP 131 ? 1_555 CA ? F CA . ? A CA 152 ? 1_555 OE2 ? A GLU 146 ? A GLU 140 ? 1_555 76.5  ? 
76 OD1 ? A ASP 139 ? A ASP 133 ? 1_555 CA ? F CA . ? A CA 152 ? 1_555 OE2 ? A GLU 146 ? A GLU 140 ? 1_555 156.4 ? 
77 O   ? A GLN 141 ? A GLN 135 ? 1_555 CA ? F CA . ? A CA 152 ? 1_555 OE2 ? A GLU 146 ? A GLU 140 ? 1_555 125.7 ? 
78 OE1 ? A GLU 146 ? A GLU 140 ? 1_555 CA ? F CA . ? A CA 152 ? 1_555 OE2 ? A GLU 146 ? A GLU 140 ? 1_555 53.7  ? 
79 OD1 ? A ASP 135 ? A ASP 129 ? 1_555 CA ? F CA . ? A CA 152 ? 1_555 O   ? G HOH .   ? A HOH 156 ? 1_555 163.4 ? 
80 OD1 ? A ASP 137 ? A ASP 131 ? 1_555 CA ? F CA . ? A CA 152 ? 1_555 O   ? G HOH .   ? A HOH 156 ? 1_555 81.4  ? 
81 OD1 ? A ASP 139 ? A ASP 133 ? 1_555 CA ? F CA . ? A CA 152 ? 1_555 O   ? G HOH .   ? A HOH 156 ? 1_555 71.1  ? 
82 O   ? A GLN 141 ? A GLN 135 ? 1_555 CA ? F CA . ? A CA 152 ? 1_555 O   ? G HOH .   ? A HOH 156 ? 1_555 94.9  ? 
83 OE1 ? A GLU 146 ? A GLU 140 ? 1_555 CA ? F CA . ? A CA 152 ? 1_555 O   ? G HOH .   ? A HOH 156 ? 1_555 78.1  ? 
84 OE2 ? A GLU 146 ? A GLU 140 ? 1_555 CA ? F CA . ? A CA 152 ? 1_555 O   ? G HOH .   ? A HOH 156 ? 1_555 101.1 ? 
# 
loop_
_pdbx_audit_revision_history.ordinal 
_pdbx_audit_revision_history.data_content_type 
_pdbx_audit_revision_history.major_revision 
_pdbx_audit_revision_history.minor_revision 
_pdbx_audit_revision_history.revision_date 
1 'Structure model' 1 0 2009-10-20 
2 'Structure model' 1 1 2011-07-13 
3 'Structure model' 1 2 2014-06-18 
4 'Structure model' 1 3 2020-01-01 
5 'Structure model' 1 4 2023-11-01 
# 
_pdbx_audit_revision_details.ordinal             1 
_pdbx_audit_revision_details.revision_ordinal    1 
_pdbx_audit_revision_details.data_content_type   'Structure model' 
_pdbx_audit_revision_details.provider            repository 
_pdbx_audit_revision_details.type                'Initial release' 
_pdbx_audit_revision_details.description         ? 
_pdbx_audit_revision_details.details             ? 
# 
loop_
_pdbx_audit_revision_group.ordinal 
_pdbx_audit_revision_group.revision_ordinal 
_pdbx_audit_revision_group.data_content_type 
_pdbx_audit_revision_group.group 
1 2 'Structure model' 'Version format compliance' 
2 3 'Structure model' 'Database references'       
3 4 'Structure model' 'Database references'       
4 4 'Structure model' 'Source and taxonomy'       
5 5 'Structure model' 'Data collection'           
6 5 'Structure model' 'Database references'       
7 5 'Structure model' 'Derived calculations'      
8 5 'Structure model' 'Refinement description'    
# 
loop_
_pdbx_audit_revision_category.ordinal 
_pdbx_audit_revision_category.revision_ordinal 
_pdbx_audit_revision_category.data_content_type 
_pdbx_audit_revision_category.category 
1 4 'Structure model' citation                      
2 4 'Structure model' citation_author               
3 4 'Structure model' pdbx_entity_src_syn           
4 4 'Structure model' struct_ref_seq_dif            
5 5 'Structure model' chem_comp_atom                
6 5 'Structure model' chem_comp_bond                
7 5 'Structure model' database_2                    
8 5 'Structure model' pdbx_initial_refinement_model 
9 5 'Structure model' struct_site                   
# 
loop_
_pdbx_audit_revision_item.ordinal 
_pdbx_audit_revision_item.revision_ordinal 
_pdbx_audit_revision_item.data_content_type 
_pdbx_audit_revision_item.item 
1  4 'Structure model' '_citation.country'                        
2  4 'Structure model' '_citation.journal_id_CSD'                 
3  4 'Structure model' '_citation.journal_id_ISSN'                
4  4 'Structure model' '_citation.pdbx_database_id_PubMed'        
5  4 'Structure model' '_citation.title'                          
6  4 'Structure model' '_citation_author.name'                    
7  4 'Structure model' '_pdbx_entity_src_syn.ncbi_taxonomy_id'    
8  4 'Structure model' '_pdbx_entity_src_syn.organism_scientific' 
9  4 'Structure model' '_struct_ref_seq_dif.details'              
10 5 'Structure model' '_database_2.pdbx_DOI'                     
11 5 'Structure model' '_database_2.pdbx_database_accession'      
12 5 'Structure model' '_struct_site.pdbx_auth_asym_id'           
13 5 'Structure model' '_struct_site.pdbx_auth_comp_id'           
14 5 'Structure model' '_struct_site.pdbx_auth_seq_id'            
# 
loop_
_software.name 
_software.classification 
_software.version 
_software.citation_id 
_software.pdbx_ordinal 
CrystalClear 'data collection' .        ? 1 
MOLREP       phasing           .        ? 2 
REFMAC       refinement        5.2.0019 ? 3 
DENZO        'data reduction'  .        ? 4 
SCALEPACK    'data scaling'    .        ? 5 
# 
loop_
_pdbx_validate_torsion.id 
_pdbx_validate_torsion.PDB_model_num 
_pdbx_validate_torsion.auth_comp_id 
_pdbx_validate_torsion.auth_asym_id 
_pdbx_validate_torsion.auth_seq_id 
_pdbx_validate_torsion.PDB_ins_code 
_pdbx_validate_torsion.label_alt_id 
_pdbx_validate_torsion.phi 
_pdbx_validate_torsion.psi 
1 1 ASP A 56  ? ? -61.71 87.49  
2 1 ASP A 78  ? ? -35.53 129.23 
3 1 ASP A 80  ? ? -48.79 166.88 
4 1 ARG E 408 ? ? -46.98 106.12 
# 
loop_
_pdbx_unobs_or_zero_occ_atoms.id 
_pdbx_unobs_or_zero_occ_atoms.PDB_model_num 
_pdbx_unobs_or_zero_occ_atoms.polymer_flag 
_pdbx_unobs_or_zero_occ_atoms.occupancy_flag 
_pdbx_unobs_or_zero_occ_atoms.auth_asym_id 
_pdbx_unobs_or_zero_occ_atoms.auth_comp_id 
_pdbx_unobs_or_zero_occ_atoms.auth_seq_id 
_pdbx_unobs_or_zero_occ_atoms.PDB_ins_code 
_pdbx_unobs_or_zero_occ_atoms.auth_atom_id 
_pdbx_unobs_or_zero_occ_atoms.label_alt_id 
_pdbx_unobs_or_zero_occ_atoms.label_asym_id 
_pdbx_unobs_or_zero_occ_atoms.label_comp_id 
_pdbx_unobs_or_zero_occ_atoms.label_seq_id 
_pdbx_unobs_or_zero_occ_atoms.label_atom_id 
1  1 Y 1 A ARG 74 ? CG  ? A ARG 80 CG  
2  1 Y 1 A ARG 74 ? CD  ? A ARG 80 CD  
3  1 Y 1 A ARG 74 ? NE  ? A ARG 80 NE  
4  1 Y 1 A ARG 74 ? CZ  ? A ARG 80 CZ  
5  1 Y 1 A ARG 74 ? NH1 ? A ARG 80 NH1 
6  1 Y 1 A ARG 74 ? NH2 ? A ARG 80 NH2 
7  1 Y 1 A LYS 75 ? CG  ? A LYS 81 CG  
8  1 Y 1 A LYS 75 ? CD  ? A LYS 81 CD  
9  1 Y 1 A LYS 75 ? CE  ? A LYS 81 CE  
10 1 Y 1 A LYS 75 ? NZ  ? A LYS 81 NZ  
11 1 Y 1 A MET 76 ? CG  ? A MET 82 CG  
12 1 Y 1 A MET 76 ? SD  ? A MET 82 SD  
13 1 Y 1 A MET 76 ? CE  ? A MET 82 CE  
14 1 Y 1 A LYS 77 ? CG  ? A LYS 83 CG  
15 1 Y 1 A LYS 77 ? CD  ? A LYS 83 CD  
16 1 Y 1 A LYS 77 ? CE  ? A LYS 83 CE  
17 1 Y 1 A LYS 77 ? NZ  ? A LYS 83 NZ  
18 1 Y 1 A ASP 78 ? CG  ? A ASP 84 CG  
19 1 Y 1 A ASP 78 ? OD1 ? A ASP 84 OD1 
20 1 Y 1 A ASP 78 ? OD2 ? A ASP 84 OD2 
21 1 Y 1 A ASP 80 ? CG  ? A ASP 86 CG  
22 1 Y 1 A ASP 80 ? OD1 ? A ASP 86 OD1 
23 1 Y 1 A ASP 80 ? OD2 ? A ASP 86 OD2 
# 
loop_
_pdbx_unobs_or_zero_occ_residues.id 
_pdbx_unobs_or_zero_occ_residues.PDB_model_num 
_pdbx_unobs_or_zero_occ_residues.polymer_flag 
_pdbx_unobs_or_zero_occ_residues.occupancy_flag 
_pdbx_unobs_or_zero_occ_residues.auth_asym_id 
_pdbx_unobs_or_zero_occ_residues.auth_comp_id 
_pdbx_unobs_or_zero_occ_residues.auth_seq_id 
_pdbx_unobs_or_zero_occ_residues.PDB_ins_code 
_pdbx_unobs_or_zero_occ_residues.label_asym_id 
_pdbx_unobs_or_zero_occ_residues.label_comp_id 
_pdbx_unobs_or_zero_occ_residues.label_seq_id 
1 1 Y 1 A HIS -5 ? A HIS 1 
2 1 Y 1 A HIS -4 ? A HIS 2 
3 1 Y 1 A HIS -3 ? A HIS 3 
4 1 Y 1 A HIS -2 ? A HIS 4 
5 1 Y 1 A HIS -1 ? A HIS 5 
6 1 Y 1 A HIS 0  ? A HIS 6 
7 1 Y 1 A ALA 1  ? A ALA 7 
8 1 Y 1 A ASP 2  ? A ASP 8 
9 1 Y 1 A GLN 3  ? A GLN 9 
# 
loop_
_chem_comp_atom.comp_id 
_chem_comp_atom.atom_id 
_chem_comp_atom.type_symbol 
_chem_comp_atom.pdbx_aromatic_flag 
_chem_comp_atom.pdbx_stereo_config 
_chem_comp_atom.pdbx_ordinal 
ALA N    N  N N 1   
ALA CA   C  N S 2   
ALA C    C  N N 3   
ALA O    O  N N 4   
ALA CB   C  N N 5   
ALA OXT  O  N N 6   
ALA H    H  N N 7   
ALA H2   H  N N 8   
ALA HA   H  N N 9   
ALA HB1  H  N N 10  
ALA HB2  H  N N 11  
ALA HB3  H  N N 12  
ALA HXT  H  N N 13  
ARG N    N  N N 14  
ARG CA   C  N S 15  
ARG C    C  N N 16  
ARG O    O  N N 17  
ARG CB   C  N N 18  
ARG CG   C  N N 19  
ARG CD   C  N N 20  
ARG NE   N  N N 21  
ARG CZ   C  N N 22  
ARG NH1  N  N N 23  
ARG NH2  N  N N 24  
ARG OXT  O  N N 25  
ARG H    H  N N 26  
ARG H2   H  N N 27  
ARG HA   H  N N 28  
ARG HB2  H  N N 29  
ARG HB3  H  N N 30  
ARG HG2  H  N N 31  
ARG HG3  H  N N 32  
ARG HD2  H  N N 33  
ARG HD3  H  N N 34  
ARG HE   H  N N 35  
ARG HH11 H  N N 36  
ARG HH12 H  N N 37  
ARG HH21 H  N N 38  
ARG HH22 H  N N 39  
ARG HXT  H  N N 40  
ASN N    N  N N 41  
ASN CA   C  N S 42  
ASN C    C  N N 43  
ASN O    O  N N 44  
ASN CB   C  N N 45  
ASN CG   C  N N 46  
ASN OD1  O  N N 47  
ASN ND2  N  N N 48  
ASN OXT  O  N N 49  
ASN H    H  N N 50  
ASN H2   H  N N 51  
ASN HA   H  N N 52  
ASN HB2  H  N N 53  
ASN HB3  H  N N 54  
ASN HD21 H  N N 55  
ASN HD22 H  N N 56  
ASN HXT  H  N N 57  
ASP N    N  N N 58  
ASP CA   C  N S 59  
ASP C    C  N N 60  
ASP O    O  N N 61  
ASP CB   C  N N 62  
ASP CG   C  N N 63  
ASP OD1  O  N N 64  
ASP OD2  O  N N 65  
ASP OXT  O  N N 66  
ASP H    H  N N 67  
ASP H2   H  N N 68  
ASP HA   H  N N 69  
ASP HB2  H  N N 70  
ASP HB3  H  N N 71  
ASP HD2  H  N N 72  
ASP HXT  H  N N 73  
CA  CA   CA N N 74  
GLN N    N  N N 75  
GLN CA   C  N S 76  
GLN C    C  N N 77  
GLN O    O  N N 78  
GLN CB   C  N N 79  
GLN CG   C  N N 80  
GLN CD   C  N N 81  
GLN OE1  O  N N 82  
GLN NE2  N  N N 83  
GLN OXT  O  N N 84  
GLN H    H  N N 85  
GLN H2   H  N N 86  
GLN HA   H  N N 87  
GLN HB2  H  N N 88  
GLN HB3  H  N N 89  
GLN HG2  H  N N 90  
GLN HG3  H  N N 91  
GLN HE21 H  N N 92  
GLN HE22 H  N N 93  
GLN HXT  H  N N 94  
GLU N    N  N N 95  
GLU CA   C  N S 96  
GLU C    C  N N 97  
GLU O    O  N N 98  
GLU CB   C  N N 99  
GLU CG   C  N N 100 
GLU CD   C  N N 101 
GLU OE1  O  N N 102 
GLU OE2  O  N N 103 
GLU OXT  O  N N 104 
GLU H    H  N N 105 
GLU H2   H  N N 106 
GLU HA   H  N N 107 
GLU HB2  H  N N 108 
GLU HB3  H  N N 109 
GLU HG2  H  N N 110 
GLU HG3  H  N N 111 
GLU HE2  H  N N 112 
GLU HXT  H  N N 113 
GLY N    N  N N 114 
GLY CA   C  N N 115 
GLY C    C  N N 116 
GLY O    O  N N 117 
GLY OXT  O  N N 118 
GLY H    H  N N 119 
GLY H2   H  N N 120 
GLY HA2  H  N N 121 
GLY HA3  H  N N 122 
GLY HXT  H  N N 123 
HIS N    N  N N 124 
HIS CA   C  N S 125 
HIS C    C  N N 126 
HIS O    O  N N 127 
HIS CB   C  N N 128 
HIS CG   C  Y N 129 
HIS ND1  N  Y N 130 
HIS CD2  C  Y N 131 
HIS CE1  C  Y N 132 
HIS NE2  N  Y N 133 
HIS OXT  O  N N 134 
HIS H    H  N N 135 
HIS H2   H  N N 136 
HIS HA   H  N N 137 
HIS HB2  H  N N 138 
HIS HB3  H  N N 139 
HIS HD1  H  N N 140 
HIS HD2  H  N N 141 
HIS HE1  H  N N 142 
HIS HE2  H  N N 143 
HIS HXT  H  N N 144 
HOH O    O  N N 145 
HOH H1   H  N N 146 
HOH H2   H  N N 147 
ILE N    N  N N 148 
ILE CA   C  N S 149 
ILE C    C  N N 150 
ILE O    O  N N 151 
ILE CB   C  N S 152 
ILE CG1  C  N N 153 
ILE CG2  C  N N 154 
ILE CD1  C  N N 155 
ILE OXT  O  N N 156 
ILE H    H  N N 157 
ILE H2   H  N N 158 
ILE HA   H  N N 159 
ILE HB   H  N N 160 
ILE HG12 H  N N 161 
ILE HG13 H  N N 162 
ILE HG21 H  N N 163 
ILE HG22 H  N N 164 
ILE HG23 H  N N 165 
ILE HD11 H  N N 166 
ILE HD12 H  N N 167 
ILE HD13 H  N N 168 
ILE HXT  H  N N 169 
LEU N    N  N N 170 
LEU CA   C  N S 171 
LEU C    C  N N 172 
LEU O    O  N N 173 
LEU CB   C  N N 174 
LEU CG   C  N N 175 
LEU CD1  C  N N 176 
LEU CD2  C  N N 177 
LEU OXT  O  N N 178 
LEU H    H  N N 179 
LEU H2   H  N N 180 
LEU HA   H  N N 181 
LEU HB2  H  N N 182 
LEU HB3  H  N N 183 
LEU HG   H  N N 184 
LEU HD11 H  N N 185 
LEU HD12 H  N N 186 
LEU HD13 H  N N 187 
LEU HD21 H  N N 188 
LEU HD22 H  N N 189 
LEU HD23 H  N N 190 
LEU HXT  H  N N 191 
LYS N    N  N N 192 
LYS CA   C  N S 193 
LYS C    C  N N 194 
LYS O    O  N N 195 
LYS CB   C  N N 196 
LYS CG   C  N N 197 
LYS CD   C  N N 198 
LYS CE   C  N N 199 
LYS NZ   N  N N 200 
LYS OXT  O  N N 201 
LYS H    H  N N 202 
LYS H2   H  N N 203 
LYS HA   H  N N 204 
LYS HB2  H  N N 205 
LYS HB3  H  N N 206 
LYS HG2  H  N N 207 
LYS HG3  H  N N 208 
LYS HD2  H  N N 209 
LYS HD3  H  N N 210 
LYS HE2  H  N N 211 
LYS HE3  H  N N 212 
LYS HZ1  H  N N 213 
LYS HZ2  H  N N 214 
LYS HZ3  H  N N 215 
LYS HXT  H  N N 216 
MET N    N  N N 217 
MET CA   C  N S 218 
MET C    C  N N 219 
MET O    O  N N 220 
MET CB   C  N N 221 
MET CG   C  N N 222 
MET SD   S  N N 223 
MET CE   C  N N 224 
MET OXT  O  N N 225 
MET H    H  N N 226 
MET H2   H  N N 227 
MET HA   H  N N 228 
MET HB2  H  N N 229 
MET HB3  H  N N 230 
MET HG2  H  N N 231 
MET HG3  H  N N 232 
MET HE1  H  N N 233 
MET HE2  H  N N 234 
MET HE3  H  N N 235 
MET HXT  H  N N 236 
PHE N    N  N N 237 
PHE CA   C  N S 238 
PHE C    C  N N 239 
PHE O    O  N N 240 
PHE CB   C  N N 241 
PHE CG   C  Y N 242 
PHE CD1  C  Y N 243 
PHE CD2  C  Y N 244 
PHE CE1  C  Y N 245 
PHE CE2  C  Y N 246 
PHE CZ   C  Y N 247 
PHE OXT  O  N N 248 
PHE H    H  N N 249 
PHE H2   H  N N 250 
PHE HA   H  N N 251 
PHE HB2  H  N N 252 
PHE HB3  H  N N 253 
PHE HD1  H  N N 254 
PHE HD2  H  N N 255 
PHE HE1  H  N N 256 
PHE HE2  H  N N 257 
PHE HZ   H  N N 258 
PHE HXT  H  N N 259 
PRO N    N  N N 260 
PRO CA   C  N S 261 
PRO C    C  N N 262 
PRO O    O  N N 263 
PRO CB   C  N N 264 
PRO CG   C  N N 265 
PRO CD   C  N N 266 
PRO OXT  O  N N 267 
PRO H    H  N N 268 
PRO HA   H  N N 269 
PRO HB2  H  N N 270 
PRO HB3  H  N N 271 
PRO HG2  H  N N 272 
PRO HG3  H  N N 273 
PRO HD2  H  N N 274 
PRO HD3  H  N N 275 
PRO HXT  H  N N 276 
SER N    N  N N 277 
SER CA   C  N S 278 
SER C    C  N N 279 
SER O    O  N N 280 
SER CB   C  N N 281 
SER OG   O  N N 282 
SER OXT  O  N N 283 
SER H    H  N N 284 
SER H2   H  N N 285 
SER HA   H  N N 286 
SER HB2  H  N N 287 
SER HB3  H  N N 288 
SER HG   H  N N 289 
SER HXT  H  N N 290 
THR N    N  N N 291 
THR CA   C  N S 292 
THR C    C  N N 293 
THR O    O  N N 294 
THR CB   C  N R 295 
THR OG1  O  N N 296 
THR CG2  C  N N 297 
THR OXT  O  N N 298 
THR H    H  N N 299 
THR H2   H  N N 300 
THR HA   H  N N 301 
THR HB   H  N N 302 
THR HG1  H  N N 303 
THR HG21 H  N N 304 
THR HG22 H  N N 305 
THR HG23 H  N N 306 
THR HXT  H  N N 307 
TYR N    N  N N 308 
TYR CA   C  N S 309 
TYR C    C  N N 310 
TYR O    O  N N 311 
TYR CB   C  N N 312 
TYR CG   C  Y N 313 
TYR CD1  C  Y N 314 
TYR CD2  C  Y N 315 
TYR CE1  C  Y N 316 
TYR CE2  C  Y N 317 
TYR CZ   C  Y N 318 
TYR OH   O  N N 319 
TYR OXT  O  N N 320 
TYR H    H  N N 321 
TYR H2   H  N N 322 
TYR HA   H  N N 323 
TYR HB2  H  N N 324 
TYR HB3  H  N N 325 
TYR HD1  H  N N 326 
TYR HD2  H  N N 327 
TYR HE1  H  N N 328 
TYR HE2  H  N N 329 
TYR HH   H  N N 330 
TYR HXT  H  N N 331 
VAL N    N  N N 332 
VAL CA   C  N S 333 
VAL C    C  N N 334 
VAL O    O  N N 335 
VAL CB   C  N N 336 
VAL CG1  C  N N 337 
VAL CG2  C  N N 338 
VAL OXT  O  N N 339 
VAL H    H  N N 340 
VAL H2   H  N N 341 
VAL HA   H  N N 342 
VAL HB   H  N N 343 
VAL HG11 H  N N 344 
VAL HG12 H  N N 345 
VAL HG13 H  N N 346 
VAL HG21 H  N N 347 
VAL HG22 H  N N 348 
VAL HG23 H  N N 349 
VAL HXT  H  N N 350 
# 
loop_
_chem_comp_bond.comp_id 
_chem_comp_bond.atom_id_1 
_chem_comp_bond.atom_id_2 
_chem_comp_bond.value_order 
_chem_comp_bond.pdbx_aromatic_flag 
_chem_comp_bond.pdbx_stereo_config 
_chem_comp_bond.pdbx_ordinal 
ALA N   CA   sing N N 1   
ALA N   H    sing N N 2   
ALA N   H2   sing N N 3   
ALA CA  C    sing N N 4   
ALA CA  CB   sing N N 5   
ALA CA  HA   sing N N 6   
ALA C   O    doub N N 7   
ALA C   OXT  sing N N 8   
ALA CB  HB1  sing N N 9   
ALA CB  HB2  sing N N 10  
ALA CB  HB3  sing N N 11  
ALA OXT HXT  sing N N 12  
ARG N   CA   sing N N 13  
ARG N   H    sing N N 14  
ARG N   H2   sing N N 15  
ARG CA  C    sing N N 16  
ARG CA  CB   sing N N 17  
ARG CA  HA   sing N N 18  
ARG C   O    doub N N 19  
ARG C   OXT  sing N N 20  
ARG CB  CG   sing N N 21  
ARG CB  HB2  sing N N 22  
ARG CB  HB3  sing N N 23  
ARG CG  CD   sing N N 24  
ARG CG  HG2  sing N N 25  
ARG CG  HG3  sing N N 26  
ARG CD  NE   sing N N 27  
ARG CD  HD2  sing N N 28  
ARG CD  HD3  sing N N 29  
ARG NE  CZ   sing N N 30  
ARG NE  HE   sing N N 31  
ARG CZ  NH1  sing N N 32  
ARG CZ  NH2  doub N N 33  
ARG NH1 HH11 sing N N 34  
ARG NH1 HH12 sing N N 35  
ARG NH2 HH21 sing N N 36  
ARG NH2 HH22 sing N N 37  
ARG OXT HXT  sing N N 38  
ASN N   CA   sing N N 39  
ASN N   H    sing N N 40  
ASN N   H2   sing N N 41  
ASN CA  C    sing N N 42  
ASN CA  CB   sing N N 43  
ASN CA  HA   sing N N 44  
ASN C   O    doub N N 45  
ASN C   OXT  sing N N 46  
ASN CB  CG   sing N N 47  
ASN CB  HB2  sing N N 48  
ASN CB  HB3  sing N N 49  
ASN CG  OD1  doub N N 50  
ASN CG  ND2  sing N N 51  
ASN ND2 HD21 sing N N 52  
ASN ND2 HD22 sing N N 53  
ASN OXT HXT  sing N N 54  
ASP N   CA   sing N N 55  
ASP N   H    sing N N 56  
ASP N   H2   sing N N 57  
ASP CA  C    sing N N 58  
ASP CA  CB   sing N N 59  
ASP CA  HA   sing N N 60  
ASP C   O    doub N N 61  
ASP C   OXT  sing N N 62  
ASP CB  CG   sing N N 63  
ASP CB  HB2  sing N N 64  
ASP CB  HB3  sing N N 65  
ASP CG  OD1  doub N N 66  
ASP CG  OD2  sing N N 67  
ASP OD2 HD2  sing N N 68  
ASP OXT HXT  sing N N 69  
GLN N   CA   sing N N 70  
GLN N   H    sing N N 71  
GLN N   H2   sing N N 72  
GLN CA  C    sing N N 73  
GLN CA  CB   sing N N 74  
GLN CA  HA   sing N N 75  
GLN C   O    doub N N 76  
GLN C   OXT  sing N N 77  
GLN CB  CG   sing N N 78  
GLN CB  HB2  sing N N 79  
GLN CB  HB3  sing N N 80  
GLN CG  CD   sing N N 81  
GLN CG  HG2  sing N N 82  
GLN CG  HG3  sing N N 83  
GLN CD  OE1  doub N N 84  
GLN CD  NE2  sing N N 85  
GLN NE2 HE21 sing N N 86  
GLN NE2 HE22 sing N N 87  
GLN OXT HXT  sing N N 88  
GLU N   CA   sing N N 89  
GLU N   H    sing N N 90  
GLU N   H2   sing N N 91  
GLU CA  C    sing N N 92  
GLU CA  CB   sing N N 93  
GLU CA  HA   sing N N 94  
GLU C   O    doub N N 95  
GLU C   OXT  sing N N 96  
GLU CB  CG   sing N N 97  
GLU CB  HB2  sing N N 98  
GLU CB  HB3  sing N N 99  
GLU CG  CD   sing N N 100 
GLU CG  HG2  sing N N 101 
GLU CG  HG3  sing N N 102 
GLU CD  OE1  doub N N 103 
GLU CD  OE2  sing N N 104 
GLU OE2 HE2  sing N N 105 
GLU OXT HXT  sing N N 106 
GLY N   CA   sing N N 107 
GLY N   H    sing N N 108 
GLY N   H2   sing N N 109 
GLY CA  C    sing N N 110 
GLY CA  HA2  sing N N 111 
GLY CA  HA3  sing N N 112 
GLY C   O    doub N N 113 
GLY C   OXT  sing N N 114 
GLY OXT HXT  sing N N 115 
HIS N   CA   sing N N 116 
HIS N   H    sing N N 117 
HIS N   H2   sing N N 118 
HIS CA  C    sing N N 119 
HIS CA  CB   sing N N 120 
HIS CA  HA   sing N N 121 
HIS C   O    doub N N 122 
HIS C   OXT  sing N N 123 
HIS CB  CG   sing N N 124 
HIS CB  HB2  sing N N 125 
HIS CB  HB3  sing N N 126 
HIS CG  ND1  sing Y N 127 
HIS CG  CD2  doub Y N 128 
HIS ND1 CE1  doub Y N 129 
HIS ND1 HD1  sing N N 130 
HIS CD2 NE2  sing Y N 131 
HIS CD2 HD2  sing N N 132 
HIS CE1 NE2  sing Y N 133 
HIS CE1 HE1  sing N N 134 
HIS NE2 HE2  sing N N 135 
HIS OXT HXT  sing N N 136 
HOH O   H1   sing N N 137 
HOH O   H2   sing N N 138 
ILE N   CA   sing N N 139 
ILE N   H    sing N N 140 
ILE N   H2   sing N N 141 
ILE CA  C    sing N N 142 
ILE CA  CB   sing N N 143 
ILE CA  HA   sing N N 144 
ILE C   O    doub N N 145 
ILE C   OXT  sing N N 146 
ILE CB  CG1  sing N N 147 
ILE CB  CG2  sing N N 148 
ILE CB  HB   sing N N 149 
ILE CG1 CD1  sing N N 150 
ILE CG1 HG12 sing N N 151 
ILE CG1 HG13 sing N N 152 
ILE CG2 HG21 sing N N 153 
ILE CG2 HG22 sing N N 154 
ILE CG2 HG23 sing N N 155 
ILE CD1 HD11 sing N N 156 
ILE CD1 HD12 sing N N 157 
ILE CD1 HD13 sing N N 158 
ILE OXT HXT  sing N N 159 
LEU N   CA   sing N N 160 
LEU N   H    sing N N 161 
LEU N   H2   sing N N 162 
LEU CA  C    sing N N 163 
LEU CA  CB   sing N N 164 
LEU CA  HA   sing N N 165 
LEU C   O    doub N N 166 
LEU C   OXT  sing N N 167 
LEU CB  CG   sing N N 168 
LEU CB  HB2  sing N N 169 
LEU CB  HB3  sing N N 170 
LEU CG  CD1  sing N N 171 
LEU CG  CD2  sing N N 172 
LEU CG  HG   sing N N 173 
LEU CD1 HD11 sing N N 174 
LEU CD1 HD12 sing N N 175 
LEU CD1 HD13 sing N N 176 
LEU CD2 HD21 sing N N 177 
LEU CD2 HD22 sing N N 178 
LEU CD2 HD23 sing N N 179 
LEU OXT HXT  sing N N 180 
LYS N   CA   sing N N 181 
LYS N   H    sing N N 182 
LYS N   H2   sing N N 183 
LYS CA  C    sing N N 184 
LYS CA  CB   sing N N 185 
LYS CA  HA   sing N N 186 
LYS C   O    doub N N 187 
LYS C   OXT  sing N N 188 
LYS CB  CG   sing N N 189 
LYS CB  HB2  sing N N 190 
LYS CB  HB3  sing N N 191 
LYS CG  CD   sing N N 192 
LYS CG  HG2  sing N N 193 
LYS CG  HG3  sing N N 194 
LYS CD  CE   sing N N 195 
LYS CD  HD2  sing N N 196 
LYS CD  HD3  sing N N 197 
LYS CE  NZ   sing N N 198 
LYS CE  HE2  sing N N 199 
LYS CE  HE3  sing N N 200 
LYS NZ  HZ1  sing N N 201 
LYS NZ  HZ2  sing N N 202 
LYS NZ  HZ3  sing N N 203 
LYS OXT HXT  sing N N 204 
MET N   CA   sing N N 205 
MET N   H    sing N N 206 
MET N   H2   sing N N 207 
MET CA  C    sing N N 208 
MET CA  CB   sing N N 209 
MET CA  HA   sing N N 210 
MET C   O    doub N N 211 
MET C   OXT  sing N N 212 
MET CB  CG   sing N N 213 
MET CB  HB2  sing N N 214 
MET CB  HB3  sing N N 215 
MET CG  SD   sing N N 216 
MET CG  HG2  sing N N 217 
MET CG  HG3  sing N N 218 
MET SD  CE   sing N N 219 
MET CE  HE1  sing N N 220 
MET CE  HE2  sing N N 221 
MET CE  HE3  sing N N 222 
MET OXT HXT  sing N N 223 
PHE N   CA   sing N N 224 
PHE N   H    sing N N 225 
PHE N   H2   sing N N 226 
PHE CA  C    sing N N 227 
PHE CA  CB   sing N N 228 
PHE CA  HA   sing N N 229 
PHE C   O    doub N N 230 
PHE C   OXT  sing N N 231 
PHE CB  CG   sing N N 232 
PHE CB  HB2  sing N N 233 
PHE CB  HB3  sing N N 234 
PHE CG  CD1  doub Y N 235 
PHE CG  CD2  sing Y N 236 
PHE CD1 CE1  sing Y N 237 
PHE CD1 HD1  sing N N 238 
PHE CD2 CE2  doub Y N 239 
PHE CD2 HD2  sing N N 240 
PHE CE1 CZ   doub Y N 241 
PHE CE1 HE1  sing N N 242 
PHE CE2 CZ   sing Y N 243 
PHE CE2 HE2  sing N N 244 
PHE CZ  HZ   sing N N 245 
PHE OXT HXT  sing N N 246 
PRO N   CA   sing N N 247 
PRO N   CD   sing N N 248 
PRO N   H    sing N N 249 
PRO CA  C    sing N N 250 
PRO CA  CB   sing N N 251 
PRO CA  HA   sing N N 252 
PRO C   O    doub N N 253 
PRO C   OXT  sing N N 254 
PRO CB  CG   sing N N 255 
PRO CB  HB2  sing N N 256 
PRO CB  HB3  sing N N 257 
PRO CG  CD   sing N N 258 
PRO CG  HG2  sing N N 259 
PRO CG  HG3  sing N N 260 
PRO CD  HD2  sing N N 261 
PRO CD  HD3  sing N N 262 
PRO OXT HXT  sing N N 263 
SER N   CA   sing N N 264 
SER N   H    sing N N 265 
SER N   H2   sing N N 266 
SER CA  C    sing N N 267 
SER CA  CB   sing N N 268 
SER CA  HA   sing N N 269 
SER C   O    doub N N 270 
SER C   OXT  sing N N 271 
SER CB  OG   sing N N 272 
SER CB  HB2  sing N N 273 
SER CB  HB3  sing N N 274 
SER OG  HG   sing N N 275 
SER OXT HXT  sing N N 276 
THR N   CA   sing N N 277 
THR N   H    sing N N 278 
THR N   H2   sing N N 279 
THR CA  C    sing N N 280 
THR CA  CB   sing N N 281 
THR CA  HA   sing N N 282 
THR C   O    doub N N 283 
THR C   OXT  sing N N 284 
THR CB  OG1  sing N N 285 
THR CB  CG2  sing N N 286 
THR CB  HB   sing N N 287 
THR OG1 HG1  sing N N 288 
THR CG2 HG21 sing N N 289 
THR CG2 HG22 sing N N 290 
THR CG2 HG23 sing N N 291 
THR OXT HXT  sing N N 292 
TYR N   CA   sing N N 293 
TYR N   H    sing N N 294 
TYR N   H2   sing N N 295 
TYR CA  C    sing N N 296 
TYR CA  CB   sing N N 297 
TYR CA  HA   sing N N 298 
TYR C   O    doub N N 299 
TYR C   OXT  sing N N 300 
TYR CB  CG   sing N N 301 
TYR CB  HB2  sing N N 302 
TYR CB  HB3  sing N N 303 
TYR CG  CD1  doub Y N 304 
TYR CG  CD2  sing Y N 305 
TYR CD1 CE1  sing Y N 306 
TYR CD1 HD1  sing N N 307 
TYR CD2 CE2  doub Y N 308 
TYR CD2 HD2  sing N N 309 
TYR CE1 CZ   doub Y N 310 
TYR CE1 HE1  sing N N 311 
TYR CE2 CZ   sing Y N 312 
TYR CE2 HE2  sing N N 313 
TYR CZ  OH   sing N N 314 
TYR OH  HH   sing N N 315 
TYR OXT HXT  sing N N 316 
VAL N   CA   sing N N 317 
VAL N   H    sing N N 318 
VAL N   H2   sing N N 319 
VAL CA  C    sing N N 320 
VAL CA  CB   sing N N 321 
VAL CA  HA   sing N N 322 
VAL C   O    doub N N 323 
VAL C   OXT  sing N N 324 
VAL CB  CG1  sing N N 325 
VAL CB  CG2  sing N N 326 
VAL CB  HB   sing N N 327 
VAL CG1 HG11 sing N N 328 
VAL CG1 HG12 sing N N 329 
VAL CG1 HG13 sing N N 330 
VAL CG2 HG21 sing N N 331 
VAL CG2 HG22 sing N N 332 
VAL CG2 HG23 sing N N 333 
VAL OXT HXT  sing N N 334 
# 
loop_
_pdbx_entity_nonpoly.entity_id 
_pdbx_entity_nonpoly.name 
_pdbx_entity_nonpoly.comp_id 
3 'CALCIUM ION' CA  
4 water         HOH 
# 
_pdbx_initial_refinement_model.id               1 
_pdbx_initial_refinement_model.entity_id_list   ? 
_pdbx_initial_refinement_model.type             'experimental model' 
_pdbx_initial_refinement_model.source_name      PDB 
_pdbx_initial_refinement_model.accession_code   1LIN 
_pdbx_initial_refinement_model.details          ? 
# 
